data_6UEG
#
_entry.id   6UEG
#
_cell.length_a   80.390
_cell.length_b   82.520
_cell.length_c   224.020
_cell.angle_alpha   90.000
_cell.angle_beta   90.000
_cell.angle_gamma   90.000
#
_symmetry.space_group_name_H-M   'P 21 21 21'
#
loop_
_entity.id
_entity.type
_entity.pdbx_description
1 polymer 'Acyl-[acyl-carrier-protein]--UDP-N-acetylglucosamine O-acyltransferase'
2 non-polymer '3-({2-[(2R)-2-carbamoyl-2,3-dihydro-4H-1,4-benzoxazin-4-yl]-2-oxoethyl}sulfanyl)propanoic acid'
3 non-polymer 'CALCIUM ION'
4 water water
#
_entity_poly.entity_id   1
_entity_poly.type   'polypeptide(L)'
_entity_poly.pdbx_seq_one_letter_code
;MSLIDPRAIIDPSARLAADVQVGPWSIVGAEVEIGEGTVIGPHVVLKGPTKIGKHNRIYQFSSVGEDTPDLKYKGEPTRL
VIGDHNVIREGVTIHRGTVQDRAETTIGDHNLIMAYAHIGHDSVIGNHCILVNNTALAGHVHVDDWAILSGYTLVHQYCR
IGAHSFSGMGSAIGKDVPAYVTVFGNPAEARSMNFEGMRRRGFSSEAIHALRRAYKVVYRQGHTVEEALAELAESAAQFP
EVAVFRDSIQSATRGITR
;
_entity_poly.pdbx_strand_id   A,B,C,D,E,F
#
# COMPACT_ATOMS: atom_id res chain seq x y z
N SER A 2 -19.54 7.73 40.82
CA SER A 2 -18.90 6.76 41.75
C SER A 2 -19.25 5.31 41.38
N LEU A 3 -19.07 4.91 40.11
CA LEU A 3 -19.40 3.54 39.64
C LEU A 3 -18.29 2.57 40.08
N ILE A 4 -18.55 1.72 41.08
CA ILE A 4 -17.73 0.53 41.44
C ILE A 4 -18.26 -0.64 40.62
N ASP A 5 -17.53 -1.07 39.58
CA ASP A 5 -17.91 -2.26 38.77
C ASP A 5 -17.91 -3.49 39.66
N PRO A 6 -19.03 -4.27 39.70
CA PRO A 6 -19.10 -5.46 40.54
C PRO A 6 -18.11 -6.54 40.12
N ARG A 7 -17.50 -6.42 38.93
CA ARG A 7 -16.54 -7.45 38.42
C ARG A 7 -15.14 -7.17 38.99
N ALA A 8 -14.94 -6.03 39.67
CA ALA A 8 -13.70 -5.75 40.42
C ALA A 8 -13.75 -6.50 41.74
N ILE A 9 -12.58 -6.79 42.30
CA ILE A 9 -12.40 -7.34 43.68
C ILE A 9 -11.91 -6.21 44.57
N ILE A 10 -12.75 -5.74 45.49
CA ILE A 10 -12.40 -4.70 46.49
C ILE A 10 -12.23 -5.41 47.84
N ASP A 11 -11.01 -5.39 48.39
CA ASP A 11 -10.71 -5.95 49.74
C ASP A 11 -11.52 -5.22 50.80
N PRO A 12 -12.10 -5.93 51.80
CA PRO A 12 -12.84 -5.28 52.88
C PRO A 12 -12.04 -4.20 53.63
N SER A 13 -10.70 -4.30 53.67
CA SER A 13 -9.83 -3.30 54.34
C SER A 13 -9.49 -2.14 53.38
N ALA A 14 -9.83 -2.22 52.09
CA ALA A 14 -9.66 -1.07 51.16
C ALA A 14 -10.63 0.05 51.55
N ARG A 15 -10.27 1.30 51.27
CA ARG A 15 -11.11 2.49 51.55
C ARG A 15 -11.23 3.34 50.26
N LEU A 16 -12.48 3.56 49.84
CA LEU A 16 -12.88 4.31 48.62
C LEU A 16 -13.58 5.60 49.06
N ALA A 17 -13.10 6.77 48.63
CA ALA A 17 -13.76 8.07 48.90
C ALA A 17 -14.91 8.30 47.92
N ALA A 18 -15.61 9.43 48.07
CA ALA A 18 -16.72 9.88 47.20
C ALA A 18 -16.23 9.91 45.76
N ASP A 19 -17.08 9.51 44.80
CA ASP A 19 -16.90 9.70 43.34
C ASP A 19 -15.73 8.85 42.80
N VAL A 20 -15.25 7.87 43.55
CA VAL A 20 -14.23 6.90 43.04
C VAL A 20 -14.92 5.98 42.03
N GLN A 21 -14.28 5.79 40.88
CA GLN A 21 -14.66 4.78 39.86
C GLN A 21 -13.61 3.66 39.88
N VAL A 22 -14.05 2.41 39.80
CA VAL A 22 -13.20 1.20 39.62
C VAL A 22 -13.79 0.38 38.47
N GLY A 23 -13.06 0.28 37.37
CA GLY A 23 -13.49 -0.49 36.20
C GLY A 23 -13.47 -1.98 36.49
N PRO A 24 -14.02 -2.79 35.55
CA PRO A 24 -14.14 -4.24 35.73
C PRO A 24 -12.80 -4.97 35.75
N TRP A 25 -12.74 -6.07 36.51
CA TRP A 25 -11.60 -7.02 36.62
C TRP A 25 -10.35 -6.33 37.19
N SER A 26 -10.54 -5.27 37.98
CA SER A 26 -9.47 -4.55 38.71
C SER A 26 -9.45 -5.10 40.13
N ILE A 27 -8.29 -5.06 40.79
CA ILE A 27 -8.11 -5.54 42.20
C ILE A 27 -7.67 -4.33 43.03
N VAL A 28 -8.47 -3.98 44.03
CA VAL A 28 -8.10 -3.00 45.07
C VAL A 28 -7.79 -3.84 46.30
N GLY A 29 -6.50 -4.04 46.57
CA GLY A 29 -6.04 -4.96 47.62
C GLY A 29 -6.23 -4.36 49.01
N ALA A 30 -5.92 -5.17 50.03
CA ALA A 30 -5.92 -4.75 51.44
C ALA A 30 -5.06 -3.50 51.62
N GLU A 31 -5.54 -2.58 52.47
N GLU A 31 -5.52 -2.59 52.50
CA GLU A 31 -4.84 -1.36 52.96
CA GLU A 31 -4.81 -1.37 52.95
C GLU A 31 -4.48 -0.49 51.75
C GLU A 31 -4.49 -0.48 51.75
N VAL A 32 -5.36 -0.49 50.74
CA VAL A 32 -5.29 0.48 49.63
C VAL A 32 -6.38 1.51 49.92
N GLU A 33 -6.00 2.78 49.95
CA GLU A 33 -6.91 3.93 50.14
C GLU A 33 -6.92 4.76 48.85
N ILE A 34 -8.12 5.08 48.36
CA ILE A 34 -8.33 5.84 47.09
C ILE A 34 -9.13 7.13 47.38
N GLY A 35 -8.52 8.28 47.11
CA GLY A 35 -9.10 9.61 47.39
C GLY A 35 -10.16 10.01 46.38
N GLU A 36 -10.91 11.05 46.75
CA GLU A 36 -12.12 11.58 46.07
C GLU A 36 -11.87 11.74 44.57
N GLY A 37 -12.73 11.12 43.75
CA GLY A 37 -12.85 11.37 42.30
C GLY A 37 -11.78 10.67 41.50
N THR A 38 -10.95 9.82 42.13
CA THR A 38 -9.95 9.00 41.42
C THR A 38 -10.70 7.98 40.55
N VAL A 39 -10.29 7.86 39.30
CA VAL A 39 -10.81 6.87 38.30
C VAL A 39 -9.75 5.78 38.13
N ILE A 40 -10.10 4.56 38.51
CA ILE A 40 -9.30 3.33 38.25
C ILE A 40 -9.94 2.65 37.05
N GLY A 41 -9.15 2.40 35.99
CA GLY A 41 -9.63 1.75 34.77
C GLY A 41 -9.92 0.27 34.98
N PRO A 42 -10.18 -0.48 33.88
CA PRO A 42 -10.26 -1.94 33.97
C PRO A 42 -8.85 -2.59 34.01
N HIS A 43 -8.75 -3.82 34.50
CA HIS A 43 -7.52 -4.67 34.49
C HIS A 43 -6.39 -3.95 35.24
N VAL A 44 -6.71 -3.25 36.35
CA VAL A 44 -5.71 -2.59 37.22
C VAL A 44 -5.51 -3.46 38.47
N VAL A 45 -4.26 -3.65 38.87
CA VAL A 45 -3.86 -4.27 40.16
C VAL A 45 -3.29 -3.17 41.06
N LEU A 46 -3.98 -2.94 42.19
CA LEU A 46 -3.57 -2.03 43.29
C LEU A 46 -3.20 -2.92 44.49
N LYS A 47 -1.97 -2.78 45.00
CA LYS A 47 -1.56 -3.50 46.24
C LYS A 47 -1.12 -2.42 47.23
N GLY A 48 -1.32 -2.71 48.52
CA GLY A 48 -1.04 -1.81 49.65
C GLY A 48 0.03 -2.40 50.55
N PRO A 49 0.36 -1.74 51.67
CA PRO A 49 -0.25 -0.46 52.02
C PRO A 49 0.05 0.69 51.05
N THR A 50 -0.99 1.31 50.50
CA THR A 50 -0.91 2.37 49.49
C THR A 50 -2.00 3.40 49.71
N LYS A 51 -1.63 4.67 49.62
CA LYS A 51 -2.59 5.79 49.74
C LYS A 51 -2.52 6.59 48.43
N ILE A 52 -3.65 6.65 47.73
CA ILE A 52 -3.84 7.42 46.47
C ILE A 52 -4.79 8.57 46.80
N GLY A 53 -4.47 9.78 46.33
CA GLY A 53 -5.28 10.98 46.65
C GLY A 53 -6.40 11.19 45.65
N LYS A 54 -6.56 12.43 45.22
CA LYS A 54 -7.80 12.97 44.62
C LYS A 54 -7.59 13.15 43.13
N HIS A 55 -8.59 12.79 42.33
CA HIS A 55 -8.70 13.16 40.89
C HIS A 55 -7.51 12.60 40.11
N ASN A 56 -7.04 11.42 40.51
CA ASN A 56 -6.01 10.65 39.77
C ASN A 56 -6.71 9.86 38.67
N ARG A 57 -5.97 9.47 37.65
CA ARG A 57 -6.50 8.49 36.69
C ARG A 57 -5.44 7.39 36.47
N ILE A 58 -5.87 6.13 36.59
CA ILE A 58 -5.01 4.93 36.47
C ILE A 58 -5.61 4.04 35.38
N TYR A 59 -4.84 3.86 34.31
CA TYR A 59 -5.18 3.02 33.13
C TYR A 59 -4.91 1.54 33.37
N GLN A 60 -5.60 0.73 32.56
CA GLN A 60 -5.52 -0.74 32.44
C GLN A 60 -4.09 -1.25 32.40
N PHE A 61 -3.89 -2.43 33.02
CA PHE A 61 -2.68 -3.29 32.93
C PHE A 61 -1.58 -2.75 33.85
N SER A 62 -1.83 -1.64 34.54
CA SER A 62 -0.90 -1.04 35.52
C SER A 62 -0.87 -1.94 36.78
N SER A 63 0.30 -2.07 37.41
CA SER A 63 0.52 -2.74 38.73
C SER A 63 1.04 -1.68 39.67
N VAL A 64 0.19 -1.11 40.53
CA VAL A 64 0.50 0.04 41.42
C VAL A 64 0.52 -0.43 42.88
N GLY A 65 1.70 -0.41 43.50
CA GLY A 65 1.90 -0.82 44.91
C GLY A 65 2.37 -2.25 45.06
N GLU A 66 2.92 -2.88 44.02
CA GLU A 66 3.57 -4.21 44.13
C GLU A 66 4.83 -4.07 44.99
N ASP A 67 5.41 -5.20 45.40
CA ASP A 67 6.74 -5.23 46.09
C ASP A 67 7.83 -5.23 45.03
N THR A 68 8.97 -4.64 45.35
CA THR A 68 10.20 -4.83 44.54
C THR A 68 10.52 -6.32 44.47
N PRO A 69 10.98 -6.80 43.29
CA PRO A 69 11.19 -8.23 43.08
C PRO A 69 12.39 -8.92 43.76
N ASP A 70 13.52 -8.26 44.01
CA ASP A 70 14.65 -9.00 44.64
C ASP A 70 14.25 -9.34 46.09
N LEU A 71 14.21 -10.64 46.43
CA LEU A 71 13.83 -11.09 47.80
C LEU A 71 14.83 -10.62 48.86
N LYS A 72 15.94 -9.96 48.48
CA LYS A 72 16.94 -9.40 49.42
C LYS A 72 16.45 -8.07 50.00
N TYR A 73 15.29 -7.58 49.53
CA TYR A 73 14.60 -6.39 50.06
C TYR A 73 13.34 -6.78 50.86
N LYS A 74 13.18 -8.06 51.16
CA LYS A 74 12.06 -8.57 52.00
C LYS A 74 12.01 -7.73 53.28
N GLY A 75 10.80 -7.40 53.74
CA GLY A 75 10.54 -6.53 54.89
C GLY A 75 9.22 -5.82 54.73
N GLU A 76 8.45 -5.72 55.79
CA GLU A 76 7.09 -5.10 55.74
C GLU A 76 6.81 -4.49 57.11
N PRO A 77 5.98 -3.43 57.22
CA PRO A 77 5.26 -2.83 56.09
C PRO A 77 6.11 -1.80 55.35
N THR A 78 5.93 -1.66 54.05
CA THR A 78 6.46 -0.50 53.30
C THR A 78 5.32 0.07 52.48
N ARG A 79 5.46 1.32 52.04
CA ARG A 79 4.33 2.18 51.62
C ARG A 79 4.53 2.68 50.18
N LEU A 80 3.41 3.06 49.55
CA LEU A 80 3.37 3.92 48.34
C LEU A 80 2.38 5.05 48.66
N VAL A 81 2.81 6.29 48.45
CA VAL A 81 1.97 7.51 48.59
C VAL A 81 1.88 8.16 47.21
N ILE A 82 0.66 8.40 46.75
CA ILE A 82 0.38 9.15 45.50
C ILE A 82 -0.52 10.33 45.84
N GLY A 83 -0.14 11.52 45.37
CA GLY A 83 -0.90 12.75 45.61
C GLY A 83 -2.12 12.83 44.72
N ASP A 84 -2.36 14.01 44.15
CA ASP A 84 -3.64 14.38 43.49
C ASP A 84 -3.36 14.71 42.02
N HIS A 85 -4.37 14.50 41.17
CA HIS A 85 -4.40 14.97 39.75
C HIS A 85 -3.26 14.32 38.98
N ASN A 86 -2.89 13.08 39.31
CA ASN A 86 -1.89 12.29 38.55
C ASN A 86 -2.59 11.49 37.46
N VAL A 87 -1.90 11.33 36.33
CA VAL A 87 -2.36 10.41 35.25
C VAL A 87 -1.30 9.31 35.13
N ILE A 88 -1.74 8.07 35.28
CA ILE A 88 -0.90 6.86 35.24
C ILE A 88 -1.47 5.98 34.12
N ARG A 89 -0.70 5.84 33.05
CA ARG A 89 -1.17 5.23 31.77
C ARG A 89 -0.99 3.72 31.78
N GLU A 90 -1.15 3.11 30.60
CA GLU A 90 -1.23 1.65 30.37
C GLU A 90 0.02 0.94 30.92
N GLY A 91 -0.18 -0.06 31.79
CA GLY A 91 0.86 -1.02 32.20
C GLY A 91 2.02 -0.40 32.98
N VAL A 92 1.82 0.75 33.61
CA VAL A 92 2.83 1.36 34.53
C VAL A 92 3.02 0.41 35.72
N THR A 93 4.27 0.22 36.14
CA THR A 93 4.61 -0.47 37.41
C THR A 93 5.14 0.56 38.40
N ILE A 94 4.56 0.58 39.60
CA ILE A 94 4.98 1.44 40.75
C ILE A 94 5.16 0.50 41.95
N HIS A 95 6.38 0.42 42.46
CA HIS A 95 6.71 -0.48 43.62
C HIS A 95 6.76 0.36 44.88
N ARG A 96 6.33 -0.23 45.98
CA ARG A 96 6.39 0.36 47.33
C ARG A 96 7.87 0.43 47.74
N GLY A 97 8.16 1.13 48.84
CA GLY A 97 9.52 1.29 49.38
C GLY A 97 10.06 0.02 50.04
N THR A 98 11.25 0.11 50.61
CA THR A 98 11.94 -1.04 51.26
C THR A 98 12.38 -0.58 52.66
N VAL A 99 12.37 -1.51 53.60
CA VAL A 99 12.77 -1.24 55.01
C VAL A 99 14.26 -0.88 55.05
N GLN A 100 15.04 -1.33 54.06
CA GLN A 100 16.51 -1.06 53.93
C GLN A 100 16.77 0.42 53.59
N ASP A 101 15.74 1.22 53.28
CA ASP A 101 15.89 2.64 52.86
C ASP A 101 14.71 3.47 53.42
N ARG A 102 13.82 4.00 52.58
CA ARG A 102 12.81 5.01 53.00
C ARG A 102 11.56 4.33 53.57
N ALA A 103 11.36 3.04 53.28
CA ALA A 103 10.10 2.31 53.53
C ALA A 103 8.92 2.97 52.78
N GLU A 104 9.16 3.85 51.80
CA GLU A 104 8.06 4.52 51.03
C GLU A 104 8.57 4.95 49.66
N THR A 105 7.75 4.70 48.65
CA THR A 105 7.80 5.34 47.31
C THR A 105 6.75 6.45 47.37
N THR A 106 7.14 7.66 46.96
CA THR A 106 6.32 8.88 47.11
C THR A 106 6.17 9.56 45.75
N ILE A 107 4.94 9.86 45.35
CA ILE A 107 4.59 10.64 44.12
C ILE A 107 3.72 11.82 44.55
N GLY A 108 4.05 13.03 44.11
CA GLY A 108 3.24 14.24 44.44
C GLY A 108 2.00 14.36 43.58
N ASP A 109 1.85 15.54 42.95
CA ASP A 109 0.61 15.99 42.29
C ASP A 109 0.91 16.37 40.85
N HIS A 110 -0.11 16.21 40.00
CA HIS A 110 -0.15 16.74 38.61
C HIS A 110 0.96 16.08 37.79
N ASN A 111 1.30 14.81 38.07
CA ASN A 111 2.32 14.06 37.31
C ASN A 111 1.65 13.31 36.15
N LEU A 112 2.34 13.22 35.01
CA LEU A 112 1.93 12.40 33.85
C LEU A 112 2.95 11.26 33.69
N ILE A 113 2.50 10.02 33.89
CA ILE A 113 3.32 8.79 33.81
C ILE A 113 2.74 7.90 32.70
N MET A 114 3.42 7.91 31.56
CA MET A 114 2.96 7.28 30.28
C MET A 114 3.27 5.78 30.29
N ALA A 115 2.73 5.08 29.27
CA ALA A 115 2.64 3.61 29.17
C ALA A 115 3.97 2.93 29.48
N TYR A 116 3.94 1.97 30.41
CA TYR A 116 5.03 0.99 30.67
C TYR A 116 6.22 1.65 31.37
N ALA A 117 6.02 2.85 31.93
CA ALA A 117 7.04 3.47 32.81
C ALA A 117 7.13 2.63 34.08
N HIS A 118 8.27 2.68 34.73
CA HIS A 118 8.58 1.92 35.97
C HIS A 118 9.08 2.88 37.05
N ILE A 119 8.38 2.93 38.18
CA ILE A 119 8.88 3.72 39.33
C ILE A 119 9.38 2.73 40.41
N GLY A 120 10.70 2.62 40.52
CA GLY A 120 11.38 1.67 41.41
C GLY A 120 11.20 2.01 42.88
N HIS A 121 11.29 1.00 43.73
CA HIS A 121 11.25 1.11 45.21
C HIS A 121 11.99 2.36 45.71
N ASP A 122 11.37 3.09 46.62
CA ASP A 122 11.97 4.19 47.43
C ASP A 122 12.19 5.42 46.57
N SER A 123 11.66 5.46 45.36
CA SER A 123 11.78 6.66 44.49
C SER A 123 10.86 7.76 45.03
N VAL A 124 11.22 9.02 44.77
CA VAL A 124 10.42 10.21 45.14
C VAL A 124 10.20 11.03 43.87
N ILE A 125 8.95 11.18 43.46
CA ILE A 125 8.57 12.11 42.36
C ILE A 125 7.83 13.31 42.97
N GLY A 126 8.21 14.51 42.56
CA GLY A 126 7.55 15.76 42.98
C GLY A 126 6.24 16.00 42.23
N ASN A 127 6.11 17.20 41.66
CA ASN A 127 4.87 17.77 41.09
C ASN A 127 5.13 18.18 39.65
N HIS A 128 4.18 17.91 38.76
CA HIS A 128 4.14 18.44 37.37
C HIS A 128 5.26 17.80 36.55
N CYS A 129 5.66 16.58 36.90
CA CYS A 129 6.69 15.82 36.17
C CYS A 129 6.02 15.06 35.02
N ILE A 130 6.73 14.90 33.91
CA ILE A 130 6.32 14.01 32.79
C ILE A 130 7.37 12.91 32.63
N LEU A 131 6.95 11.65 32.78
CA LEU A 131 7.71 10.42 32.49
C LEU A 131 7.10 9.75 31.26
N VAL A 132 7.79 9.84 30.13
CA VAL A 132 7.29 9.38 28.80
C VAL A 132 7.45 7.86 28.74
N ASN A 133 6.74 7.22 27.80
CA ASN A 133 6.73 5.74 27.59
C ASN A 133 8.05 5.08 28.04
N ASN A 134 7.92 4.10 28.92
CA ASN A 134 9.00 3.11 29.28
C ASN A 134 10.16 3.80 29.99
N THR A 135 10.00 4.99 30.55
CA THR A 135 11.00 5.57 31.46
C THR A 135 11.09 4.60 32.66
N ALA A 136 12.31 4.25 33.09
CA ALA A 136 12.56 3.34 34.23
C ALA A 136 13.42 4.04 35.28
N LEU A 137 12.86 4.26 36.47
CA LEU A 137 13.62 4.72 37.66
C LEU A 137 13.99 3.47 38.44
N ALA A 138 15.27 3.14 38.50
CA ALA A 138 15.75 1.80 38.94
C ALA A 138 15.43 1.59 40.43
N GLY A 139 15.42 2.66 41.23
CA GLY A 139 15.22 2.61 42.70
C GLY A 139 15.93 3.75 43.39
N HIS A 140 15.32 4.31 44.45
CA HIS A 140 15.87 5.44 45.25
C HIS A 140 16.12 6.63 44.34
N VAL A 141 15.30 6.85 43.31
CA VAL A 141 15.47 7.99 42.36
C VAL A 141 14.62 9.17 42.84
N HIS A 142 15.18 10.39 42.88
CA HIS A 142 14.45 11.64 43.20
C HIS A 142 14.26 12.43 41.89
N VAL A 143 13.00 12.62 41.49
CA VAL A 143 12.60 13.51 40.36
C VAL A 143 11.92 14.76 40.93
N ASP A 144 12.55 15.93 40.78
CA ASP A 144 12.02 17.21 41.30
C ASP A 144 11.09 17.84 40.25
N ASP A 145 10.39 18.89 40.65
CA ASP A 145 9.17 19.42 39.97
C ASP A 145 9.49 19.83 38.53
N TRP A 146 8.60 19.48 37.60
CA TRP A 146 8.55 20.02 36.22
C TRP A 146 9.60 19.34 35.33
N ALA A 147 10.33 18.36 35.86
CA ALA A 147 11.23 17.49 35.07
C ALA A 147 10.43 16.72 34.01
N ILE A 148 11.06 16.50 32.86
CA ILE A 148 10.53 15.69 31.73
C ILE A 148 11.60 14.67 31.37
N LEU A 149 11.22 13.40 31.39
CA LEU A 149 12.08 12.28 30.98
C LEU A 149 11.43 11.70 29.71
N SER A 150 12.10 11.89 28.57
CA SER A 150 11.60 11.43 27.24
C SER A 150 11.58 9.90 27.23
N GLY A 151 10.92 9.31 26.23
CA GLY A 151 10.64 7.87 26.18
C GLY A 151 11.90 7.03 26.37
N TYR A 152 11.82 5.98 27.18
CA TYR A 152 12.89 4.96 27.36
C TYR A 152 14.11 5.61 28.02
N THR A 153 13.90 6.65 28.81
CA THR A 153 14.96 7.21 29.70
C THR A 153 15.20 6.18 30.82
N LEU A 154 16.45 5.76 31.01
CA LEU A 154 16.88 4.87 32.13
C LEU A 154 17.60 5.69 33.20
N VAL A 155 17.20 5.54 34.46
CA VAL A 155 17.81 6.28 35.59
C VAL A 155 18.39 5.27 36.59
N HIS A 156 19.69 5.36 36.84
CA HIS A 156 20.43 4.51 37.82
C HIS A 156 19.94 4.82 39.23
N GLN A 157 19.93 3.81 40.10
CA GLN A 157 19.66 3.95 41.56
C GLN A 157 20.38 5.17 42.14
N TYR A 158 19.68 5.92 42.99
CA TYR A 158 20.19 7.04 43.85
C TYR A 158 20.36 8.32 43.04
N CYS A 159 20.11 8.33 41.75
CA CYS A 159 20.32 9.55 40.93
C CYS A 159 19.20 10.55 41.27
N ARG A 160 19.55 11.83 41.26
CA ARG A 160 18.61 12.96 41.44
C ARG A 160 18.42 13.58 40.05
N ILE A 161 17.16 13.81 39.67
CA ILE A 161 16.73 14.57 38.47
C ILE A 161 16.22 15.93 38.95
N GLY A 162 16.98 16.99 38.68
CA GLY A 162 16.73 18.37 39.12
C GLY A 162 15.44 18.93 38.56
N ALA A 163 14.85 19.90 39.26
CA ALA A 163 13.65 20.67 38.84
C ALA A 163 13.85 21.22 37.41
N HIS A 164 12.83 21.08 36.55
CA HIS A 164 12.73 21.66 35.18
C HIS A 164 13.77 21.05 34.24
N SER A 165 14.45 19.97 34.63
CA SER A 165 15.47 19.30 33.77
C SER A 165 14.78 18.53 32.65
N PHE A 166 15.55 18.07 31.67
CA PHE A 166 15.02 17.35 30.47
C PHE A 166 16.02 16.29 30.00
N SER A 167 15.50 15.12 29.67
CA SER A 167 16.28 13.99 29.12
C SER A 167 15.72 13.63 27.74
N GLY A 168 16.60 13.53 26.74
CA GLY A 168 16.25 13.09 25.38
C GLY A 168 15.90 11.63 25.35
N MET A 169 15.16 11.19 24.31
CA MET A 169 14.60 9.81 24.32
C MET A 169 15.76 8.81 24.27
N GLY A 170 15.69 7.75 25.08
CA GLY A 170 16.70 6.69 25.19
C GLY A 170 17.94 7.14 25.96
N SER A 171 17.85 8.19 26.78
CA SER A 171 18.97 8.61 27.68
C SER A 171 19.21 7.51 28.73
N ALA A 172 20.46 7.20 29.06
CA ALA A 172 20.83 6.37 30.24
C ALA A 172 21.58 7.26 31.24
N ILE A 173 20.88 7.68 32.29
CA ILE A 173 21.38 8.62 33.33
C ILE A 173 22.04 7.84 34.46
N GLY A 174 23.36 8.00 34.64
CA GLY A 174 24.14 7.33 35.70
C GLY A 174 24.61 8.27 36.79
N LYS A 175 24.43 9.58 36.59
CA LYS A 175 24.82 10.64 37.55
C LYS A 175 23.68 11.65 37.68
N ASP A 176 23.72 12.50 38.70
CA ASP A 176 22.70 13.52 39.01
C ASP A 176 22.56 14.46 37.81
N VAL A 177 21.34 14.82 37.44
CA VAL A 177 21.04 15.86 36.42
C VAL A 177 20.69 17.13 37.19
N PRO A 178 21.50 18.21 37.12
CA PRO A 178 21.16 19.45 37.81
C PRO A 178 19.83 19.99 37.29
N ALA A 179 19.17 20.79 38.12
CA ALA A 179 17.98 21.59 37.75
C ALA A 179 18.23 22.27 36.40
N TYR A 180 17.23 22.21 35.51
CA TYR A 180 17.17 22.97 34.25
C TYR A 180 17.97 22.31 33.14
N VAL A 181 18.93 21.45 33.46
CA VAL A 181 19.91 20.90 32.48
C VAL A 181 19.22 19.87 31.58
N THR A 182 19.60 19.89 30.28
CA THR A 182 19.15 18.95 29.22
C THR A 182 20.25 17.90 29.04
N VAL A 183 19.89 16.62 28.99
CA VAL A 183 20.87 15.51 28.80
C VAL A 183 20.31 14.55 27.75
N PHE A 184 21.23 13.92 27.00
CA PHE A 184 20.99 13.07 25.80
C PHE A 184 22.03 11.96 25.81
N GLY A 185 21.67 10.81 25.24
CA GLY A 185 22.64 9.77 24.88
C GLY A 185 22.83 8.73 25.96
N ASN A 186 23.52 7.65 25.58
CA ASN A 186 23.81 6.47 26.43
C ASN A 186 25.31 6.22 26.34
N PRO A 187 26.14 6.70 27.29
CA PRO A 187 25.66 7.32 28.53
C PRO A 187 25.23 8.78 28.35
N ALA A 188 24.40 9.32 29.27
CA ALA A 188 23.83 10.68 29.22
C ALA A 188 24.92 11.74 29.32
N GLU A 189 24.87 12.76 28.47
CA GLU A 189 25.78 13.94 28.53
C GLU A 189 24.94 15.21 28.62
N ALA A 190 25.39 16.18 29.39
CA ALA A 190 24.77 17.53 29.50
C ALA A 190 24.95 18.25 28.17
N ARG A 191 23.87 18.79 27.57
CA ARG A 191 23.98 19.55 26.31
C ARG A 191 23.75 21.04 26.55
N SER A 192 22.74 21.41 27.33
CA SER A 192 22.34 22.84 27.53
C SER A 192 21.39 22.94 28.72
N MET A 193 20.56 23.99 28.76
CA MET A 193 19.47 24.14 29.75
C MET A 193 18.13 24.18 29.02
N ASN A 194 17.08 23.88 29.76
CA ASN A 194 15.69 23.75 29.27
C ASN A 194 15.06 25.14 29.17
N PHE A 195 15.66 26.02 28.37
CA PHE A 195 15.26 27.47 28.25
C PHE A 195 13.79 27.52 27.81
N GLU A 196 13.47 26.74 26.77
CA GLU A 196 12.10 26.52 26.25
C GLU A 196 11.14 26.25 27.42
N GLY A 197 11.60 25.56 28.48
CA GLY A 197 10.78 25.25 29.67
C GLY A 197 10.69 26.42 30.62
N MET A 198 11.81 27.09 30.90
CA MET A 198 11.84 28.29 31.77
C MET A 198 10.83 29.32 31.24
N ARG A 199 10.85 29.56 29.93
CA ARG A 199 10.03 30.61 29.27
C ARG A 199 8.55 30.29 29.47
N ARG A 200 8.17 29.05 29.25
CA ARG A 200 6.74 28.63 29.25
C ARG A 200 6.26 28.45 30.70
N ARG A 201 7.15 28.58 31.68
CA ARG A 201 6.82 28.65 33.13
C ARG A 201 6.84 30.12 33.59
N GLY A 202 7.07 31.03 32.66
CA GLY A 202 7.03 32.48 32.93
C GLY A 202 8.23 32.96 33.73
N PHE A 203 9.39 32.31 33.62
CA PHE A 203 10.68 32.82 34.19
C PHE A 203 10.97 34.20 33.57
N SER A 204 11.40 35.17 34.40
CA SER A 204 11.87 36.50 33.95
C SER A 204 13.09 36.30 33.05
N SER A 205 13.28 37.18 32.07
CA SER A 205 14.43 37.13 31.13
C SER A 205 15.75 37.22 31.92
N GLU A 206 15.82 38.05 32.96
CA GLU A 206 17.06 38.26 33.75
C GLU A 206 17.42 36.96 34.50
N ALA A 207 16.40 36.26 35.01
CA ALA A 207 16.53 34.93 35.66
C ALA A 207 17.10 33.94 34.65
N ILE A 208 16.52 33.90 33.45
CA ILE A 208 16.96 32.98 32.36
C ILE A 208 18.42 33.32 32.04
N HIS A 209 18.78 34.60 32.00
CA HIS A 209 20.15 35.02 31.62
C HIS A 209 21.11 34.64 32.76
N ALA A 210 20.67 34.76 34.02
CA ALA A 210 21.46 34.37 35.21
C ALA A 210 21.67 32.85 35.20
N LEU A 211 20.75 32.08 34.63
CA LEU A 211 20.90 30.61 34.52
C LEU A 211 21.84 30.29 33.34
N ARG A 212 21.70 30.99 32.21
CA ARG A 212 22.69 30.87 31.10
C ARG A 212 24.11 31.13 31.65
N ARG A 213 24.29 32.07 32.60
CA ARG A 213 25.63 32.37 33.20
C ARG A 213 25.98 31.28 34.20
N ALA A 214 25.02 30.83 35.01
CA ALA A 214 25.23 29.79 36.04
C ALA A 214 25.67 28.48 35.38
N TYR A 215 25.09 28.13 34.23
CA TYR A 215 25.49 26.96 33.42
C TYR A 215 26.98 27.08 33.05
N LYS A 216 27.36 28.18 32.38
CA LYS A 216 28.75 28.42 31.90
C LYS A 216 29.70 28.35 33.09
N VAL A 217 29.30 28.91 34.23
CA VAL A 217 30.13 28.94 35.47
C VAL A 217 30.39 27.51 35.97
N VAL A 218 29.50 26.56 35.71
CA VAL A 218 29.64 25.14 36.20
C VAL A 218 30.37 24.30 35.14
N TYR A 219 29.95 24.40 33.89
CA TYR A 219 30.26 23.39 32.85
C TYR A 219 31.41 23.84 31.93
N ARG A 220 31.52 25.13 31.60
CA ARG A 220 32.31 25.59 30.42
C ARG A 220 33.50 26.49 30.80
N GLN A 221 33.83 26.65 32.09
CA GLN A 221 34.86 27.64 32.53
C GLN A 221 35.98 26.92 33.32
N GLY A 222 36.02 25.59 33.25
CA GLY A 222 37.11 24.77 33.83
C GLY A 222 37.23 24.92 35.34
N HIS A 223 36.27 25.59 35.99
CA HIS A 223 36.11 25.68 37.47
C HIS A 223 35.93 24.26 38.04
N THR A 224 36.38 24.04 39.28
CA THR A 224 35.94 22.92 40.16
C THR A 224 34.46 23.12 40.50
N VAL A 225 33.78 22.09 41.04
CA VAL A 225 32.41 22.22 41.62
C VAL A 225 32.46 23.29 42.73
N GLU A 226 33.34 23.12 43.73
CA GLU A 226 33.56 24.07 44.86
C GLU A 226 33.66 25.50 44.31
N GLU A 227 34.63 25.75 43.43
CA GLU A 227 34.84 27.08 42.81
C GLU A 227 33.49 27.56 42.25
N ALA A 228 32.87 26.76 41.38
CA ALA A 228 31.60 27.07 40.68
C ALA A 228 30.54 27.57 41.66
N LEU A 229 30.37 26.87 42.80
CA LEU A 229 29.36 27.16 43.84
C LEU A 229 29.64 28.54 44.47
N ALA A 230 30.86 28.78 44.95
CA ALA A 230 31.22 30.04 45.64
C ALA A 230 30.99 31.23 44.69
N GLU A 231 31.22 31.06 43.38
CA GLU A 231 30.97 32.11 42.35
C GLU A 231 29.47 32.39 42.20
N LEU A 232 28.61 31.38 42.38
CA LEU A 232 27.15 31.53 42.16
C LEU A 232 26.45 31.95 43.46
N ALA A 233 27.16 32.05 44.58
CA ALA A 233 26.62 32.52 45.87
C ALA A 233 25.78 33.78 45.65
N GLU A 234 26.34 34.79 44.97
CA GLU A 234 25.73 36.12 44.80
C GLU A 234 24.48 36.00 43.93
N SER A 235 24.62 35.43 42.72
CA SER A 235 23.50 35.22 41.75
C SER A 235 22.38 34.42 42.43
N ALA A 236 22.77 33.41 43.22
CA ALA A 236 21.83 32.55 43.99
C ALA A 236 21.10 33.38 45.06
N ALA A 237 21.75 34.38 45.66
CA ALA A 237 21.12 35.32 46.62
C ALA A 237 20.13 36.24 45.88
N GLN A 238 20.46 36.65 44.65
CA GLN A 238 19.57 37.47 43.79
C GLN A 238 18.32 36.67 43.38
N PHE A 239 18.54 35.54 42.68
CA PHE A 239 17.53 34.77 41.91
C PHE A 239 17.21 33.43 42.58
N PRO A 240 16.02 33.28 43.20
CA PRO A 240 15.60 31.99 43.74
C PRO A 240 15.86 30.86 42.73
N GLU A 241 15.70 31.15 41.44
CA GLU A 241 15.86 30.19 40.32
C GLU A 241 17.30 29.67 40.30
N VAL A 242 18.26 30.57 40.48
CA VAL A 242 19.70 30.18 40.48
C VAL A 242 19.96 29.36 41.75
N ALA A 243 19.33 29.72 42.87
CA ALA A 243 19.47 28.98 44.15
C ALA A 243 19.03 27.53 43.92
N VAL A 244 17.98 27.33 43.13
CA VAL A 244 17.47 25.96 42.82
C VAL A 244 18.57 25.22 42.05
N PHE A 245 19.20 25.87 41.06
CA PHE A 245 20.34 25.30 40.32
C PHE A 245 21.52 25.03 41.27
N ARG A 246 21.95 26.06 42.00
CA ARG A 246 23.07 25.92 42.98
C ARG A 246 22.80 24.75 43.95
N ASP A 247 21.58 24.63 44.50
CA ASP A 247 21.23 23.59 45.50
C ASP A 247 21.32 22.19 44.87
N SER A 248 20.91 22.05 43.60
CA SER A 248 20.94 20.75 42.88
C SER A 248 22.40 20.31 42.72
N ILE A 249 23.32 21.24 42.52
CA ILE A 249 24.76 20.91 42.41
C ILE A 249 25.32 20.66 43.80
N GLN A 250 25.06 21.54 44.77
CA GLN A 250 25.61 21.42 46.15
C GLN A 250 25.27 20.02 46.70
N SER A 251 24.10 19.46 46.36
CA SER A 251 23.56 18.21 46.96
C SER A 251 23.74 17.01 46.00
N ALA A 252 24.83 16.99 45.23
CA ALA A 252 25.21 15.87 44.33
C ALA A 252 26.64 15.44 44.62
N THR A 253 26.90 14.81 45.77
CA THR A 253 28.26 14.33 46.16
C THR A 253 28.64 13.09 45.34
N ARG A 254 27.67 12.50 44.61
CA ARG A 254 27.85 11.35 43.68
C ARG A 254 28.15 11.85 42.26
N GLY A 255 28.55 13.11 42.09
CA GLY A 255 28.91 13.71 40.79
C GLY A 255 27.71 14.11 39.95
N ILE A 256 27.88 15.12 39.10
CA ILE A 256 26.83 15.61 38.17
C ILE A 256 27.13 15.06 36.76
N THR A 257 26.07 14.92 35.95
CA THR A 257 26.17 14.60 34.51
C THR A 257 26.93 15.73 33.82
N ARG A 258 28.08 15.43 33.22
CA ARG A 258 28.86 16.37 32.37
C ARG A 258 28.76 15.91 30.91
N SER B 2 -21.12 -18.09 21.91
CA SER B 2 -20.95 -17.91 20.44
C SER B 2 -19.47 -17.65 20.11
N LEU B 3 -19.20 -16.81 19.12
CA LEU B 3 -17.84 -16.32 18.76
C LEU B 3 -17.49 -15.11 19.62
N ILE B 4 -18.50 -14.38 20.09
CA ILE B 4 -18.33 -13.33 21.13
C ILE B 4 -18.36 -14.02 22.49
N ASP B 5 -17.24 -14.01 23.20
CA ASP B 5 -17.18 -14.56 24.57
C ASP B 5 -18.21 -13.81 25.42
N PRO B 6 -19.04 -14.51 26.21
CA PRO B 6 -20.02 -13.85 27.06
C PRO B 6 -19.40 -13.02 28.20
N ARG B 7 -18.12 -13.24 28.49
CA ARG B 7 -17.39 -12.49 29.55
C ARG B 7 -16.80 -11.20 28.95
N ALA B 8 -17.01 -10.95 27.65
CA ALA B 8 -16.58 -9.73 26.93
C ALA B 8 -17.63 -8.63 27.10
N ILE B 9 -17.21 -7.36 27.10
CA ILE B 9 -18.12 -6.17 27.08
C ILE B 9 -18.13 -5.61 25.66
N ILE B 10 -19.28 -5.65 25.00
CA ILE B 10 -19.51 -5.13 23.62
C ILE B 10 -20.47 -3.93 23.73
N ASP B 11 -20.01 -2.71 23.44
CA ASP B 11 -20.88 -1.51 23.48
C ASP B 11 -21.97 -1.66 22.42
N PRO B 12 -23.23 -1.36 22.76
CA PRO B 12 -24.34 -1.52 21.80
C PRO B 12 -24.07 -0.77 20.49
N SER B 13 -23.34 0.35 20.53
CA SER B 13 -22.94 1.16 19.33
C SER B 13 -21.78 0.52 18.55
N ALA B 14 -21.17 -0.57 19.00
CA ALA B 14 -20.07 -1.24 18.24
C ALA B 14 -20.67 -2.02 17.06
N ARG B 15 -19.95 -2.10 15.93
CA ARG B 15 -20.39 -2.84 14.72
C ARG B 15 -19.42 -3.99 14.42
N LEU B 16 -19.86 -5.23 14.62
CA LEU B 16 -19.03 -6.44 14.38
C LEU B 16 -19.59 -7.27 13.22
N ALA B 17 -18.74 -7.62 12.25
CA ALA B 17 -19.07 -8.55 11.15
C ALA B 17 -19.42 -9.90 11.78
N ALA B 18 -20.24 -10.72 11.11
CA ALA B 18 -20.96 -11.85 11.75
C ALA B 18 -19.99 -12.87 12.34
N ASP B 19 -18.79 -13.04 11.76
CA ASP B 19 -17.83 -14.11 12.16
C ASP B 19 -16.71 -13.55 13.06
N VAL B 20 -16.83 -12.33 13.58
CA VAL B 20 -15.76 -11.73 14.44
C VAL B 20 -15.68 -12.53 15.74
N GLN B 21 -14.48 -12.92 16.18
CA GLN B 21 -14.27 -13.59 17.48
C GLN B 21 -13.79 -12.57 18.52
N VAL B 22 -14.35 -12.61 19.72
CA VAL B 22 -13.86 -11.77 20.86
C VAL B 22 -13.68 -12.67 22.08
N GLY B 23 -12.53 -12.55 22.72
CA GLY B 23 -12.15 -13.40 23.86
C GLY B 23 -12.68 -12.86 25.18
N PRO B 24 -12.54 -13.66 26.24
CA PRO B 24 -13.00 -13.27 27.58
C PRO B 24 -12.31 -12.00 28.08
N TRP B 25 -13.07 -11.17 28.81
CA TRP B 25 -12.60 -9.93 29.51
C TRP B 25 -12.00 -8.91 28.54
N SER B 26 -12.44 -8.90 27.29
CA SER B 26 -12.08 -7.85 26.32
C SER B 26 -13.22 -6.85 26.24
N ILE B 27 -12.88 -5.58 26.04
CA ILE B 27 -13.84 -4.45 25.91
C ILE B 27 -13.83 -4.02 24.44
N VAL B 28 -15.00 -4.03 23.80
CA VAL B 28 -15.20 -3.41 22.46
C VAL B 28 -16.02 -2.15 22.71
N GLY B 29 -15.37 -0.98 22.75
CA GLY B 29 -15.99 0.28 23.20
C GLY B 29 -17.00 0.81 22.18
N ALA B 30 -17.66 1.91 22.55
CA ALA B 30 -18.54 2.72 21.66
C ALA B 30 -17.78 3.09 20.40
N GLU B 31 -18.46 3.08 19.25
CA GLU B 31 -17.96 3.54 17.92
C GLU B 31 -16.70 2.77 17.51
N VAL B 32 -16.60 1.52 17.94
CA VAL B 32 -15.59 0.58 17.40
C VAL B 32 -16.27 -0.29 16.34
N GLU B 33 -15.66 -0.37 15.18
CA GLU B 33 -16.09 -1.27 14.09
C GLU B 33 -15.01 -2.34 13.86
N ILE B 34 -15.42 -3.60 13.69
CA ILE B 34 -14.50 -4.76 13.46
C ILE B 34 -14.95 -5.58 12.25
N GLY B 35 -14.10 -5.66 11.23
CA GLY B 35 -14.34 -6.33 9.93
C GLY B 35 -14.24 -7.84 10.00
N GLU B 36 -14.67 -8.51 8.93
CA GLU B 36 -14.92 -9.98 8.93
C GLU B 36 -13.59 -10.71 9.17
N GLY B 37 -13.67 -11.80 9.94
CA GLY B 37 -12.55 -12.75 10.17
C GLY B 37 -11.62 -12.28 11.28
N THR B 38 -11.79 -11.07 11.82
CA THR B 38 -10.85 -10.52 12.83
C THR B 38 -11.05 -11.33 14.12
N VAL B 39 -9.95 -11.70 14.79
CA VAL B 39 -9.95 -12.33 16.15
C VAL B 39 -9.38 -11.33 17.17
N ILE B 40 -10.15 -11.08 18.22
CA ILE B 40 -9.71 -10.24 19.36
C ILE B 40 -9.49 -11.24 20.48
N GLY B 41 -8.26 -11.30 20.99
CA GLY B 41 -7.90 -12.25 22.06
C GLY B 41 -8.60 -11.89 23.37
N PRO B 42 -8.16 -12.49 24.49
CA PRO B 42 -8.68 -12.13 25.80
C PRO B 42 -7.93 -10.88 26.30
N HIS B 43 -8.51 -10.15 27.26
CA HIS B 43 -7.89 -8.97 27.95
C HIS B 43 -7.46 -7.89 26.94
N VAL B 44 -8.27 -7.62 25.92
CA VAL B 44 -7.99 -6.49 24.98
C VAL B 44 -8.95 -5.37 25.31
N VAL B 45 -8.46 -4.13 25.29
CA VAL B 45 -9.30 -2.91 25.41
C VAL B 45 -9.34 -2.27 24.02
N LEU B 46 -10.50 -2.27 23.35
CA LEU B 46 -10.66 -1.44 22.13
C LEU B 46 -11.51 -0.24 22.49
N LYS B 47 -11.05 0.95 22.13
CA LYS B 47 -11.76 2.23 22.33
C LYS B 47 -11.86 2.92 20.96
N GLY B 48 -12.95 3.66 20.74
CA GLY B 48 -13.26 4.34 19.48
C GLY B 48 -13.28 5.86 19.66
N PRO B 49 -13.61 6.65 18.62
CA PRO B 49 -13.96 6.11 17.31
C PRO B 49 -12.81 5.38 16.57
N THR B 50 -13.02 4.12 16.23
CA THR B 50 -11.96 3.23 15.69
C THR B 50 -12.57 2.26 14.68
N LYS B 51 -11.92 2.16 13.52
CA LYS B 51 -12.27 1.16 12.50
C LYS B 51 -11.14 0.13 12.37
N ILE B 52 -11.49 -1.14 12.52
CA ILE B 52 -10.59 -2.32 12.31
C ILE B 52 -11.16 -3.16 11.15
N GLY B 53 -10.29 -3.57 10.22
CA GLY B 53 -10.64 -4.30 9.00
C GLY B 53 -10.76 -5.80 9.19
N LYS B 54 -10.44 -6.54 8.13
CA LYS B 54 -10.73 -7.99 8.02
C LYS B 54 -9.49 -8.80 8.36
N HIS B 55 -9.74 -9.97 8.95
CA HIS B 55 -8.73 -11.05 9.20
C HIS B 55 -7.53 -10.50 9.99
N ASN B 56 -7.78 -9.59 10.94
CA ASN B 56 -6.77 -9.01 11.87
C ASN B 56 -6.67 -9.94 13.10
N ARG B 57 -5.54 -9.92 13.81
CA ARG B 57 -5.39 -10.69 15.08
C ARG B 57 -4.82 -9.71 16.12
N ILE B 58 -5.52 -9.54 17.23
CA ILE B 58 -5.08 -8.61 18.32
C ILE B 58 -4.97 -9.42 19.60
N TYR B 59 -3.81 -9.34 20.21
CA TYR B 59 -3.36 -10.21 21.33
C TYR B 59 -3.71 -9.55 22.66
N GLN B 60 -3.75 -10.37 23.71
CA GLN B 60 -4.00 -9.98 25.11
C GLN B 60 -3.18 -8.75 25.51
N PHE B 61 -3.82 -7.87 26.28
CA PHE B 61 -3.22 -6.77 27.09
C PHE B 61 -2.89 -5.59 26.20
N SER B 62 -3.40 -5.60 24.96
CA SER B 62 -3.32 -4.49 23.98
C SER B 62 -4.40 -3.47 24.29
N SER B 63 -4.05 -2.19 24.17
CA SER B 63 -4.94 -1.01 24.30
C SER B 63 -4.99 -0.30 22.94
N VAL B 64 -6.02 -0.61 22.14
CA VAL B 64 -6.11 -0.10 20.75
C VAL B 64 -7.21 0.95 20.71
N GLY B 65 -6.82 2.20 20.51
CA GLY B 65 -7.77 3.31 20.29
C GLY B 65 -7.90 4.19 21.51
N GLU B 66 -6.93 4.17 22.44
CA GLU B 66 -6.94 5.12 23.58
C GLU B 66 -6.62 6.54 23.09
N ASP B 67 -7.09 7.53 23.84
CA ASP B 67 -6.63 8.93 23.73
C ASP B 67 -5.12 8.99 23.93
N THR B 68 -4.43 9.83 23.17
CA THR B 68 -3.01 10.15 23.43
C THR B 68 -2.96 10.82 24.80
N PRO B 69 -1.94 10.55 25.62
CA PRO B 69 -1.73 11.34 26.84
C PRO B 69 -1.17 12.73 26.49
N ASP B 70 -0.80 12.95 25.23
CA ASP B 70 -0.17 14.21 24.76
C ASP B 70 -1.09 15.36 25.18
N LEU B 71 -0.51 16.36 25.85
CA LEU B 71 -1.24 17.45 26.54
C LEU B 71 -1.87 18.41 25.52
N LYS B 72 -1.53 18.28 24.24
CA LYS B 72 -2.18 19.03 23.13
C LYS B 72 -3.56 18.42 22.84
N TYR B 73 -3.74 17.11 23.04
CA TYR B 73 -5.07 16.45 22.94
C TYR B 73 -5.97 16.98 24.05
N LYS B 74 -7.20 17.42 23.73
CA LYS B 74 -8.18 17.87 24.74
C LYS B 74 -9.59 17.34 24.39
N GLY B 75 -9.72 16.04 24.19
CA GLY B 75 -11.01 15.30 24.24
C GLY B 75 -11.75 15.23 22.91
N GLU B 76 -11.25 15.87 21.84
CA GLU B 76 -12.00 16.01 20.55
C GLU B 76 -12.17 14.65 19.88
N PRO B 77 -13.13 14.51 18.92
CA PRO B 77 -13.49 13.20 18.35
C PRO B 77 -12.54 12.82 17.19
N THR B 78 -11.47 12.11 17.53
CA THR B 78 -10.38 11.69 16.61
C THR B 78 -10.56 10.19 16.37
N ARG B 79 -9.91 9.68 15.32
N ARG B 79 -9.98 9.65 15.30
CA ARG B 79 -10.13 8.31 14.78
CA ARG B 79 -10.20 8.23 14.96
C ARG B 79 -8.82 7.50 14.84
C ARG B 79 -8.85 7.50 14.81
N LEU B 80 -8.96 6.17 14.81
CA LEU B 80 -7.89 5.21 14.48
C LEU B 80 -8.48 4.33 13.37
N VAL B 81 -7.75 4.15 12.27
CA VAL B 81 -8.13 3.18 11.19
C VAL B 81 -7.05 2.11 11.11
N ILE B 82 -7.44 0.84 11.21
CA ILE B 82 -6.55 -0.34 10.97
C ILE B 82 -7.08 -1.15 9.79
N GLY B 83 -6.23 -1.48 8.83
CA GLY B 83 -6.60 -2.28 7.64
C GLY B 83 -6.83 -3.75 7.96
N ASP B 84 -6.36 -4.62 7.06
CA ASP B 84 -6.66 -6.07 6.99
C ASP B 84 -5.35 -6.87 7.16
N HIS B 85 -5.46 -8.08 7.71
CA HIS B 85 -4.35 -9.08 7.76
C HIS B 85 -3.18 -8.57 8.60
N ASN B 86 -3.46 -7.69 9.58
CA ASN B 86 -2.45 -7.22 10.56
C ASN B 86 -2.38 -8.22 11.72
N VAL B 87 -1.20 -8.34 12.33
CA VAL B 87 -1.05 -9.06 13.62
C VAL B 87 -0.55 -8.05 14.66
N ILE B 88 -1.30 -7.90 15.75
CA ILE B 88 -0.97 -6.97 16.87
C ILE B 88 -0.75 -7.81 18.14
N ARG B 89 0.50 -7.89 18.60
CA ARG B 89 0.92 -8.89 19.61
C ARG B 89 0.65 -8.31 21.00
N GLU B 90 1.22 -8.94 22.03
CA GLU B 90 0.85 -8.72 23.45
C GLU B 90 1.20 -7.29 23.86
N GLY B 91 0.29 -6.60 24.55
CA GLY B 91 0.62 -5.33 25.21
C GLY B 91 0.86 -4.16 24.26
N VAL B 92 0.48 -4.28 23.00
CA VAL B 92 0.65 -3.16 22.03
C VAL B 92 -0.31 -2.03 22.42
N THR B 93 0.16 -0.79 22.37
CA THR B 93 -0.64 0.45 22.59
C THR B 93 -0.72 1.21 21.27
N ILE B 94 -1.93 1.56 20.86
CA ILE B 94 -2.18 2.39 19.64
C ILE B 94 -3.18 3.48 20.01
N HIS B 95 -2.80 4.74 19.81
CA HIS B 95 -3.60 5.92 20.17
C HIS B 95 -4.22 6.50 18.89
N ARG B 96 -5.35 7.16 19.04
CA ARG B 96 -6.08 7.87 17.96
C ARG B 96 -5.36 9.19 17.73
N GLY B 97 -5.74 9.91 16.68
CA GLY B 97 -5.02 11.13 16.25
C GLY B 97 -5.46 12.35 17.03
N THR B 98 -4.95 13.51 16.61
CA THR B 98 -5.22 14.84 17.23
C THR B 98 -5.80 15.75 16.13
N VAL B 99 -6.45 16.84 16.53
CA VAL B 99 -7.14 17.78 15.59
C VAL B 99 -6.06 18.67 14.98
N GLN B 100 -4.96 18.84 15.70
CA GLN B 100 -3.74 19.59 15.29
C GLN B 100 -3.17 18.98 13.99
N ASP B 101 -3.36 17.69 13.74
CA ASP B 101 -2.79 17.04 12.53
C ASP B 101 -3.95 16.64 11.60
N ARG B 102 -4.29 15.35 11.50
CA ARG B 102 -5.32 14.87 10.55
C ARG B 102 -6.43 14.12 11.31
N ALA B 103 -6.46 14.22 12.64
CA ALA B 103 -7.54 13.67 13.49
C ALA B 103 -7.62 12.17 13.27
N GLU B 104 -6.55 11.56 12.77
CA GLU B 104 -6.53 10.12 12.46
C GLU B 104 -5.11 9.55 12.64
N THR B 105 -5.04 8.37 13.26
CA THR B 105 -3.93 7.40 13.23
C THR B 105 -4.35 6.30 12.25
N THR B 106 -3.45 5.89 11.35
CA THR B 106 -3.74 4.98 10.22
C THR B 106 -2.71 3.86 10.18
N ILE B 107 -3.18 2.61 10.13
CA ILE B 107 -2.39 1.40 9.78
C ILE B 107 -3.08 0.72 8.60
N GLY B 108 -2.31 0.28 7.60
CA GLY B 108 -2.83 -0.45 6.43
C GLY B 108 -2.87 -1.95 6.67
N ASP B 109 -2.33 -2.72 5.74
CA ASP B 109 -2.55 -4.19 5.66
C ASP B 109 -1.24 -4.97 5.81
N HIS B 110 -1.36 -6.18 6.34
CA HIS B 110 -0.29 -7.22 6.41
C HIS B 110 0.88 -6.73 7.29
N ASN B 111 0.60 -5.94 8.32
CA ASN B 111 1.63 -5.43 9.25
C ASN B 111 1.76 -6.40 10.42
N LEU B 112 2.98 -6.58 10.92
CA LEU B 112 3.27 -7.38 12.14
C LEU B 112 3.81 -6.42 13.18
N ILE B 113 3.06 -6.24 14.26
CA ILE B 113 3.42 -5.28 15.34
C ILE B 113 3.60 -6.10 16.61
N MET B 114 4.85 -6.24 17.04
CA MET B 114 5.21 -7.23 18.08
C MET B 114 4.99 -6.60 19.46
N ALA B 115 5.21 -7.40 20.49
CA ALA B 115 4.86 -7.12 21.90
C ALA B 115 5.37 -5.76 22.35
N TYR B 116 4.49 -5.01 23.01
CA TYR B 116 4.77 -3.75 23.74
C TYR B 116 5.25 -2.65 22.78
N ALA B 117 4.99 -2.81 21.50
CA ALA B 117 5.17 -1.72 20.51
C ALA B 117 4.19 -0.58 20.83
N HIS B 118 4.61 0.65 20.55
CA HIS B 118 3.78 1.87 20.71
C HIS B 118 3.64 2.55 19.34
N ILE B 119 2.38 2.79 18.95
CA ILE B 119 2.02 3.56 17.71
C ILE B 119 1.30 4.82 18.18
N GLY B 120 2.05 5.92 18.26
CA GLY B 120 1.64 7.21 18.85
C GLY B 120 0.62 7.94 17.98
N HIS B 121 -0.07 8.90 18.56
CA HIS B 121 -1.12 9.71 17.87
C HIS B 121 -0.65 10.14 16.48
N ASP B 122 -1.50 9.97 15.46
CA ASP B 122 -1.35 10.60 14.12
C ASP B 122 -0.26 9.92 13.29
N SER B 123 0.33 8.83 13.75
CA SER B 123 1.26 7.99 12.96
C SER B 123 0.53 7.36 11.77
N VAL B 124 1.25 7.10 10.69
CA VAL B 124 0.71 6.41 9.49
C VAL B 124 1.62 5.23 9.17
N ILE B 125 1.09 4.02 9.27
CA ILE B 125 1.82 2.80 8.85
C ILE B 125 1.21 2.28 7.54
N GLY B 126 2.07 2.01 6.56
CA GLY B 126 1.69 1.38 5.27
C GLY B 126 1.39 -0.11 5.40
N ASN B 127 1.93 -0.89 4.47
CA ASN B 127 1.59 -2.33 4.33
C ASN B 127 2.87 -3.16 4.44
N HIS B 128 2.79 -4.36 5.02
CA HIS B 128 3.88 -5.36 5.07
C HIS B 128 5.05 -4.86 5.94
N CYS B 129 4.79 -3.93 6.86
CA CYS B 129 5.81 -3.42 7.81
C CYS B 129 5.98 -4.42 8.96
N ILE B 130 7.14 -4.42 9.61
CA ILE B 130 7.37 -5.19 10.87
C ILE B 130 7.92 -4.22 11.90
N LEU B 131 7.23 -4.11 13.02
CA LEU B 131 7.68 -3.38 14.22
C LEU B 131 7.97 -4.45 15.29
N VAL B 132 9.23 -4.70 15.59
CA VAL B 132 9.63 -5.74 16.57
C VAL B 132 9.36 -5.18 17.98
N ASN B 133 9.31 -6.06 18.98
CA ASN B 133 9.04 -5.75 20.42
C ASN B 133 9.47 -4.35 20.82
N ASN B 134 8.57 -3.56 21.42
CA ASN B 134 8.94 -2.32 22.15
C ASN B 134 9.41 -1.25 21.19
N THR B 135 9.15 -1.37 19.89
CA THR B 135 9.36 -0.27 18.92
C THR B 135 8.39 0.84 19.32
N ALA B 136 8.88 2.06 19.54
CA ALA B 136 8.02 3.19 19.96
C ALA B 136 8.02 4.30 18.91
N LEU B 137 6.84 4.55 18.31
CA LEU B 137 6.64 5.69 17.39
C LEU B 137 5.99 6.81 18.20
N ALA B 138 6.72 7.90 18.44
CA ALA B 138 6.33 8.94 19.41
C ALA B 138 5.09 9.75 18.97
N GLY B 139 4.77 9.82 17.68
CA GLY B 139 3.61 10.58 17.19
C GLY B 139 3.88 11.17 15.83
N HIS B 140 2.90 11.24 14.93
CA HIS B 140 3.06 11.86 13.59
C HIS B 140 4.19 11.16 12.80
N VAL B 141 4.49 9.88 13.09
CA VAL B 141 5.52 9.07 12.38
C VAL B 141 4.88 8.38 11.17
N HIS B 142 5.49 8.51 10.00
CA HIS B 142 5.03 7.90 8.72
C HIS B 142 6.01 6.76 8.42
N VAL B 143 5.50 5.54 8.39
CA VAL B 143 6.28 4.31 8.06
C VAL B 143 5.72 3.73 6.76
N ASP B 144 6.49 3.84 5.68
CA ASP B 144 6.13 3.35 4.34
C ASP B 144 6.37 1.84 4.25
N ASP B 145 5.87 1.24 3.15
CA ASP B 145 5.74 -0.22 2.94
C ASP B 145 7.07 -0.97 3.15
N TRP B 146 6.95 -2.13 3.77
CA TRP B 146 8.00 -3.17 3.95
C TRP B 146 9.10 -2.71 4.92
N ALA B 147 8.97 -1.60 5.63
CA ALA B 147 10.01 -1.18 6.60
C ALA B 147 10.04 -2.23 7.74
N ILE B 148 11.23 -2.48 8.28
CA ILE B 148 11.46 -3.37 9.45
C ILE B 148 12.17 -2.54 10.51
N LEU B 149 11.54 -2.41 11.69
CA LEU B 149 12.16 -1.74 12.86
C LEU B 149 12.44 -2.84 13.89
N SER B 150 13.71 -3.14 14.12
CA SER B 150 14.14 -4.16 15.10
C SER B 150 13.77 -3.74 16.53
N GLY B 151 13.93 -4.65 17.50
CA GLY B 151 13.44 -4.49 18.88
C GLY B 151 13.89 -3.18 19.46
N TYR B 152 13.01 -2.51 20.19
CA TYR B 152 13.37 -1.32 21.00
C TYR B 152 13.95 -0.22 20.10
N THR B 153 13.47 -0.12 18.85
CA THR B 153 13.71 1.05 17.98
C THR B 153 12.83 2.20 18.49
N LEU B 154 13.42 3.35 18.80
CA LEU B 154 12.69 4.56 19.24
C LEU B 154 12.64 5.52 18.05
N VAL B 155 11.42 6.00 17.72
CA VAL B 155 11.25 7.01 16.63
C VAL B 155 10.65 8.31 17.18
N HIS B 156 11.40 9.38 16.97
CA HIS B 156 10.99 10.74 17.39
C HIS B 156 9.77 11.17 16.55
N GLN B 157 8.95 12.03 17.14
CA GLN B 157 7.76 12.69 16.51
C GLN B 157 8.13 13.22 15.12
N TYR B 158 7.24 13.06 14.14
CA TYR B 158 7.33 13.64 12.77
C TYR B 158 8.36 12.94 11.87
N CYS B 159 9.13 11.96 12.37
CA CYS B 159 10.13 11.23 11.55
C CYS B 159 9.39 10.41 10.48
N ARG B 160 9.98 10.30 9.28
CA ARG B 160 9.50 9.46 8.18
C ARG B 160 10.47 8.27 8.09
N ILE B 161 9.93 7.06 8.05
CA ILE B 161 10.68 5.78 7.85
C ILE B 161 10.35 5.28 6.44
N GLY B 162 11.35 5.19 5.56
CA GLY B 162 11.18 4.94 4.13
C GLY B 162 10.80 3.49 3.83
N ALA B 163 10.22 3.28 2.65
CA ALA B 163 9.87 1.94 2.15
C ALA B 163 11.14 1.07 2.19
N HIS B 164 11.02 -0.16 2.67
CA HIS B 164 12.08 -1.20 2.63
C HIS B 164 13.29 -0.84 3.50
N SER B 165 13.17 0.13 4.40
CA SER B 165 14.27 0.53 5.31
C SER B 165 14.37 -0.51 6.44
N PHE B 166 15.50 -0.48 7.15
CA PHE B 166 15.82 -1.40 8.26
C PHE B 166 16.47 -0.62 9.39
N SER B 167 16.00 -0.85 10.63
CA SER B 167 16.63 -0.39 11.88
C SER B 167 17.13 -1.60 12.68
N GLY B 168 18.40 -1.56 13.09
CA GLY B 168 19.00 -2.51 14.05
C GLY B 168 18.37 -2.35 15.43
N MET B 169 18.48 -3.41 16.23
CA MET B 169 17.91 -3.46 17.60
C MET B 169 18.42 -2.26 18.41
N GLY B 170 17.50 -1.55 19.08
CA GLY B 170 17.81 -0.42 19.96
C GLY B 170 18.21 0.83 19.22
N SER B 171 17.86 0.96 17.94
CA SER B 171 18.13 2.21 17.19
C SER B 171 17.31 3.38 17.77
N ALA B 172 17.93 4.56 17.88
CA ALA B 172 17.30 5.80 18.37
C ALA B 172 17.24 6.80 17.21
N ILE B 173 16.08 6.86 16.55
CA ILE B 173 15.87 7.60 15.27
C ILE B 173 15.30 8.99 15.59
N GLY B 174 16.12 10.03 15.42
CA GLY B 174 15.73 11.44 15.59
C GLY B 174 15.56 12.15 14.27
N LYS B 175 16.05 11.57 13.17
CA LYS B 175 15.98 12.12 11.79
C LYS B 175 15.29 11.10 10.89
N ASP B 176 14.92 11.49 9.67
CA ASP B 176 14.20 10.60 8.73
C ASP B 176 15.16 9.52 8.23
N VAL B 177 14.61 8.35 7.95
CA VAL B 177 15.31 7.20 7.30
C VAL B 177 14.81 7.13 5.87
N PRO B 178 15.66 7.46 4.89
CA PRO B 178 15.28 7.32 3.49
C PRO B 178 14.85 5.88 3.17
N ALA B 179 14.14 5.69 2.07
CA ALA B 179 13.78 4.37 1.54
C ALA B 179 15.06 3.55 1.40
N TYR B 180 15.00 2.28 1.81
CA TYR B 180 16.00 1.20 1.55
C TYR B 180 17.20 1.29 2.48
N VAL B 181 17.32 2.35 3.26
CA VAL B 181 18.53 2.66 4.08
C VAL B 181 18.48 1.79 5.36
N THR B 182 19.65 1.31 5.78
N THR B 182 19.64 1.25 5.76
CA THR B 182 19.80 0.56 7.05
CA THR B 182 19.85 0.56 7.05
C THR B 182 20.50 1.46 8.07
C THR B 182 20.45 1.55 8.05
N VAL B 183 19.92 1.53 9.28
CA VAL B 183 20.37 2.41 10.39
C VAL B 183 20.50 1.56 11.65
N PHE B 184 21.47 1.93 12.47
CA PHE B 184 21.91 1.22 13.69
C PHE B 184 22.32 2.27 14.70
N GLY B 185 22.12 2.00 16.00
CA GLY B 185 22.81 2.74 17.08
C GLY B 185 21.92 3.77 17.73
N ASN B 186 22.40 4.33 18.84
CA ASN B 186 21.77 5.47 19.55
C ASN B 186 22.83 6.55 19.71
N PRO B 187 22.80 7.67 18.96
CA PRO B 187 21.81 7.92 17.92
C PRO B 187 22.02 7.10 16.62
N ALA B 188 20.93 6.92 15.88
CA ALA B 188 20.89 6.03 14.70
C ALA B 188 21.87 6.57 13.67
N GLU B 189 22.59 5.67 13.00
CA GLU B 189 23.57 5.97 11.94
C GLU B 189 23.24 5.18 10.69
N ALA B 190 23.34 5.83 9.53
CA ALA B 190 23.20 5.21 8.18
C ALA B 190 24.42 4.31 7.92
N ARG B 191 24.21 2.99 7.75
CA ARG B 191 25.30 2.04 7.43
C ARG B 191 25.32 1.83 5.91
N SER B 192 24.22 1.32 5.37
CA SER B 192 24.17 0.81 3.98
C SER B 192 22.73 0.82 3.48
N MET B 193 22.44 -0.03 2.50
CA MET B 193 21.05 -0.27 2.07
C MET B 193 20.68 -1.73 2.32
N ASN B 194 19.37 -1.97 2.32
CA ASN B 194 18.75 -3.24 2.74
C ASN B 194 18.72 -4.17 1.54
N PHE B 195 19.90 -4.56 1.08
CA PHE B 195 20.06 -5.38 -0.14
C PHE B 195 19.40 -6.74 0.10
N GLU B 196 19.50 -7.29 1.31
CA GLU B 196 18.84 -8.57 1.70
C GLU B 196 17.34 -8.48 1.44
N GLY B 197 16.66 -7.45 1.97
CA GLY B 197 15.24 -7.19 1.72
C GLY B 197 14.91 -6.95 0.24
N MET B 198 15.79 -6.28 -0.50
CA MET B 198 15.57 -6.04 -1.95
C MET B 198 15.52 -7.39 -2.70
N ARG B 199 16.39 -8.34 -2.35
CA ARG B 199 16.51 -9.66 -3.03
C ARG B 199 15.33 -10.56 -2.61
N ARG B 200 14.96 -10.51 -1.33
CA ARG B 200 13.78 -11.21 -0.76
C ARG B 200 12.51 -10.75 -1.46
N ARG B 201 12.48 -9.53 -1.98
N ARG B 201 12.48 -9.49 -1.92
CA ARG B 201 11.25 -8.93 -2.57
CA ARG B 201 11.27 -8.88 -2.56
C ARG B 201 11.40 -8.82 -4.10
C ARG B 201 11.29 -9.09 -4.08
N GLY B 202 12.43 -9.47 -4.65
CA GLY B 202 12.54 -9.78 -6.09
C GLY B 202 12.94 -8.59 -6.93
N PHE B 203 13.69 -7.64 -6.38
CA PHE B 203 14.16 -6.49 -7.17
C PHE B 203 15.11 -7.00 -8.25
N SER B 204 15.08 -6.33 -9.41
CA SER B 204 16.04 -6.57 -10.51
C SER B 204 17.44 -6.16 -10.06
N SER B 205 18.44 -6.84 -10.64
CA SER B 205 19.89 -6.54 -10.53
C SER B 205 20.13 -5.08 -10.93
N GLU B 206 19.50 -4.64 -12.01
CA GLU B 206 19.65 -3.25 -12.53
C GLU B 206 19.18 -2.27 -11.46
N ALA B 207 18.06 -2.54 -10.81
CA ALA B 207 17.49 -1.60 -9.82
C ALA B 207 18.42 -1.58 -8.60
N ILE B 208 18.93 -2.73 -8.17
CA ILE B 208 19.82 -2.81 -6.97
C ILE B 208 21.08 -2.01 -7.27
N HIS B 209 21.70 -2.19 -8.45
N HIS B 209 21.68 -2.22 -8.44
CA HIS B 209 22.92 -1.45 -8.85
CA HIS B 209 22.88 -1.48 -8.92
C HIS B 209 22.62 0.06 -8.88
C HIS B 209 22.60 0.03 -8.85
N ALA B 210 21.45 0.46 -9.40
CA ALA B 210 21.03 1.88 -9.47
C ALA B 210 20.86 2.43 -8.03
N LEU B 211 20.31 1.63 -7.10
CA LEU B 211 20.15 2.07 -5.69
C LEU B 211 21.53 2.17 -4.98
N ARG B 212 22.40 1.17 -5.16
CA ARG B 212 23.82 1.19 -4.68
C ARG B 212 24.45 2.52 -5.07
N ARG B 213 24.37 2.91 -6.35
CA ARG B 213 24.98 4.16 -6.87
C ARG B 213 24.35 5.40 -6.22
N ALA B 214 23.03 5.40 -6.01
CA ALA B 214 22.25 6.53 -5.46
C ALA B 214 22.65 6.81 -4.01
N TYR B 215 22.81 5.76 -3.20
CA TYR B 215 23.38 5.85 -1.83
C TYR B 215 24.66 6.69 -1.86
N LYS B 216 25.59 6.32 -2.74
CA LYS B 216 26.91 6.96 -2.89
C LYS B 216 26.74 8.45 -3.16
N VAL B 217 25.81 8.80 -4.05
CA VAL B 217 25.54 10.19 -4.47
C VAL B 217 25.06 11.02 -3.26
N VAL B 218 24.19 10.45 -2.42
CA VAL B 218 23.61 11.19 -1.26
C VAL B 218 24.63 11.27 -0.10
N TYR B 219 25.33 10.18 0.22
CA TYR B 219 26.06 9.99 1.51
C TYR B 219 27.58 10.11 1.38
N ARG B 220 28.18 9.89 0.19
CA ARG B 220 29.65 9.59 0.06
C ARG B 220 30.39 10.51 -0.92
N GLN B 221 29.75 11.53 -1.49
CA GLN B 221 30.39 12.39 -2.53
C GLN B 221 30.48 13.83 -2.03
N GLY B 222 30.21 14.04 -0.74
CA GLY B 222 30.29 15.35 -0.07
C GLY B 222 29.29 16.35 -0.62
N HIS B 223 28.23 15.93 -1.30
CA HIS B 223 27.18 16.82 -1.83
C HIS B 223 26.31 17.34 -0.69
N THR B 224 25.81 18.57 -0.77
CA THR B 224 24.67 19.00 0.07
C THR B 224 23.46 18.20 -0.43
N VAL B 225 22.36 18.19 0.31
CA VAL B 225 21.10 17.48 -0.07
C VAL B 225 20.60 18.00 -1.43
N GLU B 226 20.60 19.33 -1.65
CA GLU B 226 20.03 19.89 -2.91
C GLU B 226 20.92 19.45 -4.06
N GLU B 227 22.25 19.44 -3.86
CA GLU B 227 23.25 18.95 -4.86
C GLU B 227 22.99 17.47 -5.16
N ALA B 228 22.80 16.64 -4.14
CA ALA B 228 22.52 15.20 -4.29
C ALA B 228 21.18 14.98 -5.04
N LEU B 229 20.14 15.78 -4.72
CA LEU B 229 18.80 15.61 -5.36
C LEU B 229 18.93 15.91 -6.86
N ALA B 230 19.72 16.91 -7.23
CA ALA B 230 19.99 17.27 -8.65
C ALA B 230 20.78 16.13 -9.32
N GLU B 231 21.73 15.52 -8.63
CA GLU B 231 22.51 14.40 -9.22
C GLU B 231 21.62 13.16 -9.37
N LEU B 232 20.69 12.92 -8.45
CA LEU B 232 19.78 11.75 -8.51
C LEU B 232 18.76 11.87 -9.67
N ALA B 233 18.51 13.06 -10.22
CA ALA B 233 17.36 13.31 -11.13
C ALA B 233 17.40 12.33 -12.32
N GLU B 234 18.56 12.16 -12.92
CA GLU B 234 18.72 11.31 -14.15
C GLU B 234 18.32 9.87 -13.83
N SER B 235 18.93 9.27 -12.82
CA SER B 235 18.65 7.87 -12.37
C SER B 235 17.19 7.77 -11.91
N ALA B 236 16.67 8.77 -11.20
CA ALA B 236 15.29 8.75 -10.67
C ALA B 236 14.26 8.74 -11.81
N ALA B 237 14.59 9.36 -12.94
CA ALA B 237 13.75 9.36 -14.15
C ALA B 237 13.76 7.97 -14.80
N GLN B 238 14.84 7.19 -14.63
CA GLN B 238 15.00 5.85 -15.27
C GLN B 238 14.41 4.74 -14.40
N PHE B 239 14.66 4.73 -13.09
CA PHE B 239 14.25 3.65 -12.16
C PHE B 239 13.25 4.15 -11.12
N PRO B 240 12.05 3.56 -11.02
CA PRO B 240 11.12 3.89 -9.94
C PRO B 240 11.72 3.73 -8.54
N GLU B 241 12.63 2.77 -8.33
CA GLU B 241 13.20 2.55 -6.97
C GLU B 241 14.02 3.79 -6.58
N VAL B 242 14.77 4.33 -7.53
CA VAL B 242 15.62 5.52 -7.26
C VAL B 242 14.69 6.72 -7.05
N ALA B 243 13.57 6.81 -7.76
CA ALA B 243 12.57 7.89 -7.55
C ALA B 243 12.02 7.76 -6.14
N VAL B 244 11.75 6.55 -5.68
CA VAL B 244 11.27 6.27 -4.30
C VAL B 244 12.31 6.82 -3.29
N PHE B 245 13.59 6.54 -3.52
CA PHE B 245 14.73 7.03 -2.70
C PHE B 245 14.78 8.55 -2.73
N ARG B 246 14.85 9.14 -3.93
CA ARG B 246 14.99 10.62 -4.12
C ARG B 246 13.83 11.33 -3.42
N ASP B 247 12.61 10.78 -3.57
CA ASP B 247 11.36 11.34 -2.99
C ASP B 247 11.45 11.26 -1.45
N SER B 248 11.88 10.12 -0.89
CA SER B 248 12.03 9.96 0.57
C SER B 248 12.97 11.09 1.07
N ILE B 249 13.98 11.45 0.28
CA ILE B 249 14.98 12.48 0.68
C ILE B 249 14.33 13.85 0.58
N GLN B 250 13.72 14.13 -0.57
CA GLN B 250 13.05 15.43 -0.82
C GLN B 250 12.00 15.69 0.26
N SER B 251 11.27 14.66 0.72
CA SER B 251 10.11 14.81 1.63
C SER B 251 10.51 14.54 3.09
N ALA B 252 11.82 14.54 3.39
CA ALA B 252 12.35 14.22 4.73
C ALA B 252 12.46 15.52 5.52
N THR B 253 11.33 15.93 6.09
CA THR B 253 11.15 17.23 6.78
C THR B 253 12.09 17.38 7.99
N ARG B 254 12.61 16.30 8.61
CA ARG B 254 13.55 16.40 9.77
C ARG B 254 15.00 16.17 9.32
N GLY B 255 15.29 16.28 8.03
CA GLY B 255 16.61 15.92 7.48
C GLY B 255 16.81 14.42 7.56
N ILE B 256 17.83 13.92 6.87
CA ILE B 256 18.07 12.46 6.71
C ILE B 256 19.13 12.02 7.74
N THR B 257 18.98 10.81 8.24
CA THR B 257 19.95 10.08 9.10
C THR B 257 21.23 9.88 8.28
N ARG B 258 22.37 10.34 8.81
CA ARG B 258 23.70 10.18 8.15
C ARG B 258 24.58 9.22 8.94
N LEU C 3 -8.43 -22.81 45.59
CA LEU C 3 -7.00 -22.81 45.08
C LEU C 3 -6.97 -22.31 43.63
N ILE C 4 -7.75 -22.95 42.76
CA ILE C 4 -8.08 -22.46 41.39
C ILE C 4 -9.28 -21.52 41.53
N ASP C 5 -9.09 -20.23 41.27
CA ASP C 5 -10.16 -19.22 41.32
C ASP C 5 -11.26 -19.62 40.34
N PRO C 6 -12.56 -19.52 40.75
CA PRO C 6 -13.68 -19.87 39.88
C PRO C 6 -13.79 -19.07 38.57
N ARG C 7 -13.15 -17.89 38.51
CA ARG C 7 -13.11 -16.99 37.32
C ARG C 7 -11.94 -17.34 36.39
N ALA C 8 -11.05 -18.25 36.77
CA ALA C 8 -9.98 -18.74 35.86
C ALA C 8 -10.58 -19.73 34.85
N ILE C 9 -9.95 -19.82 33.67
CA ILE C 9 -10.27 -20.82 32.62
C ILE C 9 -9.13 -21.84 32.57
N ILE C 10 -9.43 -23.08 32.95
CA ILE C 10 -8.49 -24.23 32.85
C ILE C 10 -8.97 -25.11 31.70
N ASP C 11 -8.09 -25.34 30.73
CA ASP C 11 -8.40 -26.24 29.59
C ASP C 11 -8.49 -27.67 30.12
N PRO C 12 -9.49 -28.45 29.64
CA PRO C 12 -9.59 -29.87 29.96
C PRO C 12 -8.28 -30.66 29.87
N SER C 13 -7.43 -30.34 28.88
CA SER C 13 -6.15 -31.08 28.58
C SER C 13 -4.95 -30.54 29.36
N ALA C 14 -5.14 -29.56 30.26
CA ALA C 14 -4.08 -29.08 31.19
C ALA C 14 -3.93 -30.10 32.33
N ARG C 15 -2.78 -30.07 33.01
CA ARG C 15 -2.49 -30.99 34.13
C ARG C 15 -1.86 -30.16 35.25
N LEU C 16 -2.59 -29.97 36.35
CA LEU C 16 -2.15 -29.15 37.51
C LEU C 16 -1.93 -30.08 38.68
N ALA C 17 -0.77 -30.01 39.35
CA ALA C 17 -0.51 -30.66 40.66
C ALA C 17 -1.50 -30.07 41.66
N ALA C 18 -1.75 -30.78 42.76
CA ALA C 18 -2.91 -30.59 43.67
C ALA C 18 -2.82 -29.22 44.37
N ASP C 19 -1.59 -28.78 44.59
CA ASP C 19 -1.14 -27.61 45.39
C ASP C 19 -1.45 -26.30 44.65
N VAL C 20 -1.57 -26.33 43.34
CA VAL C 20 -1.38 -25.14 42.46
C VAL C 20 -2.51 -24.14 42.67
N GLN C 21 -2.16 -22.86 42.77
CA GLN C 21 -3.10 -21.71 42.85
C GLN C 21 -3.13 -21.00 41.50
N VAL C 22 -4.32 -20.62 41.04
CA VAL C 22 -4.50 -19.85 39.77
C VAL C 22 -5.43 -18.69 40.08
N GLY C 23 -4.97 -17.47 39.86
CA GLY C 23 -5.72 -16.24 40.14
C GLY C 23 -6.92 -16.06 39.21
N PRO C 24 -7.82 -15.12 39.54
CA PRO C 24 -8.99 -14.82 38.70
C PRO C 24 -8.59 -14.32 37.31
N TRP C 25 -9.35 -14.70 36.29
CA TRP C 25 -9.20 -14.16 34.92
C TRP C 25 -7.87 -14.63 34.31
N SER C 26 -7.33 -15.75 34.77
CA SER C 26 -6.12 -16.36 34.16
C SER C 26 -6.59 -17.49 33.25
N ILE C 27 -5.85 -17.73 32.17
CA ILE C 27 -6.14 -18.84 31.22
C ILE C 27 -4.97 -19.80 31.32
N VAL C 28 -5.27 -21.08 31.53
CA VAL C 28 -4.30 -22.20 31.50
C VAL C 28 -4.65 -23.04 30.27
N GLY C 29 -3.96 -22.81 29.15
CA GLY C 29 -4.36 -23.34 27.83
C GLY C 29 -4.09 -24.83 27.72
N ALA C 30 -4.54 -25.44 26.60
CA ALA C 30 -4.29 -26.86 26.26
C ALA C 30 -2.80 -27.21 26.38
N GLU C 31 -2.52 -28.43 26.85
CA GLU C 31 -1.18 -29.07 26.98
C GLU C 31 -0.26 -28.15 27.80
N VAL C 32 -0.74 -27.61 28.92
CA VAL C 32 0.09 -26.88 29.91
C VAL C 32 0.12 -27.72 31.16
N GLU C 33 1.31 -28.06 31.64
CA GLU C 33 1.51 -28.77 32.92
C GLU C 33 2.12 -27.76 33.91
N ILE C 34 1.61 -27.75 35.14
CA ILE C 34 2.03 -26.84 36.24
C ILE C 34 2.28 -27.72 37.47
N GLY C 35 3.47 -27.63 38.04
CA GLY C 35 3.95 -28.51 39.11
C GLY C 35 3.61 -27.93 40.47
N GLU C 36 3.81 -28.75 41.50
CA GLU C 36 3.32 -28.49 42.88
C GLU C 36 3.88 -27.16 43.42
N GLY C 37 3.07 -26.42 44.19
CA GLY C 37 3.48 -25.19 44.89
C GLY C 37 3.49 -23.96 44.00
N THR C 38 3.31 -24.11 42.69
CA THR C 38 3.37 -22.96 41.74
C THR C 38 2.15 -22.07 41.95
N VAL C 39 2.36 -20.76 41.98
CA VAL C 39 1.31 -19.71 42.12
C VAL C 39 1.19 -18.93 40.80
N ILE C 40 0.12 -19.18 40.03
CA ILE C 40 -0.25 -18.36 38.85
C ILE C 40 -1.08 -17.18 39.35
N GLY C 41 -0.60 -15.96 39.11
CA GLY C 41 -1.29 -14.72 39.51
C GLY C 41 -2.60 -14.54 38.76
N PRO C 42 -3.27 -13.38 38.92
CA PRO C 42 -4.43 -13.02 38.10
C PRO C 42 -4.00 -12.52 36.71
N HIS C 43 -4.88 -12.57 35.73
CA HIS C 43 -4.64 -11.98 34.38
C HIS C 43 -3.38 -12.59 33.74
N VAL C 44 -3.13 -13.89 33.92
CA VAL C 44 -1.98 -14.59 33.28
C VAL C 44 -2.52 -15.42 32.13
N VAL C 45 -1.82 -15.42 30.98
CA VAL C 45 -2.12 -16.30 29.82
C VAL C 45 -1.00 -17.34 29.67
N LEU C 46 -1.32 -18.62 29.86
CA LEU C 46 -0.37 -19.74 29.65
C LEU C 46 -0.82 -20.48 28.40
N LYS C 47 0.12 -20.77 27.49
CA LYS C 47 -0.16 -21.58 26.28
C LYS C 47 0.91 -22.70 26.21
N GLY C 48 0.53 -23.83 25.62
CA GLY C 48 1.42 -25.00 25.50
C GLY C 48 1.66 -25.37 24.03
N PRO C 49 2.34 -26.50 23.75
CA PRO C 49 2.89 -27.38 24.79
C PRO C 49 3.93 -26.75 25.72
N THR C 50 3.62 -26.66 27.02
CA THR C 50 4.47 -26.04 28.08
C THR C 50 4.46 -26.92 29.34
N LYS C 51 5.62 -27.08 29.98
CA LYS C 51 5.79 -27.70 31.32
C LYS C 51 6.38 -26.63 32.25
N ILE C 52 5.70 -26.35 33.36
CA ILE C 52 6.16 -25.45 34.45
C ILE C 52 6.38 -26.34 35.67
N GLY C 53 7.56 -26.25 36.29
CA GLY C 53 7.91 -27.08 37.46
C GLY C 53 7.28 -26.57 38.73
N LYS C 54 7.99 -26.75 39.83
CA LYS C 54 7.47 -26.65 41.21
C LYS C 54 7.84 -25.28 41.77
N HIS C 55 6.93 -24.72 42.59
CA HIS C 55 7.16 -23.53 43.46
C HIS C 55 7.57 -22.32 42.63
N ASN C 56 7.05 -22.22 41.42
CA ASN C 56 7.16 -20.99 40.58
C ASN C 56 6.11 -19.96 41.03
N ARG C 57 6.34 -18.69 40.69
CA ARG C 57 5.35 -17.59 40.83
C ARG C 57 5.29 -16.80 39.52
N ILE C 58 4.13 -16.76 38.87
CA ILE C 58 3.96 -15.98 37.60
C ILE C 58 2.99 -14.82 37.86
N TYR C 59 3.45 -13.58 37.67
CA TYR C 59 2.70 -12.33 37.97
C TYR C 59 1.76 -11.93 36.82
N GLN C 60 0.74 -11.13 37.15
CA GLN C 60 -0.30 -10.54 36.26
C GLN C 60 0.30 -10.04 34.94
N PHE C 61 -0.42 -10.32 33.84
CA PHE C 61 -0.26 -9.76 32.47
C PHE C 61 0.94 -10.38 31.76
N SER C 62 1.49 -11.47 32.30
CA SER C 62 2.49 -12.33 31.62
C SER C 62 1.77 -13.14 30.57
N SER C 63 2.44 -13.39 29.44
CA SER C 63 2.06 -14.36 28.39
C SER C 63 3.19 -15.39 28.29
N VAL C 64 2.95 -16.58 28.81
CA VAL C 64 4.00 -17.62 28.99
C VAL C 64 3.58 -18.81 28.13
N GLY C 65 4.35 -19.07 27.08
CA GLY C 65 4.14 -20.22 26.17
C GLY C 65 3.41 -19.85 24.88
N GLU C 66 3.34 -18.57 24.52
CA GLU C 66 2.80 -18.13 23.21
C GLU C 66 3.73 -18.59 22.07
N ASP C 67 3.17 -18.76 20.87
CA ASP C 67 3.93 -18.88 19.60
C ASP C 67 4.80 -17.63 19.43
N THR C 68 6.07 -17.80 19.05
CA THR C 68 6.90 -16.67 18.55
C THR C 68 6.18 -16.08 17.33
N PRO C 69 6.19 -14.74 17.15
CA PRO C 69 5.69 -14.17 15.90
C PRO C 69 6.75 -14.23 14.78
N ASP C 70 7.95 -14.74 15.07
CA ASP C 70 9.03 -14.88 14.07
C ASP C 70 8.39 -15.58 12.86
N LEU C 71 8.58 -15.05 11.66
CA LEU C 71 7.85 -15.53 10.45
C LEU C 71 8.27 -16.99 10.15
N LYS C 72 9.46 -17.41 10.56
CA LYS C 72 9.99 -18.78 10.26
C LYS C 72 9.24 -19.83 11.09
N TYR C 73 8.48 -19.44 12.12
CA TYR C 73 7.55 -20.36 12.84
C TYR C 73 6.27 -20.54 12.00
N LYS C 74 5.70 -21.76 11.96
CA LYS C 74 4.58 -22.11 11.04
C LYS C 74 3.52 -23.02 11.70
N GLY C 75 3.45 -23.11 13.03
CA GLY C 75 2.41 -23.84 13.78
C GLY C 75 2.88 -25.15 14.42
N GLU C 76 4.15 -25.53 14.26
CA GLU C 76 4.71 -26.82 14.76
C GLU C 76 4.49 -26.90 16.28
N PRO C 77 4.40 -28.11 16.89
CA PRO C 77 4.06 -28.22 18.32
C PRO C 77 5.31 -28.09 19.21
N THR C 78 6.06 -27.00 19.03
CA THR C 78 7.30 -26.67 19.77
C THR C 78 6.95 -26.43 21.24
N ARG C 79 7.96 -26.39 22.10
CA ARG C 79 7.77 -26.54 23.57
C ARG C 79 8.39 -25.37 24.33
N LEU C 80 7.93 -25.20 25.57
CA LEU C 80 8.59 -24.38 26.61
C LEU C 80 8.64 -25.22 27.89
N VAL C 81 9.82 -25.30 28.51
CA VAL C 81 10.07 -25.99 29.81
C VAL C 81 10.64 -24.94 30.75
N ILE C 82 9.98 -24.74 31.88
CA ILE C 82 10.44 -23.89 33.01
C ILE C 82 10.64 -24.85 34.18
N GLY C 83 11.71 -24.68 34.95
CA GLY C 83 12.05 -25.50 36.14
C GLY C 83 11.29 -25.09 37.38
N ASP C 84 12.00 -24.97 38.50
CA ASP C 84 11.43 -24.78 39.85
C ASP C 84 11.90 -23.46 40.42
N HIS C 85 11.11 -22.87 41.31
CA HIS C 85 11.52 -21.76 42.20
C HIS C 85 11.84 -20.50 41.39
N ASN C 86 11.21 -20.35 40.23
CA ASN C 86 11.38 -19.13 39.40
C ASN C 86 10.30 -18.10 39.77
N VAL C 87 10.68 -16.83 39.70
CA VAL C 87 9.75 -15.66 39.78
C VAL C 87 9.66 -15.03 38.39
N ILE C 88 8.47 -14.94 37.84
CA ILE C 88 8.18 -14.32 36.52
C ILE C 88 7.27 -13.11 36.78
N ARG C 89 7.81 -11.90 36.70
CA ARG C 89 7.10 -10.68 37.16
C ARG C 89 6.12 -10.16 36.08
N GLU C 90 5.59 -8.96 36.32
CA GLU C 90 4.46 -8.34 35.55
C GLU C 90 4.84 -8.29 34.08
N GLY C 91 4.00 -8.86 33.21
CA GLY C 91 4.00 -8.56 31.76
C GLY C 91 5.16 -9.20 31.02
N VAL C 92 5.74 -10.25 31.57
CA VAL C 92 6.88 -10.95 30.92
C VAL C 92 6.30 -11.75 29.76
N THR C 93 7.02 -11.78 28.64
CA THR C 93 6.66 -12.64 27.48
C THR C 93 7.69 -13.75 27.36
N ILE C 94 7.24 -15.01 27.30
CA ILE C 94 8.11 -16.20 27.08
C ILE C 94 7.57 -16.98 25.88
N HIS C 95 8.36 -17.17 24.83
CA HIS C 95 7.88 -17.82 23.60
C HIS C 95 8.47 -19.23 23.52
N ARG C 96 7.65 -20.16 23.01
CA ARG C 96 8.05 -21.56 22.76
C ARG C 96 9.08 -21.56 21.63
N GLY C 97 9.71 -22.71 21.37
CA GLY C 97 10.83 -22.80 20.42
C GLY C 97 10.41 -22.88 18.96
N THR C 98 11.37 -23.13 18.07
CA THR C 98 11.16 -23.35 16.60
C THR C 98 11.82 -24.67 16.20
N VAL C 99 11.31 -25.33 15.16
CA VAL C 99 11.85 -26.64 14.67
C VAL C 99 13.23 -26.40 14.03
N GLN C 100 13.49 -25.20 13.53
CA GLN C 100 14.79 -24.78 12.92
C GLN C 100 15.94 -24.92 13.93
N ASP C 101 15.68 -24.73 15.24
CA ASP C 101 16.69 -24.90 16.32
C ASP C 101 16.42 -26.27 16.98
N ARG C 102 16.08 -26.36 18.27
CA ARG C 102 15.82 -27.67 18.95
C ARG C 102 14.39 -27.73 19.48
N ALA C 103 13.50 -26.86 18.96
CA ALA C 103 12.03 -26.92 19.13
C ALA C 103 11.64 -26.71 20.60
N GLU C 104 12.43 -25.95 21.38
CA GLU C 104 12.19 -25.80 22.83
C GLU C 104 12.83 -24.51 23.34
N THR C 105 12.06 -23.70 24.08
CA THR C 105 12.59 -22.63 24.97
C THR C 105 12.69 -23.26 26.36
N THR C 106 13.84 -23.11 27.02
CA THR C 106 14.19 -23.81 28.28
C THR C 106 14.66 -22.80 29.33
N ILE C 107 14.04 -22.82 30.50
CA ILE C 107 14.42 -22.06 31.71
C ILE C 107 14.66 -23.07 32.84
N GLY C 108 15.72 -22.90 33.63
CA GLY C 108 16.09 -23.78 34.75
C GLY C 108 15.38 -23.38 36.03
N ASP C 109 16.11 -23.32 37.15
CA ASP C 109 15.57 -23.15 38.51
C ASP C 109 16.04 -21.82 39.09
N HIS C 110 15.31 -21.26 40.05
CA HIS C 110 15.76 -20.17 40.95
C HIS C 110 16.08 -18.93 40.11
N ASN C 111 15.43 -18.76 38.96
CA ASN C 111 15.64 -17.54 38.15
C ASN C 111 14.65 -16.46 38.58
N LEU C 112 15.06 -15.21 38.47
CA LEU C 112 14.19 -14.04 38.72
C LEU C 112 14.08 -13.25 37.41
N ILE C 113 12.90 -13.21 36.79
CA ILE C 113 12.66 -12.48 35.52
C ILE C 113 11.68 -11.33 35.80
N MET C 114 12.19 -10.10 35.79
CA MET C 114 11.46 -8.89 36.24
C MET C 114 10.56 -8.39 35.12
N ALA C 115 9.80 -7.31 35.39
CA ALA C 115 8.62 -6.88 34.59
C ALA C 115 9.01 -6.65 33.13
N TYR C 116 8.20 -7.18 32.21
CA TYR C 116 8.19 -6.88 30.76
C TYR C 116 9.45 -7.38 30.05
N ALA C 117 10.29 -8.20 30.71
CA ALA C 117 11.37 -8.95 30.05
C ALA C 117 10.77 -9.85 28.97
N HIS C 118 11.59 -10.14 27.97
CA HIS C 118 11.23 -10.99 26.81
C HIS C 118 12.23 -12.14 26.69
N ILE C 119 11.74 -13.38 26.75
CA ILE C 119 12.54 -14.60 26.44
C ILE C 119 12.11 -15.16 25.08
N GLY C 120 12.83 -14.73 24.03
CA GLY C 120 12.62 -15.15 22.64
C GLY C 120 12.77 -16.64 22.42
N HIS C 121 12.08 -17.13 21.40
CA HIS C 121 12.11 -18.53 20.92
C HIS C 121 13.52 -19.13 21.04
N ASP C 122 13.61 -20.34 21.59
CA ASP C 122 14.78 -21.23 21.59
C ASP C 122 15.86 -20.71 22.55
N SER C 123 15.56 -19.71 23.38
CA SER C 123 16.52 -19.24 24.40
C SER C 123 16.62 -20.34 25.48
N VAL C 124 17.80 -20.44 26.08
CA VAL C 124 18.12 -21.39 27.18
C VAL C 124 18.66 -20.60 28.36
N ILE C 125 17.91 -20.55 29.45
CA ILE C 125 18.33 -19.91 30.72
C ILE C 125 18.66 -21.04 31.69
N GLY C 126 19.80 -20.94 32.38
CA GLY C 126 20.19 -21.86 33.47
C GLY C 126 19.50 -21.53 34.78
N ASN C 127 20.28 -21.46 35.85
CA ASN C 127 19.79 -21.44 37.25
C ASN C 127 20.31 -20.17 37.91
N HIS C 128 19.52 -19.59 38.82
CA HIS C 128 19.95 -18.46 39.69
C HIS C 128 20.26 -17.21 38.83
N CYS C 129 19.62 -17.06 37.66
CA CYS C 129 19.82 -15.87 36.79
C CYS C 129 18.87 -14.74 37.25
N ILE C 130 19.27 -13.48 37.02
CA ILE C 130 18.36 -12.32 37.19
C ILE C 130 18.30 -11.57 35.86
N LEU C 131 17.11 -11.51 35.26
CA LEU C 131 16.82 -10.64 34.10
C LEU C 131 16.00 -9.45 34.61
N VAL C 132 16.63 -8.29 34.70
CA VAL C 132 15.98 -7.05 35.22
C VAL C 132 14.99 -6.54 34.15
N ASN C 133 14.08 -5.67 34.57
CA ASN C 133 12.98 -5.09 33.75
C ASN C 133 13.38 -4.92 32.29
N ASN C 134 12.54 -5.40 31.38
CA ASN C 134 12.58 -5.03 29.94
C ASN C 134 13.87 -5.57 29.29
N THR C 135 14.61 -6.47 29.92
CA THR C 135 15.68 -7.24 29.24
C THR C 135 15.04 -8.07 28.12
N ALA C 136 15.64 -8.07 26.94
CA ALA C 136 15.14 -8.75 25.72
C ALA C 136 16.17 -9.74 25.16
N LEU C 137 15.84 -11.04 25.22
CA LEU C 137 16.61 -12.12 24.56
C LEU C 137 15.97 -12.34 23.18
N ALA C 138 16.64 -11.87 22.12
CA ALA C 138 16.09 -11.81 20.75
C ALA C 138 15.76 -13.21 20.23
N GLY C 139 16.42 -14.27 20.73
CA GLY C 139 16.14 -15.65 20.26
C GLY C 139 17.41 -16.45 20.23
N HIS C 140 17.34 -17.76 20.54
CA HIS C 140 18.51 -18.68 20.55
C HIS C 140 19.64 -18.18 21.49
N VAL C 141 19.31 -17.42 22.53
CA VAL C 141 20.29 -16.84 23.51
C VAL C 141 20.46 -17.86 24.63
N HIS C 142 21.70 -18.18 24.98
CA HIS C 142 22.07 -19.06 26.11
C HIS C 142 22.59 -18.21 27.27
N VAL C 143 21.93 -18.30 28.43
CA VAL C 143 22.31 -17.58 29.67
C VAL C 143 22.65 -18.62 30.73
N ASP C 144 23.94 -18.72 31.08
CA ASP C 144 24.49 -19.70 32.04
C ASP C 144 24.26 -19.17 33.47
N ASP C 145 24.54 -20.01 34.48
CA ASP C 145 24.04 -19.86 35.87
C ASP C 145 24.58 -18.56 36.48
N TRP C 146 23.78 -17.91 37.29
CA TRP C 146 24.16 -16.75 38.13
C TRP C 146 24.34 -15.46 37.30
N ALA C 147 24.16 -15.48 35.97
CA ALA C 147 24.28 -14.24 35.19
C ALA C 147 23.22 -13.22 35.65
N ILE C 148 23.59 -11.94 35.61
CA ILE C 148 22.70 -10.79 35.92
C ILE C 148 22.69 -9.83 34.71
N LEU C 149 21.53 -9.66 34.10
CA LEU C 149 21.36 -8.65 33.02
C LEU C 149 20.49 -7.49 33.57
N SER C 150 21.09 -6.31 33.75
CA SER C 150 20.40 -5.11 34.28
C SER C 150 19.32 -4.59 33.28
N GLY C 151 18.52 -3.63 33.73
CA GLY C 151 17.32 -3.17 33.02
C GLY C 151 17.62 -2.83 31.57
N TYR C 152 16.77 -3.31 30.64
CA TYR C 152 16.76 -2.88 29.21
C TYR C 152 18.02 -3.38 28.51
N THR C 153 18.58 -4.48 28.98
CA THR C 153 19.68 -5.18 28.28
C THR C 153 19.04 -5.89 27.08
N LEU C 154 19.55 -5.59 25.89
CA LEU C 154 19.18 -6.26 24.61
C LEU C 154 20.30 -7.22 24.25
N VAL C 155 19.92 -8.47 23.99
CA VAL C 155 20.86 -9.54 23.54
C VAL C 155 20.45 -10.02 22.16
N HIS C 156 21.40 -9.95 21.23
CA HIS C 156 21.30 -10.41 19.82
C HIS C 156 21.15 -11.93 19.80
N GLN C 157 20.48 -12.43 18.77
CA GLN C 157 20.21 -13.86 18.56
C GLN C 157 21.53 -14.65 18.61
N TYR C 158 21.52 -15.81 19.25
CA TYR C 158 22.62 -16.83 19.28
C TYR C 158 23.72 -16.47 20.29
N CYS C 159 23.63 -15.35 20.99
CA CYS C 159 24.70 -14.92 21.93
C CYS C 159 24.68 -15.78 23.20
N ARG C 160 25.87 -16.05 23.76
CA ARG C 160 26.01 -16.76 25.07
C ARG C 160 26.42 -15.76 26.16
N ILE C 161 25.68 -15.77 27.26
CA ILE C 161 25.95 -14.95 28.47
C ILE C 161 26.58 -15.91 29.48
N GLY C 162 27.84 -15.70 29.83
CA GLY C 162 28.57 -16.65 30.70
C GLY C 162 28.05 -16.65 32.14
N ALA C 163 28.33 -17.72 32.87
CA ALA C 163 28.01 -17.82 34.31
C ALA C 163 28.59 -16.62 35.07
N HIS C 164 27.85 -16.06 36.01
CA HIS C 164 28.28 -14.94 36.90
C HIS C 164 28.64 -13.67 36.10
N SER C 165 28.34 -13.61 34.79
CA SER C 165 28.53 -12.38 33.99
C SER C 165 27.50 -11.33 34.42
N PHE C 166 27.74 -10.08 34.05
CA PHE C 166 26.90 -8.96 34.49
C PHE C 166 26.83 -7.92 33.37
N SER C 167 25.63 -7.47 33.03
CA SER C 167 25.43 -6.35 32.06
C SER C 167 24.86 -5.15 32.79
N GLY C 168 25.43 -3.96 32.52
CA GLY C 168 24.90 -2.68 33.01
C GLY C 168 23.59 -2.35 32.34
N MET C 169 22.78 -1.48 32.95
CA MET C 169 21.44 -1.14 32.37
C MET C 169 21.64 -0.49 31.01
N GLY C 170 20.80 -0.89 30.04
CA GLY C 170 20.80 -0.40 28.65
C GLY C 170 21.93 -0.99 27.83
N SER C 171 22.53 -2.10 28.27
CA SER C 171 23.62 -2.77 27.50
C SER C 171 23.02 -3.35 26.23
N ALA C 172 23.73 -3.26 25.11
CA ALA C 172 23.35 -3.90 23.84
C ALA C 172 24.45 -4.89 23.49
N ILE C 173 24.14 -6.17 23.65
CA ILE C 173 25.10 -7.31 23.62
C ILE C 173 24.94 -7.97 22.25
N GLY C 174 25.94 -7.75 21.38
CA GLY C 174 26.05 -8.32 20.03
C GLY C 174 27.00 -9.51 19.96
N LYS C 175 27.75 -9.80 21.02
CA LYS C 175 28.72 -10.92 21.03
C LYS C 175 28.71 -11.59 22.40
N ASP C 176 29.26 -12.80 22.48
CA ASP C 176 29.27 -13.65 23.69
C ASP C 176 29.87 -12.86 24.85
N VAL C 177 29.30 -13.00 26.04
CA VAL C 177 29.93 -12.46 27.27
C VAL C 177 30.52 -13.64 28.04
N PRO C 178 31.87 -13.63 28.25
CA PRO C 178 32.53 -14.70 28.97
C PRO C 178 32.05 -14.70 30.42
N ALA C 179 32.13 -15.85 31.07
CA ALA C 179 31.84 -16.00 32.51
C ALA C 179 32.55 -14.90 33.31
N TYR C 180 31.84 -14.32 34.30
CA TYR C 180 32.35 -13.35 35.31
C TYR C 180 32.48 -11.94 34.73
N VAL C 181 32.55 -11.78 33.40
CA VAL C 181 32.84 -10.45 32.76
C VAL C 181 31.65 -9.51 32.98
N THR C 182 31.97 -8.26 33.32
CA THR C 182 31.00 -7.15 33.50
C THR C 182 31.05 -6.32 32.22
N VAL C 183 29.91 -6.12 31.55
CA VAL C 183 29.84 -5.34 30.28
C VAL C 183 28.85 -4.18 30.44
N PHE C 184 29.09 -3.09 29.71
CA PHE C 184 28.35 -1.81 29.82
C PHE C 184 28.25 -1.16 28.44
N GLY C 185 27.13 -0.49 28.18
CA GLY C 185 27.00 0.45 27.06
C GLY C 185 26.42 -0.16 25.81
N ASN C 186 26.22 0.67 24.81
CA ASN C 186 25.60 0.31 23.50
C ASN C 186 26.53 0.85 22.43
N PRO C 187 27.32 0.00 21.73
CA PRO C 187 27.44 -1.44 22.01
C PRO C 187 28.17 -1.80 23.32
N ALA C 188 27.91 -3.01 23.83
CA ALA C 188 28.44 -3.48 25.13
C ALA C 188 29.96 -3.57 25.04
N GLU C 189 30.65 -3.16 26.10
CA GLU C 189 32.12 -3.38 26.18
C GLU C 189 32.49 -3.90 27.56
N ALA C 190 33.48 -4.80 27.56
CA ALA C 190 34.07 -5.45 28.75
C ALA C 190 34.74 -4.36 29.59
N ARG C 191 34.42 -4.31 30.88
CA ARG C 191 35.00 -3.35 31.86
C ARG C 191 35.89 -4.15 32.81
N SER C 192 35.35 -5.19 33.45
CA SER C 192 35.97 -5.90 34.59
C SER C 192 35.32 -7.27 34.83
N MET C 193 35.52 -7.82 36.04
CA MET C 193 34.90 -9.10 36.46
C MET C 193 33.94 -8.80 37.60
N ASN C 194 32.98 -9.71 37.80
CA ASN C 194 31.90 -9.64 38.82
C ASN C 194 32.47 -10.20 40.14
N PHE C 195 33.42 -9.48 40.75
CA PHE C 195 34.05 -9.82 42.04
C PHE C 195 32.97 -10.00 43.11
N GLU C 196 31.92 -9.17 43.11
CA GLU C 196 30.81 -9.25 44.10
C GLU C 196 30.06 -10.59 43.95
N GLY C 197 29.72 -11.01 42.71
CA GLY C 197 29.14 -12.34 42.45
C GLY C 197 29.99 -13.47 43.03
N MET C 198 31.32 -13.32 42.96
CA MET C 198 32.31 -14.34 43.41
C MET C 198 32.28 -14.41 44.94
N ARG C 199 32.29 -13.27 45.62
CA ARG C 199 32.17 -13.17 47.10
C ARG C 199 30.85 -13.82 47.48
N ARG C 200 29.79 -13.54 46.75
CA ARG C 200 28.42 -14.04 47.03
C ARG C 200 28.43 -15.58 47.01
N ARG C 201 29.31 -16.19 46.23
CA ARG C 201 29.41 -17.68 46.08
C ARG C 201 30.45 -18.27 47.04
N GLY C 202 31.04 -17.45 47.92
CA GLY C 202 32.11 -17.88 48.83
C GLY C 202 33.36 -18.34 48.09
N PHE C 203 33.64 -17.78 46.91
CA PHE C 203 34.92 -18.05 46.20
C PHE C 203 36.06 -17.75 47.17
N SER C 204 37.06 -18.63 47.17
CA SER C 204 38.35 -18.47 47.87
C SER C 204 39.08 -17.26 47.27
N SER C 205 39.90 -16.62 48.08
CA SER C 205 40.77 -15.48 47.68
C SER C 205 41.71 -15.96 46.57
N GLU C 206 42.11 -17.24 46.62
CA GLU C 206 42.99 -17.89 45.61
C GLU C 206 42.30 -17.84 44.24
N ALA C 207 41.10 -18.43 44.13
CA ALA C 207 40.23 -18.44 42.93
C ALA C 207 39.99 -17.01 42.43
N ILE C 208 39.62 -16.09 43.33
CA ILE C 208 39.36 -14.67 42.97
C ILE C 208 40.64 -14.09 42.34
N HIS C 209 41.78 -14.30 43.01
CA HIS C 209 43.13 -13.87 42.53
C HIS C 209 43.38 -14.44 41.14
N ALA C 210 43.21 -15.74 40.93
CA ALA C 210 43.48 -16.41 39.63
C ALA C 210 42.57 -15.86 38.52
N LEU C 211 41.32 -15.51 38.85
CA LEU C 211 40.34 -14.97 37.86
C LEU C 211 40.75 -13.54 37.49
N ARG C 212 41.16 -12.71 38.47
CA ARG C 212 41.72 -11.35 38.23
C ARG C 212 42.90 -11.45 37.24
N ARG C 213 43.82 -12.39 37.46
CA ARG C 213 44.95 -12.70 36.51
C ARG C 213 44.35 -13.07 35.14
N ALA C 214 43.42 -14.02 35.09
CA ALA C 214 42.83 -14.57 33.85
C ALA C 214 42.22 -13.45 33.00
N TYR C 215 41.49 -12.51 33.61
CA TYR C 215 40.94 -11.33 32.91
C TYR C 215 42.07 -10.58 32.20
N LYS C 216 43.17 -10.29 32.89
CA LYS C 216 44.33 -9.56 32.30
C LYS C 216 44.85 -10.34 31.08
N VAL C 217 45.05 -11.65 31.23
CA VAL C 217 45.53 -12.55 30.14
C VAL C 217 44.70 -12.30 28.88
N VAL C 218 43.37 -12.30 29.01
CA VAL C 218 42.44 -12.21 27.85
C VAL C 218 42.35 -10.76 27.35
N TYR C 219 42.24 -9.77 28.25
CA TYR C 219 41.79 -8.39 27.88
C TYR C 219 42.92 -7.34 27.90
N ARG C 220 44.00 -7.53 28.65
CA ARG C 220 44.92 -6.42 28.99
C ARG C 220 46.36 -6.69 28.52
N GLN C 221 46.72 -7.92 28.16
CA GLN C 221 48.13 -8.31 27.88
C GLN C 221 48.35 -8.47 26.37
N GLY C 222 47.41 -8.02 25.54
CA GLY C 222 47.60 -7.90 24.08
C GLY C 222 47.59 -9.23 23.35
N HIS C 223 47.31 -10.34 24.05
CA HIS C 223 47.20 -11.70 23.48
C HIS C 223 46.05 -11.77 22.46
N THR C 224 46.18 -12.59 21.39
CA THR C 224 45.01 -13.12 20.63
C THR C 224 44.25 -14.08 21.55
N VAL C 225 43.08 -14.54 21.12
CA VAL C 225 42.25 -15.49 21.91
C VAL C 225 43.02 -16.82 22.00
N GLU C 226 43.66 -17.25 20.91
CA GLU C 226 44.47 -18.50 20.89
C GLU C 226 45.51 -18.45 22.01
N GLU C 227 46.37 -17.40 21.99
CA GLU C 227 47.51 -17.28 22.93
C GLU C 227 46.94 -17.27 24.35
N ALA C 228 45.85 -16.50 24.55
CA ALA C 228 45.13 -16.38 25.84
C ALA C 228 44.75 -17.78 26.35
N LEU C 229 44.10 -18.58 25.50
CA LEU C 229 43.63 -19.92 25.91
C LEU C 229 44.83 -20.76 26.37
N ALA C 230 45.96 -20.70 25.66
CA ALA C 230 47.21 -21.44 25.97
C ALA C 230 47.72 -21.02 27.34
N GLU C 231 47.75 -19.71 27.60
CA GLU C 231 48.23 -19.12 28.87
C GLU C 231 47.32 -19.53 30.05
N LEU C 232 46.04 -19.83 29.79
CA LEU C 232 45.02 -20.06 30.87
C LEU C 232 44.97 -21.54 31.29
N ALA C 233 45.54 -22.44 30.49
CA ALA C 233 45.41 -23.91 30.64
C ALA C 233 45.84 -24.35 32.05
N GLU C 234 46.93 -23.79 32.59
CA GLU C 234 47.53 -24.23 33.88
C GLU C 234 46.59 -23.81 35.01
N SER C 235 46.16 -22.54 34.99
CA SER C 235 45.17 -21.93 35.91
C SER C 235 43.84 -22.69 35.82
N ALA C 236 43.41 -23.02 34.60
CA ALA C 236 42.15 -23.74 34.33
C ALA C 236 42.18 -25.11 35.00
N ALA C 237 43.33 -25.79 34.97
CA ALA C 237 43.56 -27.13 35.57
C ALA C 237 43.51 -27.03 37.10
N GLN C 238 44.04 -25.95 37.67
CA GLN C 238 44.21 -25.81 39.15
C GLN C 238 42.88 -25.36 39.77
N PHE C 239 42.13 -24.50 39.07
CA PHE C 239 40.89 -23.88 39.60
C PHE C 239 39.72 -24.16 38.67
N PRO C 240 38.71 -24.98 39.08
CA PRO C 240 37.49 -25.13 38.28
C PRO C 240 36.85 -23.78 37.96
N GLU C 241 36.98 -22.78 38.85
CA GLU C 241 36.42 -21.42 38.71
C GLU C 241 37.01 -20.74 37.47
N VAL C 242 38.28 -21.00 37.15
CA VAL C 242 38.98 -20.45 35.94
C VAL C 242 38.64 -21.31 34.72
N ALA C 243 38.48 -22.62 34.89
CA ALA C 243 38.02 -23.55 33.82
C ALA C 243 36.74 -22.98 33.18
N VAL C 244 35.83 -22.44 34.02
CA VAL C 244 34.50 -21.91 33.61
C VAL C 244 34.75 -20.73 32.66
N PHE C 245 35.56 -19.77 33.11
CA PHE C 245 35.99 -18.61 32.32
C PHE C 245 36.61 -19.09 31.00
N ARG C 246 37.59 -20.00 31.10
CA ARG C 246 38.37 -20.49 29.93
C ARG C 246 37.43 -21.19 28.93
N ASP C 247 36.51 -22.02 29.41
CA ASP C 247 35.58 -22.79 28.51
C ASP C 247 34.60 -21.83 27.82
N SER C 248 34.21 -20.75 28.49
CA SER C 248 33.28 -19.72 27.94
C SER C 248 33.96 -19.01 26.78
N ILE C 249 35.27 -18.76 26.88
CA ILE C 249 36.03 -18.15 25.76
C ILE C 249 36.20 -19.21 24.67
N GLN C 250 36.59 -20.44 25.03
CA GLN C 250 36.76 -21.58 24.08
C GLN C 250 35.53 -21.69 23.16
N SER C 251 34.33 -21.76 23.73
CA SER C 251 33.08 -22.05 22.99
C SER C 251 32.45 -20.79 22.39
N ALA C 252 33.18 -19.68 22.30
CA ALA C 252 32.68 -18.41 21.71
C ALA C 252 33.14 -18.29 20.26
N THR C 253 32.73 -19.21 19.39
CA THR C 253 33.20 -19.24 17.99
C THR C 253 32.82 -17.92 17.29
N ARG C 254 31.83 -17.19 17.81
CA ARG C 254 31.33 -15.87 17.30
C ARG C 254 32.35 -14.75 17.56
N GLY C 255 33.21 -14.89 18.58
CA GLY C 255 34.02 -13.79 19.15
C GLY C 255 33.47 -13.35 20.50
N ILE C 256 34.28 -12.69 21.33
CA ILE C 256 33.90 -12.28 22.70
C ILE C 256 33.67 -10.76 22.71
N THR C 257 32.77 -10.29 23.57
CA THR C 257 32.58 -8.83 23.84
C THR C 257 33.94 -8.28 24.30
N ARG C 258 34.45 -7.27 23.59
CA ARG C 258 35.77 -6.61 23.84
C ARG C 258 35.53 -5.32 24.64
N SER D 2 -13.80 -31.35 -16.45
CA SER D 2 -15.02 -31.68 -17.26
C SER D 2 -14.63 -31.88 -18.73
N LEU D 3 -14.49 -30.79 -19.49
CA LEU D 3 -14.17 -30.83 -20.95
C LEU D 3 -12.93 -29.98 -21.19
N ILE D 4 -11.79 -30.64 -21.22
CA ILE D 4 -10.46 -30.07 -21.58
C ILE D 4 -10.23 -30.41 -23.05
N ASP D 5 -10.56 -29.48 -23.94
CA ASP D 5 -10.30 -29.68 -25.38
C ASP D 5 -8.84 -30.04 -25.61
N PRO D 6 -8.55 -31.11 -26.39
CA PRO D 6 -7.16 -31.51 -26.66
C PRO D 6 -6.43 -30.53 -27.57
N ARG D 7 -7.13 -29.60 -28.22
CA ARG D 7 -6.50 -28.52 -29.04
C ARG D 7 -5.93 -27.43 -28.11
N ALA D 8 -6.26 -27.46 -26.81
CA ALA D 8 -5.71 -26.52 -25.80
C ALA D 8 -4.32 -27.01 -25.41
N ILE D 9 -3.42 -26.10 -25.04
CA ILE D 9 -2.10 -26.44 -24.44
C ILE D 9 -2.20 -26.21 -22.93
N ILE D 10 -2.11 -27.28 -22.11
CA ILE D 10 -2.04 -27.16 -20.63
C ILE D 10 -0.60 -27.44 -20.21
N ASP D 11 0.08 -26.50 -19.56
CA ASP D 11 1.43 -26.75 -19.00
C ASP D 11 1.32 -27.83 -17.94
N PRO D 12 2.32 -28.74 -17.83
CA PRO D 12 2.34 -29.73 -16.76
C PRO D 12 2.31 -29.17 -15.32
N SER D 13 2.81 -27.95 -15.09
CA SER D 13 2.80 -27.30 -13.75
C SER D 13 1.48 -26.52 -13.53
N ALA D 14 0.52 -26.60 -14.46
CA ALA D 14 -0.82 -25.99 -14.29
C ALA D 14 -1.68 -26.92 -13.43
N ARG D 15 -2.58 -26.37 -12.63
CA ARG D 15 -3.49 -27.15 -11.75
C ARG D 15 -4.93 -26.82 -12.14
N LEU D 16 -5.69 -27.86 -12.51
CA LEU D 16 -7.12 -27.75 -12.87
C LEU D 16 -7.93 -28.50 -11.83
N ALA D 17 -8.80 -27.79 -11.12
CA ALA D 17 -9.79 -28.38 -10.20
C ALA D 17 -10.88 -29.12 -10.99
N ALA D 18 -11.82 -29.74 -10.28
CA ALA D 18 -12.99 -30.48 -10.82
C ALA D 18 -13.86 -29.56 -11.70
N ASP D 19 -14.43 -30.11 -12.76
CA ASP D 19 -15.48 -29.51 -13.63
C ASP D 19 -14.95 -28.25 -14.30
N VAL D 20 -13.64 -28.07 -14.39
CA VAL D 20 -13.02 -27.02 -15.24
C VAL D 20 -13.21 -27.41 -16.71
N GLN D 21 -13.45 -26.40 -17.55
CA GLN D 21 -13.47 -26.56 -19.03
C GLN D 21 -12.46 -25.59 -19.65
N VAL D 22 -11.79 -26.04 -20.70
CA VAL D 22 -10.80 -25.23 -21.46
C VAL D 22 -11.14 -25.41 -22.94
N GLY D 23 -11.66 -24.37 -23.57
CA GLY D 23 -11.97 -24.37 -25.01
C GLY D 23 -10.74 -24.63 -25.86
N PRO D 24 -10.96 -24.93 -27.16
CA PRO D 24 -9.87 -25.19 -28.09
C PRO D 24 -8.96 -23.98 -28.32
N TRP D 25 -7.68 -24.28 -28.49
CA TRP D 25 -6.59 -23.37 -28.90
C TRP D 25 -6.34 -22.36 -27.77
N SER D 26 -6.66 -22.74 -26.54
CA SER D 26 -6.35 -21.91 -25.35
C SER D 26 -5.04 -22.45 -24.76
N ILE D 27 -4.29 -21.56 -24.08
CA ILE D 27 -3.00 -21.84 -23.40
C ILE D 27 -3.20 -21.58 -21.92
N VAL D 28 -3.09 -22.63 -21.09
CA VAL D 28 -2.99 -22.50 -19.61
C VAL D 28 -1.53 -22.73 -19.23
N GLY D 29 -0.82 -21.63 -19.00
CA GLY D 29 0.65 -21.61 -18.86
C GLY D 29 1.07 -22.18 -17.52
N ALA D 30 2.39 -22.22 -17.28
CA ALA D 30 3.03 -22.73 -16.05
C ALA D 30 2.50 -21.93 -14.86
N GLU D 31 2.31 -22.59 -13.72
CA GLU D 31 1.94 -21.98 -12.41
C GLU D 31 0.58 -21.26 -12.51
N VAL D 32 -0.29 -21.72 -13.40
CA VAL D 32 -1.72 -21.29 -13.42
C VAL D 32 -2.57 -22.37 -12.73
N GLU D 33 -3.22 -21.98 -11.63
CA GLU D 33 -4.26 -22.77 -10.92
C GLU D 33 -5.62 -22.22 -11.34
N ILE D 34 -6.51 -23.10 -11.80
CA ILE D 34 -7.93 -22.80 -12.13
C ILE D 34 -8.82 -23.60 -11.17
N GLY D 35 -9.62 -22.91 -10.36
CA GLY D 35 -10.51 -23.53 -9.37
C GLY D 35 -11.76 -24.13 -10.01
N GLU D 36 -12.51 -24.85 -9.19
CA GLU D 36 -13.66 -25.73 -9.55
C GLU D 36 -14.68 -24.99 -10.41
N GLY D 37 -15.07 -25.59 -11.55
CA GLY D 37 -16.23 -25.15 -12.34
C GLY D 37 -15.95 -23.96 -13.24
N THR D 38 -14.72 -23.43 -13.24
CA THR D 38 -14.34 -22.28 -14.08
C THR D 38 -14.35 -22.76 -15.54
N VAL D 39 -14.97 -21.96 -16.40
CA VAL D 39 -15.02 -22.20 -17.87
C VAL D 39 -14.03 -21.24 -18.53
N ILE D 40 -13.01 -21.78 -19.17
CA ILE D 40 -12.09 -21.06 -20.10
C ILE D 40 -12.57 -21.28 -21.52
N GLY D 41 -12.98 -20.20 -22.19
CA GLY D 41 -13.43 -20.22 -23.60
C GLY D 41 -12.29 -20.63 -24.53
N PRO D 42 -12.52 -20.56 -25.86
CA PRO D 42 -11.48 -20.82 -26.84
C PRO D 42 -10.60 -19.58 -27.03
N HIS D 43 -9.39 -19.77 -27.58
CA HIS D 43 -8.44 -18.69 -27.90
C HIS D 43 -8.12 -17.84 -26.65
N VAL D 44 -7.92 -18.44 -25.47
CA VAL D 44 -7.56 -17.66 -24.26
C VAL D 44 -6.09 -17.95 -23.93
N VAL D 45 -5.36 -16.92 -23.50
CA VAL D 45 -3.96 -17.04 -23.01
C VAL D 45 -3.98 -16.74 -21.51
N LEU D 46 -3.66 -17.74 -20.69
CA LEU D 46 -3.47 -17.60 -19.23
C LEU D 46 -1.98 -17.80 -18.94
N LYS D 47 -1.41 -16.84 -18.22
CA LYS D 47 0.01 -16.82 -17.82
C LYS D 47 0.02 -16.66 -16.30
N GLY D 48 0.98 -17.31 -15.66
CA GLY D 48 1.13 -17.37 -14.19
C GLY D 48 2.36 -16.59 -13.80
N PRO D 49 2.73 -16.54 -12.51
CA PRO D 49 1.97 -17.20 -11.45
C PRO D 49 0.59 -16.57 -11.15
N THR D 50 -0.46 -17.31 -11.47
CA THR D 50 -1.87 -16.87 -11.38
C THR D 50 -2.73 -17.93 -10.67
N LYS D 51 -3.55 -17.49 -9.73
CA LYS D 51 -4.63 -18.29 -9.11
C LYS D 51 -6.01 -17.73 -9.51
N ILE D 52 -6.85 -18.59 -10.12
CA ILE D 52 -8.26 -18.28 -10.50
C ILE D 52 -9.17 -19.17 -9.65
N GLY D 53 -10.22 -18.58 -9.08
CA GLY D 53 -11.10 -19.25 -8.13
C GLY D 53 -12.17 -20.05 -8.83
N LYS D 54 -13.32 -20.21 -8.18
CA LYS D 54 -14.39 -21.15 -8.62
C LYS D 54 -15.42 -20.44 -9.51
N HIS D 55 -15.96 -21.16 -10.50
CA HIS D 55 -17.16 -20.76 -11.27
C HIS D 55 -16.93 -19.44 -12.02
N ASN D 56 -15.71 -19.17 -12.47
CA ASN D 56 -15.38 -18.00 -13.31
C ASN D 56 -15.69 -18.35 -14.76
N ARG D 57 -15.87 -17.34 -15.60
CA ARG D 57 -16.12 -17.48 -17.06
C ARG D 57 -15.14 -16.53 -17.75
N ILE D 58 -14.25 -17.06 -18.58
CA ILE D 58 -13.27 -16.24 -19.36
C ILE D 58 -13.45 -16.49 -20.87
N TYR D 59 -13.77 -15.42 -21.58
CA TYR D 59 -14.13 -15.40 -23.03
C TYR D 59 -12.87 -15.28 -23.90
N GLN D 60 -13.07 -15.69 -25.15
CA GLN D 60 -12.04 -15.73 -26.22
C GLN D 60 -11.23 -14.43 -26.31
N PHE D 61 -9.95 -14.57 -26.66
CA PHE D 61 -9.01 -13.47 -27.04
C PHE D 61 -8.56 -12.67 -25.82
N SER D 62 -8.96 -13.07 -24.61
CA SER D 62 -8.44 -12.50 -23.35
C SER D 62 -7.00 -12.93 -23.10
N SER D 63 -6.19 -12.03 -22.55
CA SER D 63 -4.82 -12.31 -22.05
C SER D 63 -4.79 -12.03 -20.55
N VAL D 64 -4.76 -13.09 -19.72
CA VAL D 64 -4.91 -13.00 -18.24
C VAL D 64 -3.65 -13.54 -17.56
N GLY D 65 -2.94 -12.68 -16.82
CA GLY D 65 -1.70 -13.07 -16.11
C GLY D 65 -0.44 -12.69 -16.85
N GLU D 66 -0.55 -11.92 -17.94
CA GLU D 66 0.62 -11.36 -18.66
C GLU D 66 1.37 -10.40 -17.73
N ASP D 67 2.66 -10.18 -18.04
CA ASP D 67 3.55 -9.17 -17.43
C ASP D 67 3.15 -7.83 -18.02
N THR D 68 3.23 -6.77 -17.21
CA THR D 68 3.12 -5.36 -17.67
C THR D 68 4.27 -5.11 -18.63
N PRO D 69 4.05 -4.41 -19.77
CA PRO D 69 5.11 -4.24 -20.76
C PRO D 69 6.28 -3.28 -20.43
N ASP D 70 6.12 -2.22 -19.63
CA ASP D 70 7.27 -1.29 -19.37
C ASP D 70 8.31 -1.98 -18.49
N LEU D 71 9.53 -2.11 -19.00
CA LEU D 71 10.68 -2.80 -18.34
C LEU D 71 11.11 -2.07 -17.07
N LYS D 72 10.60 -0.87 -16.78
CA LYS D 72 10.95 -0.14 -15.53
C LYS D 72 10.32 -0.85 -14.31
N TYR D 73 9.45 -1.84 -14.54
CA TYR D 73 8.83 -2.65 -13.47
C TYR D 73 9.40 -4.07 -13.45
N LYS D 74 10.62 -4.26 -13.95
CA LYS D 74 11.32 -5.57 -13.93
C LYS D 74 11.39 -6.06 -12.47
N GLY D 75 11.11 -7.33 -12.26
CA GLY D 75 11.13 -7.92 -10.91
C GLY D 75 10.19 -9.10 -10.85
N GLU D 76 10.60 -10.15 -10.15
CA GLU D 76 9.90 -11.45 -10.07
C GLU D 76 10.16 -12.01 -8.67
N PRO D 77 9.28 -12.85 -8.10
CA PRO D 77 8.01 -13.23 -8.72
C PRO D 77 6.94 -12.16 -8.46
N THR D 78 5.93 -12.10 -9.32
CA THR D 78 4.69 -11.30 -9.12
C THR D 78 3.48 -12.15 -9.54
N ARG D 79 2.31 -11.84 -8.97
CA ARG D 79 1.15 -12.75 -8.96
C ARG D 79 -0.07 -12.04 -9.52
N LEU D 80 -1.01 -12.85 -10.01
CA LEU D 80 -2.41 -12.43 -10.23
C LEU D 80 -3.31 -13.38 -9.44
N VAL D 81 -4.28 -12.82 -8.71
CA VAL D 81 -5.29 -13.57 -7.93
C VAL D 81 -6.71 -13.09 -8.32
N ILE D 82 -7.53 -14.01 -8.82
CA ILE D 82 -8.95 -13.78 -9.23
C ILE D 82 -9.80 -14.71 -8.36
N GLY D 83 -10.87 -14.18 -7.79
CA GLY D 83 -11.77 -14.91 -6.89
C GLY D 83 -12.76 -15.76 -7.66
N ASP D 84 -14.03 -15.72 -7.23
CA ASP D 84 -15.08 -16.66 -7.71
C ASP D 84 -16.21 -15.92 -8.43
N HIS D 85 -16.91 -16.61 -9.32
CA HIS D 85 -18.15 -16.14 -10.01
C HIS D 85 -17.92 -14.86 -10.82
N ASN D 86 -16.70 -14.62 -11.29
CA ASN D 86 -16.39 -13.44 -12.15
C ASN D 86 -16.68 -13.78 -13.61
N VAL D 87 -17.04 -12.79 -14.42
CA VAL D 87 -17.19 -12.95 -15.88
C VAL D 87 -16.17 -12.01 -16.51
N ILE D 88 -15.24 -12.57 -17.28
CA ILE D 88 -14.22 -11.80 -18.03
C ILE D 88 -14.49 -12.02 -19.52
N ARG D 89 -14.94 -10.96 -20.19
CA ARG D 89 -15.51 -11.01 -21.56
C ARG D 89 -14.38 -10.90 -22.59
N GLU D 90 -14.75 -10.71 -23.85
CA GLU D 90 -13.85 -10.83 -25.02
C GLU D 90 -12.65 -9.87 -24.88
N GLY D 91 -11.45 -10.38 -25.11
CA GLY D 91 -10.25 -9.54 -25.33
C GLY D 91 -9.80 -8.75 -24.11
N VAL D 92 -10.20 -9.14 -22.91
CA VAL D 92 -9.77 -8.45 -21.68
C VAL D 92 -8.29 -8.77 -21.42
N THR D 93 -7.52 -7.79 -20.95
CA THR D 93 -6.12 -7.94 -20.49
C THR D 93 -6.07 -7.68 -18.99
N ILE D 94 -5.49 -8.62 -18.25
CA ILE D 94 -5.26 -8.51 -16.79
C ILE D 94 -3.78 -8.85 -16.57
N HIS D 95 -3.02 -7.91 -16.03
CA HIS D 95 -1.57 -8.05 -15.83
C HIS D 95 -1.29 -8.33 -14.37
N ARG D 96 -0.18 -9.02 -14.12
CA ARG D 96 0.25 -9.40 -12.76
C ARG D 96 0.78 -8.12 -12.11
N GLY D 97 0.97 -8.15 -10.79
CA GLY D 97 1.54 -7.03 -10.04
C GLY D 97 3.03 -6.79 -10.37
N THR D 98 3.62 -5.85 -9.63
CA THR D 98 5.04 -5.42 -9.75
C THR D 98 5.64 -5.43 -8.35
N VAL D 99 6.90 -5.80 -8.26
CA VAL D 99 7.66 -5.84 -6.97
C VAL D 99 7.72 -4.42 -6.39
N GLN D 100 7.63 -3.39 -7.25
CA GLN D 100 7.62 -1.93 -6.91
C GLN D 100 6.38 -1.53 -6.08
N ASP D 101 5.29 -2.29 -6.13
CA ASP D 101 4.04 -1.95 -5.38
C ASP D 101 3.60 -3.19 -4.57
N ARG D 102 2.61 -3.95 -5.05
CA ARG D 102 1.94 -5.02 -4.28
C ARG D 102 2.54 -6.40 -4.59
N ALA D 103 3.25 -6.56 -5.70
CA ALA D 103 3.63 -7.88 -6.26
C ALA D 103 2.39 -8.72 -6.62
N GLU D 104 1.20 -8.12 -6.69
CA GLU D 104 -0.07 -8.83 -6.96
C GLU D 104 -1.11 -7.89 -7.56
N THR D 105 -1.79 -8.34 -8.62
CA THR D 105 -3.08 -7.79 -9.09
C THR D 105 -4.17 -8.71 -8.53
N THR D 106 -5.22 -8.14 -7.95
CA THR D 106 -6.25 -8.86 -7.14
C THR D 106 -7.65 -8.46 -7.59
N ILE D 107 -8.46 -9.45 -7.94
CA ILE D 107 -9.89 -9.32 -8.30
C ILE D 107 -10.66 -10.21 -7.32
N GLY D 108 -11.70 -9.68 -6.71
CA GLY D 108 -12.55 -10.43 -5.78
C GLY D 108 -13.56 -11.28 -6.51
N ASP D 109 -14.84 -11.13 -6.17
CA ASP D 109 -15.91 -12.09 -6.52
C ASP D 109 -17.09 -11.34 -7.16
N HIS D 110 -17.78 -11.98 -8.09
CA HIS D 110 -19.08 -11.52 -8.68
C HIS D 110 -18.89 -10.25 -9.50
N ASN D 111 -17.70 -10.06 -10.08
CA ASN D 111 -17.39 -8.89 -10.95
C ASN D 111 -17.75 -9.22 -12.40
N LEU D 112 -18.15 -8.21 -13.16
CA LEU D 112 -18.38 -8.28 -14.62
C LEU D 112 -17.39 -7.33 -15.30
N ILE D 113 -16.44 -7.89 -16.06
CA ILE D 113 -15.41 -7.14 -16.82
C ILE D 113 -15.64 -7.41 -18.31
N MET D 114 -16.19 -6.40 -18.98
CA MET D 114 -16.71 -6.46 -20.36
C MET D 114 -15.56 -6.31 -21.36
N ALA D 115 -15.88 -6.46 -22.63
CA ALA D 115 -14.90 -6.70 -23.72
C ALA D 115 -13.84 -5.59 -23.73
N TYR D 116 -12.57 -5.99 -23.82
CA TYR D 116 -11.38 -5.14 -24.11
C TYR D 116 -11.05 -4.23 -22.93
N ALA D 117 -11.65 -4.48 -21.77
CA ALA D 117 -11.26 -3.74 -20.54
C ALA D 117 -9.81 -4.11 -20.22
N HIS D 118 -9.12 -3.23 -19.51
CA HIS D 118 -7.70 -3.42 -19.12
C HIS D 118 -7.55 -3.24 -17.61
N ILE D 119 -6.96 -4.23 -16.97
CA ILE D 119 -6.71 -4.17 -15.50
C ILE D 119 -5.19 -4.13 -15.32
N GLY D 120 -4.65 -2.93 -15.16
CA GLY D 120 -3.21 -2.67 -15.05
C GLY D 120 -2.63 -3.30 -13.80
N HIS D 121 -1.35 -3.66 -13.85
CA HIS D 121 -0.55 -4.17 -12.71
C HIS D 121 -0.98 -3.50 -11.39
N ASP D 122 -1.16 -4.29 -10.32
CA ASP D 122 -1.24 -3.82 -8.90
C ASP D 122 -2.63 -3.21 -8.64
N SER D 123 -3.56 -3.34 -9.59
CA SER D 123 -4.96 -2.95 -9.36
C SER D 123 -5.60 -3.94 -8.40
N VAL D 124 -6.57 -3.46 -7.63
CA VAL D 124 -7.40 -4.28 -6.72
C VAL D 124 -8.87 -3.98 -7.02
N ILE D 125 -9.60 -5.00 -7.44
CA ILE D 125 -11.07 -4.91 -7.65
C ILE D 125 -11.71 -5.75 -6.54
N GLY D 126 -12.72 -5.15 -5.89
CA GLY D 126 -13.48 -5.83 -4.82
C GLY D 126 -14.47 -6.82 -5.39
N ASN D 127 -15.73 -6.68 -5.04
CA ASN D 127 -16.81 -7.66 -5.30
C ASN D 127 -17.94 -6.91 -6.00
N HIS D 128 -18.64 -7.57 -6.95
CA HIS D 128 -19.91 -7.09 -7.56
C HIS D 128 -19.66 -5.81 -8.39
N CYS D 129 -18.45 -5.56 -8.88
CA CYS D 129 -18.09 -4.40 -9.74
C CYS D 129 -18.45 -4.69 -11.20
N ILE D 130 -18.80 -3.67 -11.98
CA ILE D 130 -19.00 -3.78 -13.45
C ILE D 130 -18.02 -2.82 -14.11
N LEU D 131 -17.09 -3.36 -14.90
CA LEU D 131 -16.25 -2.54 -15.78
C LEU D 131 -16.75 -2.76 -17.20
N VAL D 132 -17.37 -1.75 -17.77
CA VAL D 132 -17.99 -1.81 -19.12
C VAL D 132 -16.86 -1.73 -20.16
N ASN D 133 -17.13 -2.14 -21.39
CA ASN D 133 -16.17 -2.23 -22.51
C ASN D 133 -15.08 -1.16 -22.42
N ASN D 134 -13.84 -1.61 -22.49
CA ASN D 134 -12.66 -0.75 -22.78
C ASN D 134 -12.39 0.19 -21.60
N THR D 135 -12.97 -0.04 -20.41
CA THR D 135 -12.51 0.61 -19.15
C THR D 135 -11.03 0.26 -18.97
N ALA D 136 -10.16 1.26 -18.78
CA ALA D 136 -8.71 1.04 -18.57
C ALA D 136 -8.34 1.53 -17.17
N LEU D 137 -7.91 0.61 -16.32
CA LEU D 137 -7.28 0.94 -15.01
C LEU D 137 -5.77 0.97 -15.27
N ALA D 138 -5.16 2.16 -15.27
CA ALA D 138 -3.78 2.39 -15.73
C ALA D 138 -2.80 1.56 -14.91
N GLY D 139 -3.06 1.38 -13.61
CA GLY D 139 -2.15 0.68 -12.69
C GLY D 139 -2.36 1.17 -11.27
N HIS D 140 -2.21 0.28 -10.29
CA HIS D 140 -2.35 0.62 -8.84
C HIS D 140 -3.74 1.18 -8.53
N VAL D 141 -4.77 0.82 -9.29
CA VAL D 141 -6.16 1.34 -9.07
C VAL D 141 -6.92 0.42 -8.12
N HIS D 142 -7.63 1.04 -7.16
CA HIS D 142 -8.50 0.37 -6.16
C HIS D 142 -9.96 0.68 -6.48
N VAL D 143 -10.73 -0.35 -6.85
CA VAL D 143 -12.18 -0.26 -7.17
C VAL D 143 -12.89 -1.05 -6.07
N ASP D 144 -13.65 -0.34 -5.23
CA ASP D 144 -14.40 -0.93 -4.12
C ASP D 144 -15.74 -1.49 -4.62
N ASP D 145 -16.40 -2.23 -3.75
CA ASP D 145 -17.56 -3.09 -4.06
C ASP D 145 -18.68 -2.28 -4.71
N TRP D 146 -19.29 -2.87 -5.73
CA TRP D 146 -20.56 -2.45 -6.40
C TRP D 146 -20.31 -1.26 -7.34
N ALA D 147 -19.09 -0.76 -7.44
CA ALA D 147 -18.78 0.37 -8.33
C ALA D 147 -19.07 -0.08 -9.77
N ILE D 148 -19.54 0.86 -10.59
CA ILE D 148 -19.81 0.67 -12.04
C ILE D 148 -18.97 1.71 -12.78
N LEU D 149 -18.06 1.28 -13.66
CA LEU D 149 -17.38 2.20 -14.61
C LEU D 149 -17.97 1.95 -15.99
N SER D 150 -18.62 2.95 -16.57
CA SER D 150 -19.28 2.81 -17.90
C SER D 150 -18.21 2.70 -18.98
N GLY D 151 -18.60 2.42 -20.22
CA GLY D 151 -17.68 2.10 -21.32
C GLY D 151 -16.64 3.20 -21.50
N TYR D 152 -15.38 2.82 -21.74
CA TYR D 152 -14.25 3.71 -22.12
C TYR D 152 -13.91 4.72 -21.00
N THR D 153 -14.18 4.34 -19.74
CA THR D 153 -13.72 5.09 -18.55
C THR D 153 -12.21 4.87 -18.44
N LEU D 154 -11.43 5.94 -18.37
CA LEU D 154 -9.96 5.87 -18.14
C LEU D 154 -9.71 6.29 -16.69
N VAL D 155 -8.96 5.47 -15.95
CA VAL D 155 -8.66 5.72 -14.50
C VAL D 155 -7.14 5.80 -14.37
N HIS D 156 -6.65 6.97 -13.94
CA HIS D 156 -5.22 7.28 -13.68
C HIS D 156 -4.68 6.37 -12.56
N GLN D 157 -3.38 6.08 -12.60
CA GLN D 157 -2.66 5.27 -11.58
C GLN D 157 -2.96 5.83 -10.18
N TYR D 158 -3.16 4.94 -9.21
CA TYR D 158 -3.30 5.21 -7.75
C TYR D 158 -4.69 5.77 -7.37
N CYS D 159 -5.60 5.98 -8.31
CA CYS D 159 -6.97 6.47 -8.01
C CYS D 159 -7.77 5.36 -7.33
N ARG D 160 -8.64 5.78 -6.41
CA ARG D 160 -9.58 4.92 -5.68
C ARG D 160 -10.98 5.21 -6.24
N ILE D 161 -11.68 4.15 -6.62
CA ILE D 161 -13.11 4.22 -7.06
C ILE D 161 -13.92 3.73 -5.87
N GLY D 162 -14.75 4.61 -5.30
CA GLY D 162 -15.55 4.34 -4.10
C GLY D 162 -16.61 3.30 -4.35
N ALA D 163 -16.98 2.57 -3.30
CA ALA D 163 -18.11 1.64 -3.29
C ALA D 163 -19.34 2.32 -3.86
N HIS D 164 -20.07 1.63 -4.74
CA HIS D 164 -21.42 2.01 -5.22
C HIS D 164 -21.32 3.25 -6.11
N SER D 165 -20.10 3.68 -6.46
CA SER D 165 -19.90 4.87 -7.32
C SER D 165 -20.17 4.48 -8.77
N PHE D 166 -20.25 5.50 -9.62
CA PHE D 166 -20.66 5.37 -11.04
C PHE D 166 -19.94 6.42 -11.86
N SER D 167 -19.32 5.98 -12.96
CA SER D 167 -18.68 6.85 -13.97
C SER D 167 -19.47 6.76 -15.28
N GLY D 168 -19.77 7.92 -15.89
CA GLY D 168 -20.38 8.01 -17.22
C GLY D 168 -19.43 7.51 -18.28
N MET D 169 -19.99 7.10 -19.41
CA MET D 169 -19.25 6.70 -20.62
C MET D 169 -18.17 7.74 -20.92
N GLY D 170 -16.96 7.29 -21.20
CA GLY D 170 -15.87 8.16 -21.66
C GLY D 170 -15.31 9.00 -20.55
N SER D 171 -15.61 8.71 -19.27
CA SER D 171 -15.12 9.52 -18.12
C SER D 171 -13.60 9.34 -18.01
N ALA D 172 -12.82 10.41 -17.81
CA ALA D 172 -11.38 10.36 -17.51
C ALA D 172 -11.13 10.77 -16.04
N ILE D 173 -10.85 9.78 -15.19
CA ILE D 173 -10.77 9.93 -13.72
C ILE D 173 -9.31 10.09 -13.31
N GLY D 174 -8.93 11.28 -12.84
CA GLY D 174 -7.58 11.62 -12.35
C GLY D 174 -7.54 11.75 -10.84
N LYS D 175 -8.69 11.73 -10.17
CA LYS D 175 -8.73 11.91 -8.69
C LYS D 175 -9.71 10.90 -8.07
N ASP D 176 -9.58 10.64 -6.78
CA ASP D 176 -10.40 9.59 -6.12
C ASP D 176 -11.87 9.92 -6.37
N VAL D 177 -12.69 8.92 -6.53
CA VAL D 177 -14.15 9.06 -6.65
C VAL D 177 -14.70 8.55 -5.33
N PRO D 178 -15.31 9.42 -4.49
CA PRO D 178 -15.89 8.95 -3.24
C PRO D 178 -16.99 7.92 -3.48
N ALA D 179 -17.24 7.08 -2.48
CA ALA D 179 -18.36 6.11 -2.49
C ALA D 179 -19.64 6.83 -2.89
N TYR D 180 -20.43 6.20 -3.75
CA TYR D 180 -21.80 6.59 -4.17
C TYR D 180 -21.78 7.73 -5.20
N VAL D 181 -20.67 8.41 -5.40
CA VAL D 181 -20.64 9.61 -6.27
C VAL D 181 -20.76 9.17 -7.75
N THR D 182 -21.48 9.95 -8.53
CA THR D 182 -21.54 9.83 -10.00
C THR D 182 -20.56 10.86 -10.55
N VAL D 183 -19.70 10.47 -11.50
CA VAL D 183 -18.78 11.40 -12.21
C VAL D 183 -18.99 11.24 -13.71
N PHE D 184 -18.72 12.33 -14.45
CA PHE D 184 -18.87 12.44 -15.91
C PHE D 184 -17.76 13.32 -16.48
N GLY D 185 -17.31 13.01 -17.69
CA GLY D 185 -16.54 13.91 -18.55
C GLY D 185 -15.06 13.67 -18.47
N ASN D 186 -14.32 14.32 -19.35
CA ASN D 186 -12.84 14.29 -19.40
C ASN D 186 -12.37 15.74 -19.39
N PRO D 187 -11.87 16.27 -18.24
CA PRO D 187 -11.73 15.51 -16.98
C PRO D 187 -13.04 15.25 -16.23
N ALA D 188 -13.07 14.21 -15.41
CA ALA D 188 -14.28 13.80 -14.64
C ALA D 188 -14.66 14.88 -13.63
N GLU D 189 -15.96 15.14 -13.51
CA GLU D 189 -16.57 16.08 -12.53
C GLU D 189 -17.63 15.32 -11.74
N ALA D 190 -17.76 15.62 -10.45
CA ALA D 190 -18.78 15.01 -9.58
C ALA D 190 -20.12 15.63 -9.94
N ARG D 191 -21.18 14.86 -10.09
CA ARG D 191 -22.49 15.45 -10.44
C ARG D 191 -23.49 15.17 -9.33
N SER D 192 -23.62 13.94 -8.86
CA SER D 192 -24.61 13.60 -7.83
C SER D 192 -24.19 12.31 -7.15
N MET D 193 -25.15 11.53 -6.68
CA MET D 193 -24.91 10.19 -6.12
C MET D 193 -25.75 9.16 -6.87
N ASN D 194 -25.34 7.90 -6.75
CA ASN D 194 -25.97 6.73 -7.39
C ASN D 194 -27.21 6.33 -6.57
N PHE D 195 -28.24 7.18 -6.58
CA PHE D 195 -29.50 6.96 -5.84
C PHE D 195 -30.17 5.69 -6.38
N GLU D 196 -30.17 5.54 -7.70
CA GLU D 196 -30.65 4.33 -8.42
C GLU D 196 -30.04 3.08 -7.79
N GLY D 197 -28.71 3.05 -7.69
CA GLY D 197 -27.95 1.95 -7.09
C GLY D 197 -28.43 1.64 -5.69
N MET D 198 -28.47 2.67 -4.82
CA MET D 198 -28.92 2.55 -3.39
C MET D 198 -30.28 1.86 -3.32
N ARG D 199 -31.23 2.24 -4.19
CA ARG D 199 -32.58 1.61 -4.21
C ARG D 199 -32.43 0.12 -4.55
N ARG D 200 -31.73 -0.21 -5.64
CA ARG D 200 -31.60 -1.58 -6.17
C ARG D 200 -30.75 -2.46 -5.24
N ARG D 201 -29.99 -1.90 -4.29
CA ARG D 201 -29.26 -2.69 -3.26
C ARG D 201 -30.07 -2.66 -1.96
N GLY D 202 -31.23 -1.99 -1.95
CA GLY D 202 -32.21 -2.07 -0.86
C GLY D 202 -31.84 -1.20 0.33
N PHE D 203 -31.27 -0.02 0.09
CA PHE D 203 -30.97 0.98 1.15
C PHE D 203 -32.30 1.54 1.69
N SER D 204 -32.38 1.79 3.00
CA SER D 204 -33.53 2.46 3.65
C SER D 204 -33.66 3.89 3.11
N SER D 205 -34.89 4.41 3.03
CA SER D 205 -35.23 5.82 2.67
C SER D 205 -34.40 6.81 3.50
N GLU D 206 -34.23 6.51 4.79
CA GLU D 206 -33.50 7.32 5.81
C GLU D 206 -32.00 7.41 5.44
N ALA D 207 -31.37 6.28 5.16
CA ALA D 207 -29.95 6.19 4.74
C ALA D 207 -29.73 7.04 3.47
N ILE D 208 -30.67 6.97 2.51
CA ILE D 208 -30.62 7.70 1.21
C ILE D 208 -30.67 9.21 1.47
N HIS D 209 -31.59 9.68 2.32
CA HIS D 209 -31.70 11.11 2.73
C HIS D 209 -30.40 11.54 3.43
N ALA D 210 -29.86 10.72 4.34
CA ALA D 210 -28.58 11.00 5.03
C ALA D 210 -27.46 11.22 4.00
N LEU D 211 -27.33 10.34 2.99
CA LEU D 211 -26.26 10.42 1.97
C LEU D 211 -26.45 11.67 1.10
N ARG D 212 -27.68 12.00 0.73
CA ARG D 212 -27.99 13.27 0.01
C ARG D 212 -27.48 14.46 0.85
N ARG D 213 -27.79 14.52 2.15
CA ARG D 213 -27.32 15.65 3.00
C ARG D 213 -25.78 15.60 3.05
N ALA D 214 -25.20 14.39 3.09
CA ALA D 214 -23.74 14.20 3.20
C ALA D 214 -23.04 14.72 1.93
N TYR D 215 -23.63 14.52 0.75
CA TYR D 215 -23.05 15.01 -0.53
C TYR D 215 -22.94 16.54 -0.44
N LYS D 216 -24.04 17.19 -0.06
CA LYS D 216 -24.14 18.66 0.09
C LYS D 216 -23.07 19.16 1.08
N VAL D 217 -22.89 18.48 2.21
CA VAL D 217 -21.86 18.88 3.23
C VAL D 217 -20.49 18.88 2.57
N VAL D 218 -20.19 17.88 1.76
CA VAL D 218 -18.83 17.79 1.14
C VAL D 218 -18.76 18.79 -0.02
N TYR D 219 -19.82 18.93 -0.81
CA TYR D 219 -19.71 19.49 -2.19
C TYR D 219 -20.24 20.93 -2.27
N ARG D 220 -21.28 21.31 -1.52
CA ARG D 220 -22.10 22.50 -1.87
C ARG D 220 -22.33 23.45 -0.68
N GLN D 221 -21.55 23.36 0.42
CA GLN D 221 -21.77 24.22 1.62
C GLN D 221 -20.49 24.97 2.02
N GLY D 222 -19.44 24.90 1.19
CA GLY D 222 -18.20 25.68 1.32
C GLY D 222 -17.26 25.19 2.41
N HIS D 223 -17.43 23.96 2.92
CA HIS D 223 -16.53 23.35 3.94
C HIS D 223 -15.20 22.92 3.31
N THR D 224 -14.07 23.11 4.00
CA THR D 224 -12.84 22.35 3.67
C THR D 224 -13.13 20.85 3.89
N VAL D 225 -12.35 19.96 3.28
CA VAL D 225 -12.50 18.49 3.42
C VAL D 225 -12.47 18.13 4.92
N GLU D 226 -11.44 18.61 5.63
CA GLU D 226 -11.25 18.44 7.11
C GLU D 226 -12.56 18.78 7.84
N GLU D 227 -13.13 19.96 7.57
CA GLU D 227 -14.40 20.44 8.18
C GLU D 227 -15.56 19.50 7.80
N ALA D 228 -15.65 19.13 6.53
CA ALA D 228 -16.66 18.18 5.99
C ALA D 228 -16.61 16.89 6.81
N LEU D 229 -15.44 16.24 6.91
CA LEU D 229 -15.17 15.00 7.71
C LEU D 229 -15.68 15.14 9.16
N ALA D 230 -15.31 16.22 9.84
CA ALA D 230 -15.76 16.57 11.22
C ALA D 230 -17.28 16.74 11.24
N GLU D 231 -17.85 17.41 10.25
CA GLU D 231 -19.33 17.63 10.14
C GLU D 231 -20.05 16.29 9.91
N LEU D 232 -19.38 15.32 9.29
CA LEU D 232 -20.02 14.01 8.94
C LEU D 232 -19.90 13.02 10.10
N ALA D 233 -19.03 13.28 11.07
CA ALA D 233 -18.74 12.32 12.17
C ALA D 233 -20.05 11.78 12.77
N GLU D 234 -21.00 12.64 13.09
CA GLU D 234 -22.25 12.27 13.81
C GLU D 234 -23.15 11.44 12.89
N SER D 235 -23.37 11.94 11.67
CA SER D 235 -24.11 11.22 10.59
C SER D 235 -23.48 9.83 10.38
N ALA D 236 -22.15 9.74 10.32
CA ALA D 236 -21.39 8.47 10.15
C ALA D 236 -21.66 7.49 11.31
N ALA D 237 -21.66 7.95 12.58
CA ALA D 237 -21.95 7.08 13.76
C ALA D 237 -23.35 6.49 13.63
N GLN D 238 -24.30 7.29 13.12
CA GLN D 238 -25.74 6.93 13.02
C GLN D 238 -26.03 6.03 11.81
N PHE D 239 -25.33 6.19 10.68
CA PHE D 239 -25.60 5.47 9.41
C PHE D 239 -24.32 4.84 8.84
N PRO D 240 -24.19 3.50 8.86
CA PRO D 240 -23.02 2.86 8.26
C PRO D 240 -22.81 3.36 6.81
N GLU D 241 -23.91 3.59 6.10
CA GLU D 241 -23.92 4.01 4.68
C GLU D 241 -23.16 5.35 4.54
N VAL D 242 -23.32 6.27 5.50
CA VAL D 242 -22.59 7.58 5.50
C VAL D 242 -21.11 7.35 5.87
N ALA D 243 -20.81 6.39 6.75
CA ALA D 243 -19.42 6.06 7.15
C ALA D 243 -18.62 5.59 5.93
N VAL D 244 -19.19 4.69 5.12
CA VAL D 244 -18.59 4.31 3.80
C VAL D 244 -18.19 5.59 3.07
N PHE D 245 -19.09 6.57 3.01
CA PHE D 245 -18.87 7.86 2.30
C PHE D 245 -17.74 8.64 2.96
N ARG D 246 -17.86 8.91 4.27
CA ARG D 246 -16.80 9.58 5.07
C ARG D 246 -15.47 8.82 4.93
N ASP D 247 -15.46 7.49 5.11
CA ASP D 247 -14.24 6.65 5.04
C ASP D 247 -13.58 6.82 3.66
N SER D 248 -14.40 6.90 2.60
CA SER D 248 -13.88 7.08 1.21
C SER D 248 -13.28 8.48 1.08
N ILE D 249 -13.88 9.52 1.68
CA ILE D 249 -13.25 10.86 1.60
C ILE D 249 -11.98 10.90 2.48
N GLN D 250 -12.07 10.41 3.72
CA GLN D 250 -10.92 10.39 4.69
C GLN D 250 -9.68 9.78 4.01
N SER D 251 -9.84 8.69 3.27
CA SER D 251 -8.69 7.90 2.73
C SER D 251 -8.24 8.45 1.36
N ALA D 252 -8.69 9.64 0.94
CA ALA D 252 -8.34 10.24 -0.37
C ALA D 252 -7.22 11.29 -0.24
N THR D 253 -5.98 10.86 0.01
CA THR D 253 -4.81 11.75 0.26
C THR D 253 -4.12 12.12 -1.06
N ARG D 254 -4.89 12.25 -2.15
CA ARG D 254 -4.45 12.89 -3.42
C ARG D 254 -5.66 13.65 -4.01
N GLY D 255 -6.49 14.26 -3.15
CA GLY D 255 -7.70 15.04 -3.50
C GLY D 255 -8.85 14.15 -3.96
N ILE D 256 -10.09 14.68 -3.97
CA ILE D 256 -11.29 13.96 -4.51
C ILE D 256 -11.72 14.59 -5.85
N THR D 257 -12.52 13.86 -6.64
CA THR D 257 -13.15 14.38 -7.87
C THR D 257 -14.20 15.42 -7.46
N ARG D 258 -14.02 16.67 -7.90
CA ARG D 258 -14.88 17.82 -7.56
C ARG D 258 -15.88 18.04 -8.70
N SER E 2 11.06 -27.25 -31.61
CA SER E 2 10.82 -26.88 -33.04
C SER E 2 10.41 -25.40 -33.16
N LEU E 3 11.27 -24.55 -33.72
CA LEU E 3 11.15 -23.07 -33.64
C LEU E 3 9.82 -22.61 -34.25
N ILE E 4 9.46 -23.17 -35.40
CA ILE E 4 8.17 -22.90 -36.09
C ILE E 4 7.21 -24.00 -35.66
N ASP E 5 6.26 -23.67 -34.77
CA ASP E 5 5.32 -24.62 -34.17
C ASP E 5 4.62 -25.34 -35.32
N PRO E 6 4.37 -26.66 -35.21
CA PRO E 6 3.72 -27.41 -36.30
C PRO E 6 2.27 -26.92 -36.55
N ARG E 7 1.65 -26.24 -35.57
CA ARG E 7 0.24 -25.76 -35.69
C ARG E 7 0.16 -24.36 -36.33
N ALA E 8 1.30 -23.72 -36.64
CA ALA E 8 1.36 -22.45 -37.40
C ALA E 8 1.18 -22.73 -38.89
N ILE E 9 0.81 -21.72 -39.68
CA ILE E 9 0.74 -21.78 -41.17
C ILE E 9 1.74 -20.78 -41.74
N ILE E 10 2.69 -21.27 -42.55
CA ILE E 10 3.71 -20.42 -43.25
C ILE E 10 3.45 -20.52 -44.76
N ASP E 11 2.92 -19.46 -45.38
CA ASP E 11 2.76 -19.42 -46.85
C ASP E 11 4.12 -19.77 -47.48
N PRO E 12 4.16 -20.65 -48.51
CA PRO E 12 5.44 -21.03 -49.13
C PRO E 12 6.23 -19.82 -49.65
N SER E 13 5.52 -18.75 -50.04
CA SER E 13 6.11 -17.51 -50.61
C SER E 13 6.47 -16.50 -49.51
N ALA E 14 6.38 -16.88 -48.23
CA ALA E 14 6.91 -16.12 -47.07
C ALA E 14 8.40 -16.42 -46.96
N ARG E 15 9.20 -15.53 -46.38
CA ARG E 15 10.68 -15.66 -46.23
C ARG E 15 11.10 -15.41 -44.78
N LEU E 16 11.12 -16.46 -43.97
CA LEU E 16 11.55 -16.40 -42.55
C LEU E 16 13.04 -16.71 -42.48
N ALA E 17 13.81 -15.93 -41.73
CA ALA E 17 15.19 -16.28 -41.27
C ALA E 17 15.08 -17.59 -40.49
N ALA E 18 16.13 -18.41 -40.52
CA ALA E 18 16.11 -19.83 -40.08
C ALA E 18 15.88 -19.94 -38.56
N ASP E 19 16.14 -18.89 -37.77
CA ASP E 19 15.96 -18.92 -36.29
C ASP E 19 14.68 -18.18 -35.85
N VAL E 20 13.84 -17.70 -36.77
CA VAL E 20 12.53 -17.05 -36.43
C VAL E 20 11.67 -18.07 -35.68
N GLN E 21 11.05 -17.65 -34.57
CA GLN E 21 10.09 -18.47 -33.78
C GLN E 21 8.67 -18.05 -34.15
N VAL E 22 7.80 -19.01 -34.40
CA VAL E 22 6.36 -18.77 -34.69
C VAL E 22 5.57 -19.72 -33.78
N GLY E 23 4.80 -19.16 -32.85
CA GLY E 23 4.01 -19.92 -31.86
C GLY E 23 2.82 -20.60 -32.52
N PRO E 24 2.10 -21.47 -31.78
CA PRO E 24 0.94 -22.17 -32.35
C PRO E 24 -0.16 -21.25 -32.91
N TRP E 25 -0.79 -21.64 -34.03
CA TRP E 25 -2.02 -21.02 -34.60
C TRP E 25 -1.74 -19.60 -35.10
N SER E 26 -0.51 -19.31 -35.51
CA SER E 26 -0.10 -18.04 -36.16
C SER E 26 0.02 -18.25 -37.66
N ILE E 27 -0.38 -17.25 -38.45
CA ILE E 27 -0.31 -17.25 -39.93
C ILE E 27 0.73 -16.23 -40.40
N VAL E 28 1.73 -16.69 -41.18
CA VAL E 28 2.65 -15.84 -41.97
C VAL E 28 2.25 -15.93 -43.44
N GLY E 29 1.58 -14.89 -43.96
CA GLY E 29 1.03 -14.85 -45.32
C GLY E 29 2.09 -14.71 -46.39
N ALA E 30 1.64 -14.68 -47.65
CA ALA E 30 2.50 -14.44 -48.85
C ALA E 30 3.18 -13.07 -48.72
N GLU E 31 4.43 -12.98 -49.21
CA GLU E 31 5.23 -11.73 -49.29
C GLU E 31 5.43 -11.13 -47.88
N VAL E 32 5.50 -11.97 -46.83
CA VAL E 32 5.93 -11.54 -45.47
C VAL E 32 7.36 -12.03 -45.23
N GLU E 33 8.27 -11.10 -44.96
CA GLU E 33 9.67 -11.38 -44.58
C GLU E 33 9.91 -11.02 -43.10
N ILE E 34 10.60 -11.91 -42.39
CA ILE E 34 10.83 -11.81 -40.91
C ILE E 34 12.32 -12.05 -40.66
N GLY E 35 12.95 -11.15 -39.91
CA GLY E 35 14.41 -11.15 -39.70
C GLY E 35 14.79 -11.99 -38.52
N GLU E 36 16.09 -12.19 -38.35
CA GLU E 36 16.76 -13.07 -37.36
C GLU E 36 16.42 -12.65 -35.92
N GLY E 37 16.06 -13.60 -35.05
CA GLY E 37 15.89 -13.38 -33.61
C GLY E 37 14.46 -13.00 -33.26
N THR E 38 13.66 -12.64 -34.27
CA THR E 38 12.24 -12.26 -34.10
C THR E 38 11.45 -13.46 -33.58
N VAL E 39 10.51 -13.18 -32.65
CA VAL E 39 9.62 -14.16 -31.98
C VAL E 39 8.16 -13.75 -32.24
N ILE E 40 7.48 -14.53 -33.08
CA ILE E 40 6.01 -14.40 -33.29
C ILE E 40 5.35 -15.30 -32.27
N GLY E 41 4.50 -14.73 -31.39
CA GLY E 41 3.73 -15.46 -30.37
C GLY E 41 2.64 -16.32 -31.03
N PRO E 42 1.72 -16.88 -30.21
CA PRO E 42 0.58 -17.61 -30.76
C PRO E 42 -0.54 -16.66 -31.23
N HIS E 43 -1.46 -17.15 -32.06
CA HIS E 43 -2.64 -16.40 -32.56
C HIS E 43 -2.26 -15.08 -33.23
N VAL E 44 -1.14 -15.01 -33.94
CA VAL E 44 -0.71 -13.78 -34.67
C VAL E 44 -1.01 -13.95 -36.17
N VAL E 45 -1.56 -12.93 -36.81
CA VAL E 45 -1.78 -12.89 -38.28
C VAL E 45 -0.84 -11.84 -38.91
N LEU E 46 0.04 -12.28 -39.83
CA LEU E 46 0.95 -11.42 -40.63
C LEU E 46 0.52 -11.48 -42.09
N LYS E 47 0.22 -10.34 -42.67
CA LYS E 47 -0.09 -10.20 -44.10
C LYS E 47 1.00 -9.26 -44.68
N GLY E 48 1.25 -9.39 -46.00
CA GLY E 48 2.29 -8.62 -46.72
C GLY E 48 1.72 -7.88 -47.90
N PRO E 49 2.54 -7.27 -48.77
CA PRO E 49 4.00 -7.19 -48.56
C PRO E 49 4.42 -6.46 -47.28
N THR E 50 5.09 -7.19 -46.39
CA THR E 50 5.53 -6.71 -45.06
C THR E 50 6.95 -7.21 -44.87
N LYS E 51 7.83 -6.34 -44.37
CA LYS E 51 9.23 -6.66 -43.94
C LYS E 51 9.33 -6.37 -42.45
N ILE E 52 9.65 -7.40 -41.66
CA ILE E 52 9.89 -7.31 -40.19
C ILE E 52 11.37 -7.62 -39.97
N GLY E 53 11.99 -6.90 -39.03
CA GLY E 53 13.45 -6.93 -38.82
C GLY E 53 13.82 -7.99 -37.80
N LYS E 54 14.87 -7.70 -37.04
CA LYS E 54 15.58 -8.62 -36.12
C LYS E 54 15.13 -8.37 -34.67
N HIS E 55 14.98 -9.42 -33.87
CA HIS E 55 14.78 -9.38 -32.40
C HIS E 55 13.45 -8.68 -32.04
N ASN E 56 12.43 -8.78 -32.90
CA ASN E 56 11.07 -8.26 -32.63
C ASN E 56 10.28 -9.30 -31.82
N ARG E 57 9.43 -8.83 -30.91
CA ARG E 57 8.45 -9.64 -30.15
C ARG E 57 7.05 -9.20 -30.55
N ILE E 58 6.21 -10.12 -31.05
CA ILE E 58 4.81 -9.83 -31.47
C ILE E 58 3.86 -10.75 -30.70
N TYR E 59 3.00 -10.18 -29.85
CA TYR E 59 2.08 -10.93 -28.95
C TYR E 59 0.78 -11.30 -29.64
N GLN E 60 0.11 -12.27 -29.01
CA GLN E 60 -1.19 -12.87 -29.37
C GLN E 60 -2.20 -11.80 -29.80
N PHE E 61 -2.92 -12.09 -30.89
CA PHE E 61 -4.17 -11.43 -31.34
C PHE E 61 -3.83 -10.17 -32.13
N SER E 62 -2.55 -9.99 -32.50
CA SER E 62 -2.08 -8.86 -33.33
C SER E 62 -2.30 -9.20 -34.81
N SER E 63 -2.77 -8.21 -35.55
CA SER E 63 -2.92 -8.21 -37.02
C SER E 63 -1.92 -7.21 -37.58
N VAL E 64 -0.77 -7.71 -38.04
CA VAL E 64 0.38 -6.90 -38.54
C VAL E 64 0.47 -7.11 -40.06
N GLY E 65 0.12 -6.08 -40.82
CA GLY E 65 0.32 -6.01 -42.28
C GLY E 65 -0.98 -6.13 -43.04
N GLU E 66 -2.12 -5.99 -42.37
CA GLU E 66 -3.43 -6.05 -43.07
C GLU E 66 -3.55 -4.83 -43.98
N ASP E 67 -4.33 -4.96 -45.04
CA ASP E 67 -4.83 -3.80 -45.83
C ASP E 67 -5.54 -2.84 -44.89
N THR E 68 -5.33 -1.54 -45.05
CA THR E 68 -6.21 -0.51 -44.45
C THR E 68 -7.63 -0.73 -44.98
N PRO E 69 -8.65 -0.63 -44.10
CA PRO E 69 -10.05 -0.63 -44.54
C PRO E 69 -10.44 0.71 -45.19
N ASP E 70 -9.54 1.71 -45.14
CA ASP E 70 -9.73 3.05 -45.76
C ASP E 70 -10.12 2.86 -47.24
N LEU E 71 -11.22 3.46 -47.67
CA LEU E 71 -11.85 3.18 -48.98
C LEU E 71 -10.98 3.67 -50.17
N LYS E 72 -9.96 4.52 -49.94
CA LYS E 72 -9.08 5.03 -51.02
C LYS E 72 -8.04 3.96 -51.39
N TYR E 73 -7.80 2.98 -50.52
CA TYR E 73 -6.93 1.82 -50.80
C TYR E 73 -7.67 0.83 -51.70
N LYS E 74 -7.24 0.71 -52.96
CA LYS E 74 -7.95 -0.04 -54.02
C LYS E 74 -7.30 -1.41 -54.24
N GLY E 75 -6.42 -1.85 -53.34
CA GLY E 75 -5.78 -3.18 -53.34
C GLY E 75 -4.42 -3.18 -54.02
N GLU E 76 -3.65 -2.09 -53.89
CA GLU E 76 -2.31 -1.95 -54.52
C GLU E 76 -1.31 -2.74 -53.69
N PRO E 77 -0.06 -2.97 -54.17
CA PRO E 77 0.93 -3.77 -53.44
C PRO E 77 1.76 -2.97 -52.40
N THR E 78 1.08 -2.13 -51.63
CA THR E 78 1.67 -1.24 -50.60
C THR E 78 2.36 -2.07 -49.52
N ARG E 79 3.30 -1.46 -48.79
CA ARG E 79 4.24 -2.17 -47.88
C ARG E 79 4.00 -1.77 -46.41
N LEU E 80 4.52 -2.61 -45.51
CA LEU E 80 4.75 -2.28 -44.09
C LEU E 80 6.18 -2.70 -43.80
N VAL E 81 6.99 -1.79 -43.24
CA VAL E 81 8.40 -2.00 -42.84
C VAL E 81 8.48 -1.75 -41.33
N ILE E 82 8.86 -2.80 -40.59
CA ILE E 82 9.11 -2.77 -39.13
C ILE E 82 10.60 -3.09 -38.99
N GLY E 83 11.29 -2.33 -38.13
CA GLY E 83 12.73 -2.46 -37.87
C GLY E 83 13.02 -3.56 -36.86
N ASP E 84 13.94 -3.27 -35.96
CA ASP E 84 14.57 -4.24 -35.02
C ASP E 84 14.21 -3.89 -33.57
N HIS E 85 14.15 -4.89 -32.69
CA HIS E 85 14.05 -4.78 -31.20
C HIS E 85 12.71 -4.15 -30.78
N ASN E 86 11.67 -4.29 -31.60
CA ASN E 86 10.31 -3.77 -31.29
C ASN E 86 9.53 -4.84 -30.52
N VAL E 87 8.67 -4.36 -29.63
CA VAL E 87 7.74 -5.18 -28.81
C VAL E 87 6.34 -4.70 -29.16
N ILE E 88 5.56 -5.55 -29.84
CA ILE E 88 4.15 -5.29 -30.24
C ILE E 88 3.30 -6.23 -29.39
N ARG E 89 2.55 -5.65 -28.45
CA ARG E 89 1.80 -6.38 -27.41
C ARG E 89 0.47 -6.87 -27.98
N GLU E 90 -0.46 -7.27 -27.10
CA GLU E 90 -1.74 -7.99 -27.40
C GLU E 90 -2.63 -7.16 -28.32
N GLY E 91 -3.08 -7.72 -29.44
CA GLY E 91 -4.22 -7.17 -30.20
C GLY E 91 -3.88 -5.91 -30.98
N VAL E 92 -2.61 -5.62 -31.20
CA VAL E 92 -2.17 -4.43 -31.99
C VAL E 92 -2.55 -4.64 -33.46
N THR E 93 -3.06 -3.59 -34.09
CA THR E 93 -3.32 -3.54 -35.54
C THR E 93 -2.33 -2.56 -36.16
N ILE E 94 -1.59 -3.04 -37.17
CA ILE E 94 -0.68 -2.24 -38.02
C ILE E 94 -1.09 -2.49 -39.48
N HIS E 95 -1.44 -1.44 -40.19
CA HIS E 95 -1.88 -1.50 -41.60
C HIS E 95 -0.75 -1.05 -42.51
N ARG E 96 -0.75 -1.61 -43.72
CA ARG E 96 0.19 -1.23 -44.81
C ARG E 96 -0.26 0.13 -45.38
N GLY E 97 0.57 0.74 -46.23
CA GLY E 97 0.39 2.10 -46.81
C GLY E 97 -0.70 2.19 -47.88
N THR E 98 -0.86 3.40 -48.40
CA THR E 98 -1.74 3.76 -49.54
C THR E 98 -0.86 4.37 -50.63
N VAL E 99 -1.21 4.18 -51.90
CA VAL E 99 -0.39 4.73 -53.02
C VAL E 99 -0.55 6.26 -53.03
N GLN E 100 -1.65 6.78 -52.45
CA GLN E 100 -1.95 8.23 -52.39
C GLN E 100 -0.86 8.96 -51.58
N ASP E 101 -0.10 8.26 -50.73
CA ASP E 101 0.97 8.86 -49.89
C ASP E 101 2.32 8.39 -50.41
N ARG E 102 3.01 7.49 -49.71
CA ARG E 102 4.33 6.93 -50.12
C ARG E 102 4.24 5.41 -50.17
N ALA E 103 3.02 4.87 -50.14
CA ALA E 103 2.68 3.44 -50.29
C ALA E 103 3.37 2.59 -49.21
N GLU E 104 3.69 3.18 -48.04
CA GLU E 104 4.39 2.46 -46.95
C GLU E 104 4.02 3.00 -45.57
N THR E 105 3.86 2.06 -44.63
CA THR E 105 3.78 2.26 -43.16
C THR E 105 5.10 1.75 -42.60
N THR E 106 5.78 2.55 -41.78
CA THR E 106 7.22 2.41 -41.43
C THR E 106 7.40 2.57 -39.91
N ILE E 107 8.11 1.65 -39.27
CA ILE E 107 8.39 1.67 -37.80
C ILE E 107 9.86 1.36 -37.61
N GLY E 108 10.56 2.21 -36.85
CA GLY E 108 11.99 2.07 -36.56
C GLY E 108 12.26 0.96 -35.58
N ASP E 109 13.15 1.20 -34.62
CA ASP E 109 13.73 0.20 -33.71
C ASP E 109 13.40 0.56 -32.26
N HIS E 110 13.32 -0.44 -31.38
CA HIS E 110 13.20 -0.32 -29.89
C HIS E 110 11.88 0.36 -29.50
N ASN E 111 10.86 0.28 -30.35
CA ASN E 111 9.51 0.83 -30.06
C ASN E 111 8.75 -0.13 -29.13
N LEU E 112 7.95 0.39 -28.22
CA LEU E 112 7.02 -0.41 -27.39
C LEU E 112 5.60 -0.01 -27.75
N ILE E 113 4.89 -0.89 -28.42
CA ILE E 113 3.51 -0.65 -28.88
C ILE E 113 2.57 -1.53 -28.04
N MET E 114 1.88 -0.93 -27.08
CA MET E 114 1.11 -1.67 -26.04
C MET E 114 -0.25 -2.10 -26.59
N ALA E 115 -1.03 -2.80 -25.78
CA ALA E 115 -2.16 -3.63 -26.28
C ALA E 115 -3.19 -2.74 -27.00
N TYR E 116 -3.70 -3.24 -28.14
CA TYR E 116 -4.81 -2.66 -28.93
C TYR E 116 -4.45 -1.27 -29.47
N ALA E 117 -3.17 -0.88 -29.49
CA ALA E 117 -2.72 0.33 -30.20
C ALA E 117 -3.01 0.08 -31.69
N HIS E 118 -3.32 1.14 -32.44
CA HIS E 118 -3.56 1.09 -33.90
C HIS E 118 -2.55 2.00 -34.59
N ILE E 119 -1.83 1.43 -35.57
CA ILE E 119 -0.85 2.16 -36.42
C ILE E 119 -1.43 2.22 -37.82
N GLY E 120 -2.09 3.32 -38.13
CA GLY E 120 -2.84 3.46 -39.39
C GLY E 120 -1.94 3.61 -40.58
N HIS E 121 -2.50 3.35 -41.75
CA HIS E 121 -1.82 3.43 -43.07
C HIS E 121 -0.94 4.68 -43.16
N ASP E 122 0.30 4.49 -43.60
CA ASP E 122 1.21 5.59 -44.02
C ASP E 122 1.81 6.28 -42.79
N SER E 123 1.56 5.77 -41.58
CA SER E 123 2.18 6.29 -40.36
C SER E 123 3.67 5.94 -40.35
N VAL E 124 4.51 6.84 -39.88
CA VAL E 124 5.97 6.63 -39.70
C VAL E 124 6.34 6.85 -38.23
N ILE E 125 6.82 5.79 -37.58
CA ILE E 125 7.28 5.80 -36.16
C ILE E 125 8.80 5.61 -36.21
N GLY E 126 9.54 6.48 -35.52
CA GLY E 126 11.00 6.40 -35.43
C GLY E 126 11.40 5.31 -34.46
N ASN E 127 12.31 5.65 -33.55
CA ASN E 127 13.01 4.71 -32.62
C ASN E 127 12.69 5.08 -31.17
N HIS E 128 12.57 4.07 -30.31
CA HIS E 128 12.46 4.21 -28.83
C HIS E 128 11.15 4.88 -28.40
N CYS E 129 10.13 4.86 -29.25
CA CYS E 129 8.78 5.40 -28.92
C CYS E 129 8.01 4.42 -28.03
N ILE E 130 7.04 4.93 -27.27
CA ILE E 130 6.06 4.14 -26.50
C ILE E 130 4.64 4.60 -26.87
N LEU E 131 3.85 3.72 -27.46
CA LEU E 131 2.40 3.93 -27.65
C LEU E 131 1.71 3.06 -26.62
N VAL E 132 1.11 3.68 -25.62
CA VAL E 132 0.43 2.95 -24.52
C VAL E 132 -0.90 2.45 -25.08
N ASN E 133 -1.53 1.51 -24.36
CA ASN E 133 -2.76 0.78 -24.77
C ASN E 133 -3.70 1.70 -25.55
N ASN E 134 -4.16 1.25 -26.72
CA ASN E 134 -5.35 1.80 -27.42
C ASN E 134 -5.07 3.22 -27.96
N THR E 135 -3.80 3.63 -28.02
CA THR E 135 -3.33 4.76 -28.86
C THR E 135 -3.66 4.45 -30.33
N ALA E 136 -4.30 5.38 -31.01
CA ALA E 136 -4.73 5.31 -32.43
C ALA E 136 -4.02 6.40 -33.22
N LEU E 137 -3.18 6.01 -34.17
CA LEU E 137 -2.68 6.90 -35.24
C LEU E 137 -3.60 6.68 -36.44
N ALA E 138 -4.50 7.62 -36.68
CA ALA E 138 -5.60 7.49 -37.65
C ALA E 138 -5.06 7.29 -39.09
N GLY E 139 -3.86 7.77 -39.39
CA GLY E 139 -3.25 7.65 -40.73
C GLY E 139 -2.25 8.78 -40.98
N HIS E 140 -1.18 8.47 -41.71
CA HIS E 140 -0.11 9.43 -42.13
C HIS E 140 0.43 10.17 -40.91
N VAL E 141 0.52 9.52 -39.75
CA VAL E 141 1.04 10.16 -38.51
C VAL E 141 2.53 9.87 -38.43
N HIS E 142 3.32 10.91 -38.14
CA HIS E 142 4.79 10.89 -37.97
C HIS E 142 5.14 11.08 -36.49
N VAL E 143 5.77 10.07 -35.90
CA VAL E 143 6.10 9.97 -34.45
C VAL E 143 7.61 9.87 -34.37
N ASP E 144 8.27 10.93 -33.89
CA ASP E 144 9.74 11.02 -33.89
C ASP E 144 10.25 10.35 -32.60
N ASP E 145 11.56 10.18 -32.48
CA ASP E 145 12.22 9.26 -31.53
C ASP E 145 11.88 9.65 -30.08
N TRP E 146 11.66 8.65 -29.24
CA TRP E 146 11.45 8.77 -27.76
C TRP E 146 10.07 9.33 -27.39
N ALA E 147 9.26 9.77 -28.34
CA ALA E 147 7.90 10.28 -28.04
C ALA E 147 7.12 9.22 -27.24
N ILE E 148 6.33 9.64 -26.27
CA ILE E 148 5.48 8.76 -25.43
C ILE E 148 4.03 9.21 -25.56
N LEU E 149 3.18 8.34 -26.07
CA LEU E 149 1.72 8.60 -26.10
C LEU E 149 1.03 7.68 -25.09
N SER E 150 0.51 8.27 -24.01
CA SER E 150 -0.25 7.58 -22.95
C SER E 150 -1.56 7.02 -23.50
N GLY E 151 -2.18 6.15 -22.71
CA GLY E 151 -3.35 5.34 -23.07
C GLY E 151 -4.44 6.14 -23.72
N TYR E 152 -5.00 5.58 -24.81
CA TYR E 152 -6.21 6.09 -25.47
C TYR E 152 -5.95 7.49 -26.04
N THR E 153 -4.70 7.77 -26.40
CA THR E 153 -4.33 8.97 -27.18
C THR E 153 -4.84 8.78 -28.61
N LEU E 154 -5.70 9.68 -29.06
CA LEU E 154 -6.20 9.75 -30.46
C LEU E 154 -5.36 10.76 -31.25
N VAL E 155 -4.76 10.33 -32.36
CA VAL E 155 -3.93 11.26 -33.20
C VAL E 155 -4.59 11.41 -34.57
N HIS E 156 -4.97 12.64 -34.91
CA HIS E 156 -5.55 13.02 -36.23
C HIS E 156 -4.54 12.74 -37.33
N GLN E 157 -5.02 12.52 -38.55
CA GLN E 157 -4.16 12.22 -39.71
C GLN E 157 -3.21 13.40 -39.97
N TYR E 158 -2.03 13.10 -40.48
CA TYR E 158 -0.99 14.06 -40.96
C TYR E 158 -0.25 14.72 -39.79
N CYS E 159 -0.62 14.44 -38.53
CA CYS E 159 -0.01 15.08 -37.34
C CYS E 159 1.41 14.58 -37.14
N ARG E 160 2.32 15.51 -36.82
CA ARG E 160 3.69 15.20 -36.37
C ARG E 160 3.71 15.22 -34.83
N ILE E 161 4.19 14.15 -34.22
CA ILE E 161 4.50 14.03 -32.76
C ILE E 161 6.02 14.13 -32.62
N GLY E 162 6.52 15.22 -32.02
CA GLY E 162 7.96 15.53 -31.96
C GLY E 162 8.74 14.60 -31.04
N ALA E 163 10.06 14.53 -31.25
CA ALA E 163 11.02 13.77 -30.42
C ALA E 163 10.86 14.12 -28.92
N HIS E 164 10.83 13.12 -28.04
CA HIS E 164 10.82 13.27 -26.55
C HIS E 164 9.52 13.93 -26.06
N SER E 165 8.51 14.07 -26.93
CA SER E 165 7.21 14.67 -26.55
C SER E 165 6.40 13.67 -25.72
N PHE E 166 5.33 14.12 -25.08
CA PHE E 166 4.50 13.27 -24.18
C PHE E 166 3.03 13.69 -24.29
N SER E 167 2.13 12.74 -24.48
CA SER E 167 0.66 12.97 -24.35
C SER E 167 0.17 12.28 -23.07
N GLY E 168 -0.68 12.96 -22.33
CA GLY E 168 -1.43 12.40 -21.20
C GLY E 168 -2.48 11.43 -21.70
N MET E 169 -2.93 10.55 -20.82
CA MET E 169 -3.98 9.55 -21.07
C MET E 169 -5.19 10.25 -21.70
N GLY E 170 -5.74 9.71 -22.78
CA GLY E 170 -7.03 10.16 -23.33
C GLY E 170 -6.94 11.50 -24.05
N SER E 171 -5.71 11.94 -24.39
CA SER E 171 -5.46 13.17 -25.19
C SER E 171 -6.01 12.98 -26.60
N ALA E 172 -6.65 14.01 -27.14
CA ALA E 172 -7.04 14.02 -28.57
C ALA E 172 -6.17 15.06 -29.30
N ILE E 173 -5.23 14.58 -30.12
CA ILE E 173 -4.23 15.43 -30.82
C ILE E 173 -4.67 15.72 -32.25
N GLY E 174 -4.86 17.01 -32.53
CA GLY E 174 -5.39 17.55 -33.79
C GLY E 174 -4.37 18.42 -34.49
N LYS E 175 -3.27 18.79 -33.84
CA LYS E 175 -2.14 19.51 -34.50
C LYS E 175 -0.84 18.89 -34.06
N ASP E 176 0.23 19.29 -34.74
CA ASP E 176 1.62 18.87 -34.45
C ASP E 176 1.90 19.15 -32.98
N VAL E 177 2.53 18.19 -32.33
CA VAL E 177 3.15 18.35 -30.98
C VAL E 177 4.64 18.59 -31.20
N PRO E 178 5.12 19.82 -30.88
CA PRO E 178 6.55 20.12 -30.91
C PRO E 178 7.35 19.14 -30.03
N ALA E 179 8.62 18.92 -30.38
CA ALA E 179 9.55 18.07 -29.59
C ALA E 179 9.56 18.53 -28.12
N TYR E 180 9.62 17.55 -27.22
CA TYR E 180 9.74 17.70 -25.74
C TYR E 180 8.42 18.15 -25.11
N VAL E 181 7.48 18.72 -25.86
CA VAL E 181 6.27 19.35 -25.25
C VAL E 181 5.36 18.28 -24.63
N THR E 182 4.77 18.57 -23.48
CA THR E 182 3.77 17.68 -22.83
C THR E 182 2.38 18.24 -23.15
N VAL E 183 1.48 17.40 -23.64
CA VAL E 183 0.09 17.82 -23.99
C VAL E 183 -0.90 16.92 -23.25
N PHE E 184 -2.04 17.51 -22.86
CA PHE E 184 -3.13 16.83 -22.13
C PHE E 184 -4.48 17.30 -22.69
N GLY E 185 -5.44 16.39 -22.64
CA GLY E 185 -6.87 16.68 -22.75
C GLY E 185 -7.41 16.57 -24.16
N ASN E 186 -8.66 16.96 -24.29
CA ASN E 186 -9.44 16.84 -25.53
C ASN E 186 -10.22 18.14 -25.67
N PRO E 187 -9.82 19.10 -26.54
CA PRO E 187 -8.67 18.95 -27.42
C PRO E 187 -7.35 19.08 -26.63
N ALA E 188 -6.28 18.45 -27.12
CA ALA E 188 -4.93 18.47 -26.49
C ALA E 188 -4.48 19.92 -26.30
N GLU E 189 -3.93 20.29 -25.15
CA GLU E 189 -3.23 21.59 -24.97
C GLU E 189 -1.83 21.37 -24.39
N ALA E 190 -0.92 22.27 -24.73
CA ALA E 190 0.46 22.32 -24.22
C ALA E 190 0.42 22.68 -22.74
N ARG E 191 1.20 21.99 -21.92
CA ARG E 191 1.33 22.24 -20.46
C ARG E 191 2.79 22.59 -20.14
N SER E 192 3.76 21.77 -20.51
CA SER E 192 5.19 21.99 -20.16
C SER E 192 6.13 21.27 -21.11
N MET E 193 7.37 21.00 -20.69
CA MET E 193 8.36 20.18 -21.43
C MET E 193 8.54 18.84 -20.71
N ASN E 194 8.99 17.82 -21.44
CA ASN E 194 9.27 16.48 -20.90
C ASN E 194 10.67 16.46 -20.26
N PHE E 195 10.87 17.20 -19.17
CA PHE E 195 12.13 17.22 -18.37
C PHE E 195 12.57 15.79 -17.99
N GLU E 196 11.63 14.96 -17.55
CA GLU E 196 11.94 13.54 -17.18
C GLU E 196 12.56 12.83 -18.38
N GLY E 197 12.01 13.05 -19.57
CA GLY E 197 12.52 12.48 -20.83
C GLY E 197 13.95 12.92 -21.08
N MET E 198 14.25 14.19 -20.84
CA MET E 198 15.56 14.81 -21.07
C MET E 198 16.61 14.16 -20.12
N ARG E 199 16.27 14.03 -18.85
CA ARG E 199 17.14 13.40 -17.80
C ARG E 199 17.47 11.97 -18.20
N ARG E 200 16.46 11.16 -18.51
CA ARG E 200 16.69 9.75 -18.92
C ARG E 200 17.75 9.71 -20.03
N ARG E 201 17.80 10.71 -20.92
CA ARG E 201 18.68 10.74 -22.11
C ARG E 201 20.07 11.29 -21.76
N GLY E 202 20.27 11.74 -20.52
CA GLY E 202 21.56 12.29 -20.05
C GLY E 202 21.80 13.71 -20.55
N PHE E 203 20.73 14.48 -20.79
CA PHE E 203 20.83 15.91 -21.14
C PHE E 203 21.59 16.62 -20.02
N SER E 204 22.49 17.53 -20.37
CA SER E 204 23.18 18.44 -19.43
C SER E 204 22.15 19.38 -18.81
N SER E 205 22.45 19.94 -17.64
CA SER E 205 21.62 20.96 -16.93
C SER E 205 21.45 22.18 -17.84
N GLU E 206 22.47 22.52 -18.63
CA GLU E 206 22.45 23.73 -19.50
C GLU E 206 21.40 23.50 -20.61
N ALA E 207 21.34 22.30 -21.17
CA ALA E 207 20.43 21.97 -22.28
C ALA E 207 19.00 22.00 -21.75
N ILE E 208 18.77 21.36 -20.60
CA ILE E 208 17.45 21.36 -19.90
C ILE E 208 17.01 22.81 -19.66
N HIS E 209 17.89 23.66 -19.14
CA HIS E 209 17.57 25.10 -18.84
C HIS E 209 17.28 25.89 -20.13
N ALA E 210 18.04 25.65 -21.20
CA ALA E 210 17.81 26.32 -22.49
C ALA E 210 16.44 25.88 -23.03
N LEU E 211 16.07 24.61 -22.86
CA LEU E 211 14.75 24.10 -23.34
C LEU E 211 13.62 24.65 -22.45
N ARG E 212 13.87 24.93 -21.18
CA ARG E 212 12.86 25.60 -20.30
C ARG E 212 12.59 27.01 -20.82
N ARG E 213 13.63 27.80 -21.11
CA ARG E 213 13.48 29.17 -21.65
C ARG E 213 12.76 29.07 -23.01
N ALA E 214 13.13 28.11 -23.86
CA ALA E 214 12.57 27.96 -25.23
C ALA E 214 11.05 27.72 -25.15
N TYR E 215 10.58 26.94 -24.17
CA TYR E 215 9.13 26.74 -23.99
C TYR E 215 8.47 28.09 -23.70
N LYS E 216 9.07 28.92 -22.84
CA LYS E 216 8.52 30.24 -22.41
C LYS E 216 8.39 31.13 -23.64
N VAL E 217 9.46 31.22 -24.41
CA VAL E 217 9.56 32.03 -25.66
C VAL E 217 8.37 31.68 -26.55
N VAL E 218 8.10 30.38 -26.73
CA VAL E 218 7.09 29.92 -27.71
C VAL E 218 5.70 30.15 -27.12
N TYR E 219 5.51 29.86 -25.83
CA TYR E 219 4.17 29.59 -25.25
C TYR E 219 3.75 30.65 -24.22
N ARG E 220 4.65 31.39 -23.59
CA ARG E 220 4.28 32.18 -22.39
C ARG E 220 4.69 33.65 -22.53
N GLN E 221 5.08 34.12 -23.72
CA GLN E 221 5.72 35.46 -23.84
C GLN E 221 4.99 36.30 -24.88
N GLY E 222 3.83 35.88 -25.38
CA GLY E 222 2.99 36.69 -26.29
C GLY E 222 3.40 36.63 -27.75
N HIS E 223 4.55 36.03 -28.07
CA HIS E 223 5.13 35.97 -29.44
C HIS E 223 4.21 35.22 -30.41
N THR E 224 4.19 35.64 -31.69
CA THR E 224 3.80 34.78 -32.85
C THR E 224 4.86 33.70 -33.04
N VAL E 225 4.52 32.60 -33.71
CA VAL E 225 5.48 31.52 -34.05
C VAL E 225 6.69 32.16 -34.73
N GLU E 226 6.43 33.05 -35.69
CA GLU E 226 7.46 33.82 -36.45
C GLU E 226 8.47 34.45 -35.49
N GLU E 227 8.00 35.22 -34.50
CA GLU E 227 8.89 35.95 -33.54
C GLU E 227 9.58 34.94 -32.61
N ALA E 228 8.87 33.88 -32.23
CA ALA E 228 9.42 32.80 -31.37
C ALA E 228 10.62 32.14 -32.06
N LEU E 229 10.51 31.82 -33.36
CA LEU E 229 11.60 31.16 -34.12
C LEU E 229 12.82 32.09 -34.15
N ALA E 230 12.59 33.37 -34.45
CA ALA E 230 13.58 34.47 -34.42
C ALA E 230 14.36 34.43 -33.09
N GLU E 231 13.64 34.45 -31.96
CA GLU E 231 14.22 34.44 -30.59
C GLU E 231 15.07 33.18 -30.35
N LEU E 232 14.70 32.04 -30.94
CA LEU E 232 15.33 30.71 -30.66
C LEU E 232 16.58 30.47 -31.54
N ALA E 233 16.87 31.32 -32.53
CA ALA E 233 17.93 31.08 -33.54
C ALA E 233 19.28 30.89 -32.84
N GLU E 234 19.63 31.79 -31.92
CA GLU E 234 20.92 31.78 -31.16
C GLU E 234 21.02 30.52 -30.29
N SER E 235 20.03 30.28 -29.41
CA SER E 235 19.95 29.08 -28.52
C SER E 235 20.07 27.80 -29.34
N ALA E 236 19.39 27.75 -30.50
CA ALA E 236 19.33 26.60 -31.44
C ALA E 236 20.71 26.34 -32.06
N ALA E 237 21.51 27.37 -32.31
CA ALA E 237 22.91 27.21 -32.80
C ALA E 237 23.79 26.69 -31.66
N GLN E 238 23.57 27.16 -30.43
CA GLN E 238 24.38 26.75 -29.24
C GLN E 238 24.07 25.29 -28.86
N PHE E 239 22.82 24.83 -28.98
CA PHE E 239 22.36 23.53 -28.44
C PHE E 239 21.60 22.75 -29.49
N PRO E 240 22.15 21.63 -30.00
CA PRO E 240 21.41 20.77 -30.93
C PRO E 240 20.06 20.34 -30.34
N GLU E 241 20.02 20.18 -29.01
CA GLU E 241 18.82 19.77 -28.24
C GLU E 241 17.73 20.83 -28.46
N VAL E 242 18.12 22.09 -28.52
CA VAL E 242 17.16 23.22 -28.71
C VAL E 242 16.78 23.30 -30.19
N ALA E 243 17.71 23.01 -31.09
CA ALA E 243 17.48 23.02 -32.55
C ALA E 243 16.41 21.97 -32.90
N VAL E 244 16.42 20.82 -32.20
CA VAL E 244 15.39 19.78 -32.35
C VAL E 244 14.02 20.44 -32.10
N PHE E 245 13.90 21.25 -31.04
CA PHE E 245 12.64 21.95 -30.63
C PHE E 245 12.24 22.98 -31.70
N ARG E 246 13.16 23.88 -32.00
CA ARG E 246 12.98 24.98 -32.98
C ARG E 246 12.50 24.37 -34.31
N ASP E 247 13.20 23.36 -34.83
CA ASP E 247 12.91 22.72 -36.15
C ASP E 247 11.50 22.12 -36.17
N SER E 248 11.08 21.48 -35.06
CA SER E 248 9.74 20.84 -34.93
C SER E 248 8.63 21.89 -35.05
N ILE E 249 8.90 23.13 -34.59
CA ILE E 249 7.96 24.28 -34.72
C ILE E 249 8.01 24.80 -36.16
N GLN E 250 9.21 25.07 -36.67
CA GLN E 250 9.42 25.45 -38.10
C GLN E 250 8.68 24.45 -39.01
N SER E 251 8.82 23.14 -38.78
CA SER E 251 8.21 22.03 -39.57
C SER E 251 6.68 22.04 -39.49
N ALA E 252 6.10 22.68 -38.47
CA ALA E 252 4.67 22.54 -38.11
C ALA E 252 3.84 23.44 -39.03
N THR E 253 3.42 22.89 -40.16
CA THR E 253 2.90 23.65 -41.34
C THR E 253 1.45 24.11 -41.07
N ARG E 254 0.59 23.28 -40.46
CA ARG E 254 -0.82 23.62 -40.09
C ARG E 254 -0.93 23.89 -38.58
N GLY E 255 0.06 24.55 -37.98
CA GLY E 255 -0.04 25.04 -36.59
C GLY E 255 0.43 24.02 -35.58
N ILE E 256 0.92 24.47 -34.42
CA ILE E 256 1.33 23.64 -33.26
C ILE E 256 0.18 23.56 -32.25
N THR E 257 0.17 22.50 -31.45
CA THR E 257 -0.71 22.34 -30.26
C THR E 257 -0.37 23.47 -29.28
N ARG E 258 -1.37 24.25 -28.88
CA ARG E 258 -1.15 25.43 -28.02
C ARG E 258 -1.76 25.14 -26.63
N SER F 2 -9.71 -26.68 -49.92
CA SER F 2 -11.19 -26.53 -50.06
C SER F 2 -11.68 -25.34 -49.21
N LEU F 3 -12.94 -24.94 -49.41
CA LEU F 3 -13.48 -23.62 -48.98
C LEU F 3 -13.56 -23.55 -47.44
N ILE F 4 -14.00 -24.63 -46.78
CA ILE F 4 -14.05 -24.70 -45.30
C ILE F 4 -12.76 -25.38 -44.84
N ASP F 5 -11.88 -24.65 -44.15
CA ASP F 5 -10.58 -25.15 -43.66
C ASP F 5 -10.83 -26.31 -42.70
N PRO F 6 -10.00 -27.38 -42.77
CA PRO F 6 -10.20 -28.55 -41.91
C PRO F 6 -9.94 -28.31 -40.42
N ARG F 7 -9.25 -27.21 -40.07
CA ARG F 7 -8.98 -26.83 -38.64
C ARG F 7 -10.10 -25.93 -38.09
N ALA F 8 -11.12 -25.62 -38.89
CA ALA F 8 -12.36 -24.92 -38.47
C ALA F 8 -13.30 -25.91 -37.78
N ILE F 9 -14.15 -25.41 -36.89
CA ILE F 9 -15.25 -26.18 -36.24
C ILE F 9 -16.56 -25.69 -36.84
N ILE F 10 -17.24 -26.53 -37.62
CA ILE F 10 -18.59 -26.22 -38.17
C ILE F 10 -19.61 -27.07 -37.43
N ASP F 11 -20.56 -26.44 -36.74
CA ASP F 11 -21.60 -27.16 -35.98
C ASP F 11 -22.55 -27.78 -36.99
N PRO F 12 -23.01 -29.02 -36.75
CA PRO F 12 -23.92 -29.67 -37.69
C PRO F 12 -25.22 -28.88 -37.98
N SER F 13 -25.68 -28.04 -37.05
CA SER F 13 -26.93 -27.24 -37.20
C SER F 13 -26.65 -25.90 -37.92
N ALA F 14 -25.38 -25.62 -38.25
CA ALA F 14 -24.99 -24.47 -39.09
C ALA F 14 -25.41 -24.75 -40.55
N ARG F 15 -25.96 -23.75 -41.22
CA ARG F 15 -26.38 -23.83 -42.63
C ARG F 15 -25.53 -22.84 -43.42
N LEU F 16 -24.63 -23.36 -44.25
CA LEU F 16 -23.73 -22.56 -45.13
C LEU F 16 -24.18 -22.73 -46.59
N ALA F 17 -24.20 -21.67 -47.38
CA ALA F 17 -24.27 -21.76 -48.86
C ALA F 17 -22.97 -22.40 -49.37
N ALA F 18 -22.94 -22.80 -50.64
CA ALA F 18 -21.99 -23.79 -51.20
C ALA F 18 -20.57 -23.21 -51.30
N ASP F 19 -20.45 -21.93 -51.65
CA ASP F 19 -19.15 -21.27 -51.95
C ASP F 19 -18.62 -20.49 -50.72
N VAL F 20 -19.30 -20.59 -49.58
CA VAL F 20 -18.85 -19.97 -48.29
C VAL F 20 -17.44 -20.48 -47.97
N GLN F 21 -16.51 -19.57 -47.65
CA GLN F 21 -15.16 -19.90 -47.12
C GLN F 21 -15.10 -19.65 -45.60
N VAL F 22 -14.37 -20.50 -44.87
CA VAL F 22 -14.16 -20.34 -43.40
C VAL F 22 -12.70 -20.66 -43.14
N GLY F 23 -11.97 -19.73 -42.53
CA GLY F 23 -10.53 -19.84 -42.27
C GLY F 23 -10.22 -20.80 -41.13
N PRO F 24 -8.93 -21.15 -40.93
CA PRO F 24 -8.51 -21.98 -39.82
C PRO F 24 -8.84 -21.39 -38.44
N TRP F 25 -9.24 -22.27 -37.52
CA TRP F 25 -9.42 -22.04 -36.06
C TRP F 25 -10.58 -21.07 -35.83
N SER F 26 -11.52 -21.06 -36.76
CA SER F 26 -12.80 -20.31 -36.66
C SER F 26 -13.87 -21.28 -36.20
N ILE F 27 -14.89 -20.77 -35.53
CA ILE F 27 -16.04 -21.56 -35.01
C ILE F 27 -17.31 -21.03 -35.65
N VAL F 28 -18.07 -21.89 -36.35
CA VAL F 28 -19.47 -21.60 -36.75
C VAL F 28 -20.39 -22.43 -35.84
N GLY F 29 -20.84 -21.83 -34.74
CA GLY F 29 -21.68 -22.48 -33.71
C GLY F 29 -23.05 -22.87 -34.26
N ALA F 30 -23.85 -23.53 -33.43
CA ALA F 30 -25.22 -23.98 -33.77
C ALA F 30 -26.07 -22.78 -34.21
N GLU F 31 -27.02 -23.02 -35.13
CA GLU F 31 -28.09 -22.08 -35.57
C GLU F 31 -27.49 -20.81 -36.22
N VAL F 32 -26.30 -20.93 -36.79
CA VAL F 32 -25.66 -19.87 -37.63
C VAL F 32 -25.86 -20.23 -39.10
N GLU F 33 -26.42 -19.29 -39.87
CA GLU F 33 -26.62 -19.38 -41.35
C GLU F 33 -25.71 -18.37 -42.05
N ILE F 34 -25.01 -18.80 -43.09
CA ILE F 34 -24.02 -17.98 -43.85
C ILE F 34 -24.39 -18.02 -45.35
N GLY F 35 -24.77 -16.89 -45.93
CA GLY F 35 -25.18 -16.75 -47.34
C GLY F 35 -24.00 -16.84 -48.31
N GLU F 36 -24.28 -17.02 -49.59
CA GLU F 36 -23.28 -17.35 -50.64
C GLU F 36 -22.27 -16.19 -50.77
N GLY F 37 -20.99 -16.54 -50.92
CA GLY F 37 -19.92 -15.58 -51.23
C GLY F 37 -19.28 -15.03 -49.97
N THR F 38 -19.88 -15.24 -48.79
CA THR F 38 -19.33 -14.71 -47.51
C THR F 38 -18.00 -15.40 -47.22
N VAL F 39 -17.00 -14.64 -46.80
CA VAL F 39 -15.69 -15.19 -46.39
C VAL F 39 -15.51 -14.89 -44.90
N ILE F 40 -15.40 -15.95 -44.10
CA ILE F 40 -15.04 -15.92 -42.65
C ILE F 40 -13.54 -16.16 -42.57
N GLY F 41 -12.81 -15.26 -41.93
CA GLY F 41 -11.35 -15.32 -41.79
C GLY F 41 -10.94 -16.40 -40.80
N PRO F 42 -9.65 -16.45 -40.44
CA PRO F 42 -9.19 -17.29 -39.35
C PRO F 42 -9.56 -16.70 -37.98
N HIS F 43 -9.61 -17.54 -36.94
CA HIS F 43 -9.80 -17.12 -35.51
C HIS F 43 -11.08 -16.31 -35.31
N VAL F 44 -12.15 -16.66 -36.00
CA VAL F 44 -13.46 -15.98 -35.83
C VAL F 44 -14.36 -16.86 -34.96
N VAL F 45 -15.14 -16.25 -34.08
CA VAL F 45 -16.19 -16.95 -33.28
C VAL F 45 -17.52 -16.42 -33.79
N LEU F 46 -18.31 -17.28 -34.44
CA LEU F 46 -19.71 -16.97 -34.77
C LEU F 46 -20.57 -17.75 -33.80
N LYS F 47 -21.56 -17.11 -33.18
CA LYS F 47 -22.56 -17.79 -32.33
C LYS F 47 -23.95 -17.41 -32.84
N GLY F 48 -24.95 -18.26 -32.59
CA GLY F 48 -26.33 -18.10 -33.08
C GLY F 48 -27.33 -17.97 -31.93
N PRO F 49 -28.66 -17.85 -32.22
CA PRO F 49 -29.19 -17.85 -33.59
C PRO F 49 -28.81 -16.61 -34.42
N THR F 50 -28.09 -16.82 -35.51
CA THR F 50 -27.49 -15.73 -36.33
C THR F 50 -27.71 -16.03 -37.83
N LYS F 51 -28.17 -15.04 -38.59
CA LYS F 51 -28.25 -15.11 -40.07
C LYS F 51 -27.34 -14.02 -40.65
N ILE F 52 -26.37 -14.47 -41.46
CA ILE F 52 -25.39 -13.65 -42.25
C ILE F 52 -25.72 -13.85 -43.74
N GLY F 53 -26.02 -12.77 -44.47
CA GLY F 53 -26.27 -12.85 -45.93
C GLY F 53 -25.01 -13.03 -46.77
N LYS F 54 -24.99 -12.38 -47.93
CA LYS F 54 -24.10 -12.75 -49.06
C LYS F 54 -22.94 -11.77 -49.13
N HIS F 55 -21.79 -12.27 -49.57
CA HIS F 55 -20.58 -11.48 -49.96
C HIS F 55 -20.11 -10.62 -48.77
N ASN F 56 -20.27 -11.13 -47.55
CA ASN F 56 -19.75 -10.50 -46.31
C ASN F 56 -18.30 -10.95 -46.12
N ARG F 57 -17.50 -10.16 -45.42
CA ARG F 57 -16.13 -10.56 -45.03
C ARG F 57 -15.99 -10.24 -43.54
N ILE F 58 -15.57 -11.25 -42.77
CA ILE F 58 -15.43 -11.13 -41.28
C ILE F 58 -14.00 -11.50 -40.94
N TYR F 59 -13.26 -10.57 -40.35
CA TYR F 59 -11.80 -10.72 -40.09
C TYR F 59 -11.58 -11.38 -38.74
N GLN F 60 -10.32 -11.77 -38.53
CA GLN F 60 -9.77 -12.44 -37.34
C GLN F 60 -10.20 -11.75 -36.03
N PHE F 61 -10.43 -12.57 -35.00
CA PHE F 61 -10.55 -12.17 -33.57
C PHE F 61 -11.90 -11.51 -33.31
N SER F 62 -12.80 -11.50 -34.29
CA SER F 62 -14.19 -11.00 -34.14
C SER F 62 -15.06 -12.03 -33.42
N SER F 63 -15.96 -11.56 -32.55
CA SER F 63 -17.02 -12.33 -31.87
C SER F 63 -18.35 -11.82 -32.35
N VAL F 64 -19.00 -12.62 -33.19
CA VAL F 64 -20.23 -12.19 -33.90
C VAL F 64 -21.36 -13.14 -33.48
N GLY F 65 -22.35 -12.56 -32.83
CA GLY F 65 -23.55 -13.27 -32.36
C GLY F 65 -23.38 -13.74 -30.93
N GLU F 66 -22.45 -13.18 -30.16
CA GLU F 66 -22.33 -13.52 -28.71
C GLU F 66 -23.54 -12.99 -27.92
N ASP F 67 -23.81 -13.59 -26.77
CA ASP F 67 -24.78 -13.09 -25.78
C ASP F 67 -24.25 -11.75 -25.27
N THR F 68 -25.10 -10.72 -25.20
CA THR F 68 -24.76 -9.48 -24.46
C THR F 68 -24.42 -9.86 -23.02
N PRO F 69 -23.45 -9.19 -22.37
CA PRO F 69 -23.15 -9.47 -20.97
C PRO F 69 -24.17 -8.76 -20.07
N ASP F 70 -24.95 -7.83 -20.65
CA ASP F 70 -25.99 -7.02 -19.95
C ASP F 70 -26.82 -7.93 -19.04
N LEU F 71 -26.98 -7.53 -17.77
CA LEU F 71 -27.66 -8.32 -16.71
C LEU F 71 -29.14 -8.54 -17.04
N LYS F 72 -29.74 -7.74 -17.94
CA LYS F 72 -31.06 -7.98 -18.59
C LYS F 72 -31.16 -9.43 -19.14
N TYR F 73 -30.13 -9.90 -19.86
CA TYR F 73 -30.18 -11.11 -20.73
C TYR F 73 -30.08 -12.39 -19.89
N LYS F 74 -31.02 -13.32 -20.07
CA LYS F 74 -31.07 -14.59 -19.28
C LYS F 74 -31.10 -15.82 -20.22
N GLY F 75 -30.39 -15.78 -21.36
CA GLY F 75 -30.07 -16.97 -22.17
C GLY F 75 -31.12 -17.28 -23.24
N GLU F 76 -32.11 -16.40 -23.45
CA GLU F 76 -33.25 -16.60 -24.40
C GLU F 76 -32.72 -16.69 -25.83
N PRO F 77 -33.53 -17.19 -26.80
CA PRO F 77 -33.06 -17.40 -28.18
C PRO F 77 -33.22 -16.15 -29.05
N THR F 78 -32.58 -15.04 -28.65
CA THR F 78 -32.52 -13.76 -29.40
C THR F 78 -31.60 -13.92 -30.61
N ARG F 79 -31.68 -12.98 -31.54
CA ARG F 79 -31.17 -13.10 -32.92
C ARG F 79 -30.16 -11.99 -33.26
N LEU F 80 -29.22 -12.32 -34.13
CA LEU F 80 -28.45 -11.34 -34.93
C LEU F 80 -28.77 -11.56 -36.40
N VAL F 81 -29.17 -10.52 -37.12
CA VAL F 81 -29.31 -10.57 -38.60
C VAL F 81 -28.33 -9.56 -39.21
N ILE F 82 -27.49 -10.05 -40.12
CA ILE F 82 -26.52 -9.28 -40.93
C ILE F 82 -26.93 -9.50 -42.39
N GLY F 83 -26.92 -8.46 -43.24
CA GLY F 83 -27.22 -8.53 -44.67
C GLY F 83 -25.99 -8.85 -45.52
N ASP F 84 -25.87 -8.19 -46.67
CA ASP F 84 -24.90 -8.53 -47.75
C ASP F 84 -23.87 -7.42 -47.88
N HIS F 85 -22.69 -7.77 -48.38
CA HIS F 85 -21.63 -6.85 -48.83
C HIS F 85 -21.11 -6.01 -47.65
N ASN F 86 -21.12 -6.58 -46.45
CA ASN F 86 -20.65 -5.93 -45.21
C ASN F 86 -19.20 -6.35 -44.96
N VAL F 87 -18.41 -5.43 -44.43
CA VAL F 87 -17.02 -5.75 -44.03
C VAL F 87 -16.91 -5.57 -42.51
N ILE F 88 -16.52 -6.64 -41.83
CA ILE F 88 -16.32 -6.64 -40.35
C ILE F 88 -14.86 -6.95 -40.11
N ARG F 89 -14.11 -5.95 -39.65
CA ARG F 89 -12.63 -5.99 -39.47
C ARG F 89 -12.25 -6.65 -38.15
N GLU F 90 -10.96 -6.58 -37.82
CA GLU F 90 -10.28 -7.21 -36.66
C GLU F 90 -11.03 -6.93 -35.34
N GLY F 91 -11.38 -7.99 -34.61
CA GLY F 91 -11.76 -7.95 -33.18
C GLY F 91 -13.09 -7.27 -32.91
N VAL F 92 -13.93 -7.12 -33.93
CA VAL F 92 -15.28 -6.53 -33.77
C VAL F 92 -16.09 -7.47 -32.89
N THR F 93 -16.84 -6.90 -31.95
CA THR F 93 -17.85 -7.62 -31.14
C THR F 93 -19.26 -7.21 -31.58
N ILE F 94 -20.12 -8.19 -31.80
CA ILE F 94 -21.54 -7.96 -32.18
C ILE F 94 -22.41 -8.91 -31.37
N HIS F 95 -23.30 -8.34 -30.57
CA HIS F 95 -24.11 -9.10 -29.59
C HIS F 95 -25.52 -9.21 -30.16
N ARG F 96 -26.17 -10.33 -29.88
CA ARG F 96 -27.58 -10.57 -30.27
C ARG F 96 -28.50 -9.76 -29.36
N GLY F 97 -29.78 -9.72 -29.74
CA GLY F 97 -30.81 -8.91 -29.08
C GLY F 97 -31.15 -9.40 -27.69
N THR F 98 -32.09 -8.70 -27.07
CA THR F 98 -32.66 -9.05 -25.75
C THR F 98 -34.18 -9.10 -25.95
N VAL F 99 -34.84 -9.94 -25.15
CA VAL F 99 -36.31 -10.17 -25.23
C VAL F 99 -37.01 -8.91 -24.72
N GLN F 100 -36.32 -8.16 -23.84
CA GLN F 100 -36.82 -6.89 -23.24
C GLN F 100 -37.09 -5.84 -24.34
N ASP F 101 -36.34 -5.87 -25.45
CA ASP F 101 -36.50 -4.85 -26.52
C ASP F 101 -37.01 -5.57 -27.77
N ARG F 102 -36.13 -5.82 -28.75
CA ARG F 102 -36.47 -6.25 -30.13
C ARG F 102 -36.31 -7.76 -30.30
N ALA F 103 -35.59 -8.43 -29.40
CA ALA F 103 -35.15 -9.83 -29.54
C ALA F 103 -34.20 -9.98 -30.74
N GLU F 104 -33.66 -8.87 -31.29
CA GLU F 104 -32.81 -8.88 -32.52
C GLU F 104 -31.88 -7.67 -32.57
N THR F 105 -30.62 -7.94 -32.89
CA THR F 105 -29.65 -6.94 -33.38
C THR F 105 -29.65 -7.06 -34.90
N THR F 106 -29.76 -5.96 -35.63
CA THR F 106 -29.93 -6.00 -37.11
C THR F 106 -28.86 -5.15 -37.77
N ILE F 107 -28.18 -5.68 -38.79
CA ILE F 107 -27.24 -4.93 -39.68
C ILE F 107 -27.69 -5.16 -41.15
N GLY F 108 -27.92 -4.07 -41.90
CA GLY F 108 -28.28 -4.08 -43.34
C GLY F 108 -27.09 -4.42 -44.23
N ASP F 109 -26.87 -3.64 -45.29
CA ASP F 109 -25.92 -4.01 -46.37
C ASP F 109 -24.85 -2.93 -46.53
N HIS F 110 -23.70 -3.33 -47.07
CA HIS F 110 -22.64 -2.44 -47.62
C HIS F 110 -22.00 -1.63 -46.48
N ASN F 111 -22.04 -2.16 -45.25
CA ASN F 111 -21.55 -1.47 -44.03
C ASN F 111 -20.07 -1.85 -43.86
N LEU F 112 -19.24 -0.89 -43.45
CA LEU F 112 -17.81 -1.11 -43.09
C LEU F 112 -17.72 -0.86 -41.59
N ILE F 113 -17.40 -1.91 -40.83
CA ILE F 113 -17.24 -1.86 -39.36
C ILE F 113 -15.79 -2.21 -39.04
N MET F 114 -15.01 -1.22 -38.60
CA MET F 114 -13.53 -1.31 -38.47
C MET F 114 -13.11 -1.89 -37.11
N ALA F 115 -11.81 -2.01 -36.86
CA ALA F 115 -11.22 -2.84 -35.79
C ALA F 115 -11.77 -2.43 -34.40
N TYR F 116 -12.22 -3.44 -33.65
CA TYR F 116 -12.61 -3.38 -32.22
C TYR F 116 -13.87 -2.52 -32.01
N ALA F 117 -14.59 -2.21 -33.08
CA ALA F 117 -15.92 -1.59 -32.96
C ALA F 117 -16.79 -2.56 -32.16
N HIS F 118 -17.81 -2.04 -31.45
CA HIS F 118 -18.77 -2.79 -30.60
C HIS F 118 -20.19 -2.44 -31.05
N ILE F 119 -20.97 -3.46 -31.41
CA ILE F 119 -22.39 -3.28 -31.77
C ILE F 119 -23.16 -4.00 -30.69
N GLY F 120 -23.71 -3.23 -29.74
CA GLY F 120 -24.40 -3.81 -28.57
C GLY F 120 -25.78 -4.34 -28.92
N HIS F 121 -26.30 -5.24 -28.08
CA HIS F 121 -27.65 -5.84 -28.14
C HIS F 121 -28.70 -4.84 -28.63
N ASP F 122 -29.49 -5.25 -29.61
CA ASP F 122 -30.76 -4.58 -30.01
C ASP F 122 -30.46 -3.34 -30.86
N SER F 123 -29.20 -3.07 -31.19
CA SER F 123 -28.82 -2.01 -32.15
C SER F 123 -29.27 -2.41 -33.55
N VAL F 124 -29.56 -1.39 -34.37
CA VAL F 124 -29.97 -1.52 -35.79
C VAL F 124 -29.08 -0.61 -36.62
N ILE F 125 -28.29 -1.19 -37.51
CA ILE F 125 -27.50 -0.45 -38.52
C ILE F 125 -28.21 -0.66 -39.87
N GLY F 126 -28.49 0.43 -40.59
CA GLY F 126 -28.99 0.37 -41.97
C GLY F 126 -27.92 -0.07 -42.96
N ASN F 127 -27.77 0.70 -44.04
CA ASN F 127 -26.94 0.38 -45.24
C ASN F 127 -25.87 1.46 -45.42
N HIS F 128 -24.67 1.09 -45.87
CA HIS F 128 -23.60 2.00 -46.33
C HIS F 128 -23.05 2.84 -45.17
N CYS F 129 -23.16 2.37 -43.93
CA CYS F 129 -22.62 3.06 -42.72
C CYS F 129 -21.13 2.74 -42.59
N ILE F 130 -20.34 3.65 -42.02
CA ILE F 130 -18.94 3.37 -41.59
C ILE F 130 -18.86 3.65 -40.08
N LEU F 131 -18.52 2.61 -39.32
CA LEU F 131 -18.06 2.70 -37.90
C LEU F 131 -16.54 2.56 -37.92
N VAL F 132 -15.80 3.61 -37.56
CA VAL F 132 -14.31 3.55 -37.57
C VAL F 132 -13.88 2.81 -36.29
N ASN F 133 -12.61 2.45 -36.17
CA ASN F 133 -12.05 1.66 -35.04
C ASN F 133 -12.64 2.11 -33.70
N ASN F 134 -13.10 1.15 -32.88
CA ASN F 134 -13.40 1.30 -31.43
C ASN F 134 -14.61 2.22 -31.21
N THR F 135 -15.41 2.41 -32.25
CA THR F 135 -16.79 2.93 -32.12
C THR F 135 -17.56 1.93 -31.27
N ALA F 136 -18.30 2.42 -30.29
CA ALA F 136 -19.05 1.60 -29.33
C ALA F 136 -20.50 2.07 -29.30
N LEU F 137 -21.41 1.20 -29.76
CA LEU F 137 -22.87 1.40 -29.60
C LEU F 137 -23.30 0.61 -28.38
N ALA F 138 -23.75 1.30 -27.32
CA ALA F 138 -24.00 0.77 -25.97
C ALA F 138 -25.20 -0.19 -25.94
N GLY F 139 -26.13 -0.07 -26.88
CA GLY F 139 -27.33 -0.94 -26.95
C GLY F 139 -28.56 -0.19 -27.38
N HIS F 140 -29.47 -0.85 -28.11
CA HIS F 140 -30.72 -0.24 -28.68
C HIS F 140 -30.39 1.02 -29.51
N VAL F 141 -29.22 1.08 -30.14
CA VAL F 141 -28.80 2.24 -30.98
C VAL F 141 -29.21 2.00 -32.43
N HIS F 142 -29.83 3.00 -33.04
CA HIS F 142 -30.26 3.02 -34.46
C HIS F 142 -29.29 3.91 -35.25
N VAL F 143 -28.55 3.32 -36.20
CA VAL F 143 -27.67 4.07 -37.14
C VAL F 143 -28.28 3.97 -38.54
N ASP F 144 -28.74 5.10 -39.06
CA ASP F 144 -29.44 5.19 -40.35
C ASP F 144 -28.42 5.33 -41.47
N ASP F 145 -28.85 5.13 -42.72
CA ASP F 145 -27.99 4.85 -43.89
C ASP F 145 -26.93 5.93 -44.06
N TRP F 146 -25.70 5.54 -44.40
CA TRP F 146 -24.58 6.42 -44.84
C TRP F 146 -23.96 7.18 -43.65
N ALA F 147 -24.41 6.95 -42.42
CA ALA F 147 -23.80 7.58 -41.22
C ALA F 147 -22.33 7.16 -41.13
N ILE F 148 -21.44 8.12 -40.84
CA ILE F 148 -20.01 7.85 -40.53
C ILE F 148 -19.78 8.18 -39.05
N LEU F 149 -19.30 7.21 -38.27
CA LEU F 149 -18.84 7.45 -36.88
C LEU F 149 -17.32 7.24 -36.85
N SER F 150 -16.56 8.30 -36.56
CA SER F 150 -15.08 8.30 -36.61
C SER F 150 -14.54 7.50 -35.43
N GLY F 151 -13.22 7.27 -35.39
CA GLY F 151 -12.59 6.41 -34.38
C GLY F 151 -13.03 6.78 -32.99
N TYR F 152 -13.42 5.79 -32.18
CA TYR F 152 -13.59 5.93 -30.71
C TYR F 152 -14.79 6.83 -30.42
N THR F 153 -15.75 6.87 -31.36
CA THR F 153 -17.09 7.45 -31.14
C THR F 153 -17.84 6.54 -30.17
N LEU F 154 -18.36 7.10 -29.07
CA LEU F 154 -19.18 6.39 -28.06
C LEU F 154 -20.64 6.80 -28.23
N VAL F 155 -21.55 5.84 -28.28
CA VAL F 155 -22.99 6.18 -28.39
C VAL F 155 -23.75 5.57 -27.21
N HIS F 156 -24.39 6.44 -26.41
CA HIS F 156 -25.23 6.07 -25.24
C HIS F 156 -26.41 5.26 -25.79
N GLN F 157 -26.95 4.36 -24.98
CA GLN F 157 -28.03 3.46 -25.44
C GLN F 157 -29.30 4.28 -25.76
N TYR F 158 -30.10 3.78 -26.71
CA TYR F 158 -31.36 4.35 -27.24
C TYR F 158 -31.13 5.55 -28.17
N CYS F 159 -29.88 5.97 -28.37
CA CYS F 159 -29.54 7.10 -29.27
C CYS F 159 -29.75 6.68 -30.73
N ARG F 160 -30.27 7.62 -31.52
CA ARG F 160 -30.49 7.49 -32.98
C ARG F 160 -29.45 8.36 -33.71
N ILE F 161 -28.66 7.77 -34.61
CA ILE F 161 -27.66 8.46 -35.48
C ILE F 161 -28.29 8.62 -36.88
N GLY F 162 -28.50 9.87 -37.31
CA GLY F 162 -29.26 10.19 -38.52
C GLY F 162 -28.53 9.80 -39.80
N ALA F 163 -29.30 9.57 -40.86
CA ALA F 163 -28.77 9.26 -42.21
C ALA F 163 -27.78 10.36 -42.63
N HIS F 164 -26.64 9.99 -43.23
CA HIS F 164 -25.60 10.91 -43.74
C HIS F 164 -24.98 11.80 -42.64
N SER F 165 -25.17 11.47 -41.37
CA SER F 165 -24.54 12.21 -40.24
C SER F 165 -23.06 11.82 -40.15
N PHE F 166 -22.31 12.60 -39.37
CA PHE F 166 -20.86 12.43 -39.18
C PHE F 166 -20.52 12.77 -37.72
N SER F 167 -19.70 11.92 -37.09
CA SER F 167 -19.10 12.15 -35.76
C SER F 167 -17.58 12.20 -35.91
N GLY F 168 -16.94 13.22 -35.37
CA GLY F 168 -15.47 13.31 -35.28
C GLY F 168 -14.92 12.27 -34.32
N MET F 169 -13.65 11.94 -34.52
CA MET F 169 -12.88 11.02 -33.64
C MET F 169 -13.11 11.42 -32.17
N GLY F 170 -13.50 10.47 -31.32
CA GLY F 170 -13.58 10.68 -29.87
C GLY F 170 -14.91 11.27 -29.44
N SER F 171 -15.93 11.32 -30.32
CA SER F 171 -17.25 11.90 -29.99
C SER F 171 -17.91 11.02 -28.93
N ALA F 172 -18.49 11.63 -27.89
CA ALA F 172 -19.32 10.96 -26.87
C ALA F 172 -20.76 11.43 -27.04
N ILE F 173 -21.56 10.62 -27.71
CA ILE F 173 -22.94 11.00 -28.13
C ILE F 173 -23.93 10.47 -27.09
N GLY F 174 -24.62 11.36 -26.38
CA GLY F 174 -25.65 11.01 -25.38
C GLY F 174 -27.04 11.47 -25.81
N LYS F 175 -27.15 12.24 -26.90
CA LYS F 175 -28.46 12.62 -27.47
C LYS F 175 -28.45 12.31 -28.97
N ASP F 176 -29.63 12.28 -29.58
CA ASP F 176 -29.77 11.93 -31.01
C ASP F 176 -28.93 12.89 -31.85
N VAL F 177 -28.32 12.36 -32.91
CA VAL F 177 -27.71 13.15 -34.01
C VAL F 177 -28.71 13.17 -35.16
N PRO F 178 -29.28 14.35 -35.46
CA PRO F 178 -30.15 14.48 -36.63
C PRO F 178 -29.41 14.04 -37.89
N ALA F 179 -30.18 13.63 -38.89
CA ALA F 179 -29.70 13.33 -40.25
C ALA F 179 -28.88 14.53 -40.73
N TYR F 180 -27.75 14.25 -41.38
CA TYR F 180 -26.92 15.25 -42.12
C TYR F 180 -26.04 16.07 -41.17
N VAL F 181 -26.19 15.95 -39.85
CA VAL F 181 -25.50 16.82 -38.84
C VAL F 181 -24.12 16.23 -38.57
N THR F 182 -23.15 17.13 -38.42
CA THR F 182 -21.77 16.82 -38.00
C THR F 182 -21.63 17.16 -36.52
N VAL F 183 -21.14 16.20 -35.72
CA VAL F 183 -20.94 16.37 -34.26
C VAL F 183 -19.49 16.07 -33.95
N PHE F 184 -19.01 16.67 -32.87
CA PHE F 184 -17.62 16.56 -32.35
C PHE F 184 -17.61 16.70 -30.82
N GLY F 185 -16.73 15.97 -30.16
CA GLY F 185 -16.35 16.27 -28.77
C GLY F 185 -17.01 15.36 -27.76
N ASN F 186 -16.61 15.54 -26.49
CA ASN F 186 -17.16 14.84 -25.31
C ASN F 186 -17.55 15.89 -24.27
N PRO F 187 -18.85 16.23 -24.10
CA PRO F 187 -19.96 15.62 -24.86
C PRO F 187 -20.01 16.11 -26.32
N ALA F 188 -20.66 15.36 -27.22
CA ALA F 188 -20.73 15.69 -28.67
C ALA F 188 -21.49 16.99 -28.86
N GLU F 189 -21.03 17.82 -29.79
CA GLU F 189 -21.67 19.12 -30.13
C GLU F 189 -22.03 19.14 -31.63
N ALA F 190 -23.19 19.70 -31.97
CA ALA F 190 -23.57 20.02 -33.37
C ALA F 190 -22.67 21.14 -33.90
N ARG F 191 -21.89 20.90 -34.95
CA ARG F 191 -20.98 21.93 -35.52
C ARG F 191 -21.61 22.48 -36.79
N SER F 192 -21.94 21.62 -37.72
CA SER F 192 -22.77 22.02 -38.88
C SER F 192 -23.40 20.79 -39.50
N MET F 193 -23.45 20.78 -40.82
CA MET F 193 -23.95 19.66 -41.62
C MET F 193 -22.80 19.08 -42.44
N ASN F 194 -22.99 17.82 -42.82
CA ASN F 194 -21.97 17.00 -43.53
C ASN F 194 -22.06 17.38 -45.00
N PHE F 195 -21.62 18.59 -45.35
CA PHE F 195 -21.68 19.11 -46.75
C PHE F 195 -20.79 18.24 -47.65
N GLU F 196 -19.58 17.93 -47.21
CA GLU F 196 -18.66 16.98 -47.88
C GLU F 196 -19.40 15.65 -48.16
N GLY F 197 -20.10 15.11 -47.16
CA GLY F 197 -21.01 13.95 -47.33
C GLY F 197 -21.96 14.15 -48.51
N MET F 198 -22.65 15.29 -48.56
CA MET F 198 -23.73 15.61 -49.53
C MET F 198 -23.16 15.71 -50.95
N ARG F 199 -21.94 16.28 -51.07
CA ARG F 199 -21.15 16.39 -52.33
C ARG F 199 -20.78 14.99 -52.85
N ARG F 200 -20.19 14.17 -51.98
CA ARG F 200 -19.68 12.81 -52.30
C ARG F 200 -20.83 11.95 -52.84
N ARG F 201 -22.04 12.05 -52.28
N ARG F 201 -22.01 12.09 -52.25
CA ARG F 201 -23.19 11.22 -52.69
CA ARG F 201 -23.26 11.33 -52.55
C ARG F 201 -24.05 11.97 -53.71
C ARG F 201 -23.98 11.92 -53.77
N GLY F 202 -23.55 13.09 -54.26
CA GLY F 202 -24.17 13.77 -55.41
C GLY F 202 -25.53 14.42 -55.12
N PHE F 203 -25.72 15.03 -53.94
CA PHE F 203 -26.95 15.78 -53.62
C PHE F 203 -27.10 16.98 -54.57
N SER F 204 -28.32 17.37 -54.89
CA SER F 204 -28.59 18.58 -55.69
C SER F 204 -28.24 19.84 -54.87
N SER F 205 -27.74 20.86 -55.55
CA SER F 205 -27.55 22.23 -55.02
C SER F 205 -28.79 22.65 -54.26
N GLU F 206 -29.97 22.35 -54.80
CA GLU F 206 -31.27 22.78 -54.24
C GLU F 206 -31.49 22.08 -52.89
N ALA F 207 -31.15 20.80 -52.79
CA ALA F 207 -31.40 20.01 -51.56
C ALA F 207 -30.41 20.50 -50.49
N ILE F 208 -29.18 20.81 -50.88
CA ILE F 208 -28.13 21.29 -49.94
C ILE F 208 -28.61 22.62 -49.33
N HIS F 209 -29.09 23.55 -50.16
CA HIS F 209 -29.57 24.90 -49.71
C HIS F 209 -30.79 24.76 -48.79
N ALA F 210 -31.71 23.87 -49.11
CA ALA F 210 -32.91 23.65 -48.27
C ALA F 210 -32.48 23.10 -46.90
N LEU F 211 -31.52 22.17 -46.86
CA LEU F 211 -30.97 21.60 -45.60
C LEU F 211 -30.16 22.64 -44.80
N ARG F 212 -29.40 23.52 -45.48
CA ARG F 212 -28.73 24.71 -44.88
C ARG F 212 -29.77 25.53 -44.12
N ARG F 213 -30.88 25.89 -44.79
CA ARG F 213 -32.02 26.67 -44.23
C ARG F 213 -32.63 25.91 -43.04
N ALA F 214 -32.77 24.58 -43.13
CA ALA F 214 -33.42 23.73 -42.11
C ALA F 214 -32.55 23.70 -40.85
N TYR F 215 -31.24 23.51 -40.98
CA TYR F 215 -30.29 23.58 -39.84
C TYR F 215 -30.55 24.88 -39.05
N LYS F 216 -30.65 26.01 -39.74
CA LYS F 216 -30.84 27.37 -39.14
C LYS F 216 -32.17 27.40 -38.37
N VAL F 217 -33.22 26.81 -38.95
CA VAL F 217 -34.57 26.80 -38.32
C VAL F 217 -34.47 26.10 -36.97
N VAL F 218 -33.78 24.95 -36.91
CA VAL F 218 -33.72 24.11 -35.68
C VAL F 218 -32.72 24.71 -34.68
N TYR F 219 -31.54 25.13 -35.14
CA TYR F 219 -30.38 25.40 -34.25
C TYR F 219 -30.21 26.89 -33.98
N ARG F 220 -30.58 27.81 -34.89
CA ARG F 220 -29.99 29.17 -34.93
C ARG F 220 -31.05 30.27 -34.74
N GLN F 221 -32.32 29.95 -34.50
CA GLN F 221 -33.41 30.97 -34.49
C GLN F 221 -34.16 30.97 -33.14
N GLY F 222 -33.58 30.42 -32.08
CA GLY F 222 -34.17 30.44 -30.73
C GLY F 222 -35.53 29.74 -30.69
N HIS F 223 -35.81 28.85 -31.64
CA HIS F 223 -37.08 28.08 -31.67
C HIS F 223 -36.99 26.92 -30.68
N THR F 224 -38.10 26.63 -29.99
CA THR F 224 -38.37 25.31 -29.38
C THR F 224 -38.43 24.28 -30.50
N VAL F 225 -38.29 22.99 -30.19
CA VAL F 225 -38.28 21.89 -31.20
C VAL F 225 -39.66 21.90 -31.89
N GLU F 226 -40.73 22.09 -31.11
CA GLU F 226 -42.12 22.09 -31.61
C GLU F 226 -42.28 23.25 -32.60
N GLU F 227 -41.82 24.45 -32.23
CA GLU F 227 -41.84 25.61 -33.14
C GLU F 227 -41.08 25.23 -34.41
N ALA F 228 -39.87 24.69 -34.25
CA ALA F 228 -38.95 24.30 -35.36
C ALA F 228 -39.65 23.30 -36.31
N LEU F 229 -40.18 22.18 -35.75
CA LEU F 229 -40.91 21.12 -36.50
C LEU F 229 -42.03 21.74 -37.33
N ALA F 230 -42.79 22.68 -36.74
CA ALA F 230 -43.92 23.39 -37.38
C ALA F 230 -43.39 24.27 -38.54
N GLU F 231 -42.23 24.92 -38.35
CA GLU F 231 -41.62 25.81 -39.38
C GLU F 231 -41.08 24.99 -40.57
N LEU F 232 -40.65 23.74 -40.34
CA LEU F 232 -39.99 22.85 -41.35
C LEU F 232 -41.03 22.16 -42.23
N ALA F 233 -42.29 22.10 -41.78
CA ALA F 233 -43.36 21.25 -42.36
C ALA F 233 -43.43 21.49 -43.87
N GLU F 234 -43.51 22.76 -44.27
CA GLU F 234 -43.57 23.19 -45.68
C GLU F 234 -42.37 22.59 -46.43
N SER F 235 -41.14 22.94 -46.02
CA SER F 235 -39.92 22.54 -46.75
C SER F 235 -39.82 21.01 -46.75
N ALA F 236 -40.22 20.34 -45.65
CA ALA F 236 -40.21 18.86 -45.52
C ALA F 236 -41.14 18.24 -46.58
N ALA F 237 -42.29 18.86 -46.83
CA ALA F 237 -43.25 18.45 -47.89
C ALA F 237 -42.63 18.59 -49.28
N GLN F 238 -41.64 19.48 -49.48
CA GLN F 238 -41.08 19.81 -50.81
C GLN F 238 -39.82 18.96 -51.10
N PHE F 239 -38.98 18.69 -50.10
CA PHE F 239 -37.65 18.03 -50.29
C PHE F 239 -37.58 16.78 -49.44
N PRO F 240 -37.36 15.57 -50.01
CA PRO F 240 -37.22 14.37 -49.20
C PRO F 240 -36.13 14.54 -48.13
N GLU F 241 -35.03 15.21 -48.46
CA GLU F 241 -33.89 15.38 -47.51
C GLU F 241 -34.39 16.17 -46.30
N VAL F 242 -35.27 17.14 -46.50
CA VAL F 242 -35.77 17.96 -45.36
C VAL F 242 -36.76 17.11 -44.56
N ALA F 243 -37.52 16.24 -45.24
CA ALA F 243 -38.40 15.26 -44.56
C ALA F 243 -37.53 14.34 -43.69
N VAL F 244 -36.43 13.79 -44.23
CA VAL F 244 -35.49 12.93 -43.44
C VAL F 244 -34.95 13.73 -42.22
N PHE F 245 -34.46 14.94 -42.45
CA PHE F 245 -33.98 15.84 -41.37
C PHE F 245 -35.12 16.06 -40.36
N ARG F 246 -36.28 16.51 -40.83
CA ARG F 246 -37.45 16.84 -39.96
C ARG F 246 -37.83 15.61 -39.12
N ASP F 247 -37.91 14.43 -39.74
CA ASP F 247 -38.25 13.14 -39.06
C ASP F 247 -37.23 12.82 -37.96
N SER F 248 -35.94 13.10 -38.21
CA SER F 248 -34.85 12.78 -37.26
C SER F 248 -35.01 13.67 -36.01
N ILE F 249 -35.48 14.90 -36.21
CA ILE F 249 -35.75 15.84 -35.09
C ILE F 249 -37.01 15.41 -34.36
N GLN F 250 -38.09 15.12 -35.09
CA GLN F 250 -39.38 14.64 -34.54
C GLN F 250 -39.15 13.42 -33.64
N SER F 251 -38.28 12.50 -34.04
CA SER F 251 -38.10 11.17 -33.39
C SER F 251 -37.03 11.23 -32.28
N ALA F 252 -36.57 12.43 -31.91
CA ALA F 252 -35.59 12.67 -30.83
C ALA F 252 -36.36 13.01 -29.56
N THR F 253 -37.02 12.01 -28.98
CA THR F 253 -37.81 12.08 -27.72
C THR F 253 -36.93 12.61 -26.59
N ARG F 254 -35.73 12.01 -26.46
CA ARG F 254 -34.60 12.37 -25.55
C ARG F 254 -34.23 13.85 -25.70
N GLY F 255 -34.33 14.41 -26.91
CA GLY F 255 -33.79 15.72 -27.30
C GLY F 255 -32.63 15.52 -28.27
N ILE F 256 -32.23 16.58 -29.00
CA ILE F 256 -31.17 16.53 -30.05
C ILE F 256 -29.84 17.05 -29.50
N THR F 257 -28.74 16.58 -30.09
CA THR F 257 -27.37 17.10 -29.89
C THR F 257 -27.36 18.57 -30.36
N ARG F 258 -26.97 19.49 -29.49
CA ARG F 258 -26.94 20.94 -29.84
C ARG F 258 -25.48 21.42 -29.79
#